data_8W2Q
#
_entry.id   8W2Q
#
_cell.length_a   1.00
_cell.length_b   1.00
_cell.length_c   1.00
_cell.angle_alpha   90.00
_cell.angle_beta   90.00
_cell.angle_gamma   90.00
#
_symmetry.space_group_name_H-M   'P 1'
#
loop_
_entity.id
_entity.type
_entity.pdbx_description
1 polymer RM.BsaXI
2 polymer S.BsaXI
3 polymer 'DNA (41-MER)'
4 polymer 'DNA (41-MER)'
5 non-polymer S-ADENOSYL-L-HOMOCYSTEINE
6 non-polymer S-ADENOSYLMETHIONINE
#
loop_
_entity_poly.entity_id
_entity_poly.type
_entity_poly.pdbx_seq_one_letter_code
_entity_poly.pdbx_strand_id
1 'polypeptide(L)'
;MKNWQRIVEAKLEQQKHKVAEISLENGTVNYSKKIKHNRNLKALTGDEEIVRAFLIDRLVNELDYKPEYLETEKEYTIKG
GHSKINPRVDVLVKDDKGNPFFFIEVKAPNKFEEDKDEIEGQLFALAQAEERDFKTKVKYLVYYTVELIDDEIVDRAIII
DFEKYPTYTDWSNGGFISTGTELTAGYGEPKKQPLIKGHEKYDLRVRIDREEIEGLGRNLHNVLWGGGGTNDSEIFYSLV
NIILAKIQDEYEKEDGQEYDFQVYQYGDNVESPQKLFDRINALYKRALREQLNVTDEQKIAEDNVINRNKFPLNKLVYTV
QALESLSFLEGRNSLDGKDILGDFFESIIRDGFKQTKGQFFTPTPIVKFILYALQLDKLAIDRLNNDRELPLIIDPSAGS
GTFLIEAMKLITKEVKYKQNHKVKSSRQITKRFEELFMPDHNENKWAREYLYGCEINFDLGTASKVNMILHGDGSANIFV
QDGLLPFRFYVKETSPNYLETASPDALYGDKEVNGKFDVVVSNPPFSVDLDTQTQREVRNAFLFGDKKNSENLFIERYYQ
LLKEGGRLGVVLPESVFDTTENKYIRLFIFKYFKVKAVVSLPQVTFEPFTSTKTSLLFAQKKTKEEVEQWNELWDKYGKE
WSLLKTRINDYFSYFVKGRPLNKKWAPDVVKDIQEGNEDNIRKNIFRFLKDHIKEEDKNLEIKDLLIKYAEEISSISKHE
KETDVFGFYNAWWVFGEVAKELDYPIFMAEAENVGYKRTKKGEKPMPNDLYDLEYAPSTLDCEKVLSSFDIEINALEASK
TKLSVEKGLLEEKLKDKEDKENEKIQKRLNKISELLETIENQLDSIRSKKLEVEGILEKYYENNKLKEEYSERDDEELIN
HFKHGVLYQYRSEDILLRNKTVHKILDEIRQGVIWD
;
A,B
2 'polypeptide(L)'
;MGLIQRRNFSTFASEPSVRFDFNYMKSVTPTTEEYYTYKSLFEVVPSTVPTLDESEPFKYAEIGHVSKNGEVFPVTLSFE
DRDELNEDLFKKIEKGDIFLPERGNILISAIRPYLNKIVLIKEDDKTDIYFTKAFIQIKPLINSRILYYALRTIFSEKIN
AVSRQGKGYPTLKEDDLKTIQFSKKVIDNLLAKEEELISNIDALEKDIKELKSIQRSKKEIVDEVFSSHFNINMVELMAL
DSQRRVDVGLSSISSLNSTIRYSYRWNKMKLIQKYLYRDIDCIEPLGKYILSSNNGWSPESVVGGEGIPILGQEHLEFDG
VLNVSPTKATTKTKNNMENFFIQEGDLFISRGNTVDLVGLACVVETEVTEDIIYPDLYIRLKIDEKVIHKKYLALLFNSF
FGRLYFKYVSKGKNQTMVKISSNELLNYYLPIPPMEEQLEIVGKIEEQIGAQNEIEKQIEEKRNQIRVIIEETARS
;
C
3 'polydeoxyribonucleotide'
;(DA)(DA)(DT)(DA)(DA)(DG)(DC)(DT)(DG)(DA)(DA)(DT)(DA)(DT)(DT)(DG)(DT)(DC)(DG)(DG)
(DA)(6MA)(DC)(DC)(DA)(DA)(DG)(DT)(DC)(DT)(DC)(DC)(DA)(DT)(DA)(DT)(DG)(DG)(DA)
(DA)(DT)(DT)(DA)(DA)(DT)(DA)(DA)(DG)(DC)(DT)(DA)(DG)
;
D
4 'polydeoxyribonucleotide'
;(DC)(DT)(DA)(DG)(DC)(DT)(DT)(DA)(DT)(DT)(DA)(DA)(DT)(DT)(DC)(DC)(DA)(DT)(DA)(DT)
(DG)(DG)(DA)(DG)(DA)(DC)(DT)(DT)(DG)(DG)(DT)(DT)(DC)(DC)(DG)(DA)(DC)(DA)(DA)(DT)
(DA)(DT)(DT)(DC)(DA)(DG)(DC)(DT)(DT)(DA)(DT)(DT)
;
E
#
# COMPACT_ATOMS: atom_id res chain seq x y z
N MET A 1 -37.30 14.91 25.46
CA MET A 1 -37.66 14.34 26.75
C MET A 1 -37.01 12.96 26.91
N LYS A 2 -35.92 12.92 27.66
CA LYS A 2 -35.15 11.69 27.80
C LYS A 2 -35.88 10.69 28.69
N ASN A 3 -35.39 9.46 28.70
CA ASN A 3 -36.01 8.39 29.47
C ASN A 3 -35.90 8.65 30.96
N TRP A 4 -34.69 8.96 31.43
CA TRP A 4 -34.49 9.22 32.86
C TRP A 4 -35.20 10.49 33.31
N GLN A 5 -35.39 11.44 32.39
CA GLN A 5 -35.90 12.76 32.76
C GLN A 5 -37.29 12.66 33.39
N ARG A 6 -38.16 11.83 32.83
CA ARG A 6 -39.53 11.75 33.34
C ARG A 6 -39.57 11.23 34.76
N ILE A 7 -38.83 10.15 35.05
CA ILE A 7 -38.85 9.57 36.38
C ILE A 7 -38.18 10.51 37.39
N VAL A 8 -37.05 11.12 37.00
CA VAL A 8 -36.36 11.99 37.94
C VAL A 8 -37.19 13.24 38.22
N GLU A 9 -37.86 13.79 37.20
CA GLU A 9 -38.77 14.90 37.46
C GLU A 9 -39.93 14.48 38.35
N ALA A 10 -40.49 13.29 38.11
CA ALA A 10 -41.58 12.81 38.94
C ALA A 10 -41.18 12.72 40.40
N LYS A 11 -39.96 12.27 40.66
CA LYS A 11 -39.48 12.27 42.04
C LYS A 11 -39.08 13.67 42.52
N LEU A 12 -38.81 14.61 41.61
CA LEU A 12 -38.60 15.99 42.02
C LEU A 12 -39.88 16.63 42.54
N GLU A 13 -41.01 16.33 41.92
CA GLU A 13 -42.29 16.76 42.48
C GLU A 13 -42.90 15.71 43.42
N GLN A 14 -42.16 14.66 43.75
CA GLN A 14 -42.57 13.71 44.78
C GLN A 14 -41.38 13.38 45.68
N GLN A 15 -40.67 14.42 46.13
CA GLN A 15 -39.51 14.24 46.98
C GLN A 15 -39.93 13.72 48.35
N LYS A 16 -39.19 12.72 48.85
CA LYS A 16 -39.40 12.23 50.21
C LYS A 16 -38.76 13.12 51.26
N HIS A 17 -37.95 14.10 50.84
CA HIS A 17 -37.30 15.03 51.75
C HIS A 17 -37.94 16.41 51.72
N LYS A 18 -38.70 16.74 50.68
CA LYS A 18 -39.34 18.04 50.52
C LYS A 18 -38.30 19.16 50.43
N VAL A 19 -37.46 19.07 49.41
CA VAL A 19 -36.44 20.07 49.14
C VAL A 19 -36.53 20.65 47.73
N ALA A 20 -37.18 19.95 46.80
CA ALA A 20 -37.27 20.41 45.42
C ALA A 20 -38.69 20.77 44.98
N GLU A 21 -39.67 20.73 45.89
CA GLU A 21 -41.03 21.11 45.52
C GLU A 21 -41.11 22.58 45.13
N ILE A 22 -40.42 23.44 45.86
CA ILE A 22 -40.36 24.86 45.54
C ILE A 22 -39.44 25.04 44.34
N SER A 23 -40.00 25.54 43.24
CA SER A 23 -39.26 25.65 41.99
C SER A 23 -38.53 26.98 41.90
N LEU A 24 -37.43 26.98 41.14
CA LEU A 24 -36.65 28.18 40.81
C LEU A 24 -35.94 28.78 42.02
N GLU A 25 -36.07 28.17 43.19
CA GLU A 25 -35.40 28.64 44.39
C GLU A 25 -35.49 27.59 45.47
N ASN A 26 -34.48 27.57 46.34
CA ASN A 26 -34.48 26.66 47.49
C ASN A 26 -33.93 27.32 48.75
N GLY A 27 -33.79 28.64 48.78
CA GLY A 27 -33.19 29.31 49.92
C GLY A 27 -34.01 29.24 51.20
N THR A 28 -35.28 28.85 51.11
CA THR A 28 -36.17 28.79 52.27
C THR A 28 -36.39 27.36 52.75
N VAL A 29 -35.55 26.42 52.33
CA VAL A 29 -35.66 25.02 52.74
C VAL A 29 -34.27 24.55 53.18
N ASN A 30 -34.25 23.50 53.99
CA ASN A 30 -33.01 23.00 54.57
C ASN A 30 -32.14 22.34 53.50
N TYR A 31 -30.85 22.21 53.82
CA TYR A 31 -29.86 21.56 52.94
C TYR A 31 -29.76 22.26 51.59
N SER A 32 -29.78 23.60 51.61
CA SER A 32 -29.64 24.37 50.38
C SER A 32 -28.58 25.46 50.54
N LYS A 33 -27.43 25.09 51.10
CA LYS A 33 -26.33 26.02 51.34
C LYS A 33 -25.26 25.72 50.28
N LYS A 34 -25.23 26.54 49.22
CA LYS A 34 -24.28 26.34 48.13
C LYS A 34 -23.62 27.66 47.74
N ILE A 35 -23.49 28.58 48.70
CA ILE A 35 -22.93 29.91 48.49
C ILE A 35 -23.54 30.55 47.26
N LYS A 36 -24.88 30.58 47.21
CA LYS A 36 -25.68 31.17 46.13
C LYS A 36 -25.06 30.96 44.75
N HIS A 37 -24.55 32.02 44.13
CA HIS A 37 -23.85 31.93 42.85
C HIS A 37 -22.91 33.13 42.76
N ASN A 38 -21.98 33.05 41.80
CA ASN A 38 -20.96 34.08 41.64
C ASN A 38 -21.02 34.80 40.31
N ARG A 39 -21.49 34.14 39.24
CA ARG A 39 -21.51 34.73 37.92
C ARG A 39 -22.89 35.29 37.56
N ASN A 40 -23.92 34.43 37.55
CA ASN A 40 -25.25 34.85 37.14
C ASN A 40 -26.28 33.87 37.65
N LEU A 41 -27.34 34.40 38.27
CA LEU A 41 -28.58 33.66 38.54
C LEU A 41 -28.43 32.65 39.67
N LYS A 42 -29.45 32.59 40.55
CA LYS A 42 -29.59 31.54 41.55
C LYS A 42 -31.00 30.99 41.41
N ALA A 43 -31.17 30.04 40.50
CA ALA A 43 -32.47 29.54 40.10
C ALA A 43 -32.26 28.16 39.47
N LEU A 44 -33.25 27.70 38.71
CA LEU A 44 -33.13 26.43 38.00
C LEU A 44 -31.90 26.44 37.11
N THR A 45 -31.07 25.38 37.23
CA THR A 45 -29.82 25.31 36.49
C THR A 45 -29.66 23.97 35.76
N GLY A 46 -30.72 23.52 35.09
CA GLY A 46 -30.59 22.35 34.25
C GLY A 46 -30.54 21.03 35.00
N ASP A 47 -29.97 20.04 34.31
CA ASP A 47 -29.98 18.65 34.79
C ASP A 47 -29.21 18.46 36.10
N GLU A 48 -28.27 19.37 36.38
CA GLU A 48 -27.42 19.27 37.56
C GLU A 48 -28.24 19.11 38.84
N GLU A 49 -29.05 20.11 39.16
CA GLU A 49 -29.89 20.06 40.35
C GLU A 49 -30.94 18.97 40.28
N ILE A 50 -31.38 18.63 39.06
CA ILE A 50 -32.43 17.65 38.82
C ILE A 50 -32.06 16.31 39.46
N VAL A 51 -30.79 15.93 39.36
CA VAL A 51 -30.34 14.69 39.97
C VAL A 51 -29.65 14.94 41.31
N ARG A 52 -29.10 16.15 41.52
CA ARG A 52 -28.40 16.41 42.78
C ARG A 52 -29.40 16.48 43.95
N ALA A 53 -30.64 16.92 43.68
CA ALA A 53 -31.65 16.94 44.72
C ALA A 53 -32.00 15.53 45.19
N PHE A 54 -32.15 14.61 44.23
CA PHE A 54 -32.40 13.21 44.59
C PHE A 54 -31.19 12.61 45.29
N LEU A 55 -29.99 13.03 44.90
CA LEU A 55 -28.79 12.57 45.60
C LEU A 55 -28.81 13.03 47.05
N ILE A 56 -29.18 14.29 47.29
CA ILE A 56 -29.28 14.84 48.64
C ILE A 56 -30.32 14.05 49.43
N ASP A 57 -31.44 13.75 48.79
CA ASP A 57 -32.49 12.95 49.43
C ASP A 57 -31.96 11.59 49.86
N ARG A 58 -31.27 10.90 48.96
CA ARG A 58 -30.68 9.60 49.29
C ARG A 58 -29.67 9.73 50.42
N LEU A 59 -28.90 10.82 50.41
CA LEU A 59 -27.97 11.10 51.49
C LEU A 59 -28.70 11.19 52.83
N VAL A 60 -29.86 11.84 52.84
CA VAL A 60 -30.59 12.06 54.08
C VAL A 60 -31.54 10.91 54.39
N ASN A 61 -32.16 10.31 53.37
CA ASN A 61 -33.21 9.33 53.60
C ASN A 61 -32.66 7.98 54.07
N GLU A 62 -31.85 7.34 53.22
CA GLU A 62 -31.39 5.99 53.54
C GLU A 62 -29.96 5.98 54.06
N LEU A 63 -29.13 6.92 53.57
CA LEU A 63 -27.75 6.97 54.02
C LEU A 63 -27.62 7.58 55.41
N ASP A 64 -28.50 8.52 55.76
CA ASP A 64 -28.60 9.07 57.11
C ASP A 64 -27.30 9.71 57.58
N TYR A 65 -26.48 8.94 58.30
CA TYR A 65 -25.21 9.39 58.88
C TYR A 65 -25.34 10.75 59.56
N LYS A 66 -26.44 10.90 60.32
CA LYS A 66 -26.89 12.06 61.09
C LYS A 66 -27.25 13.21 60.14
N PRO A 67 -28.20 14.08 60.51
CA PRO A 67 -28.72 15.05 59.55
C PRO A 67 -27.88 16.31 59.40
N GLU A 68 -27.22 16.73 60.49
CA GLU A 68 -26.49 17.98 60.58
C GLU A 68 -27.24 19.08 59.83
N TYR A 69 -26.55 19.84 58.96
CA TYR A 69 -27.22 20.87 58.18
C TYR A 69 -26.69 20.97 56.75
N LEU A 70 -25.73 20.11 56.38
CA LEU A 70 -25.09 20.13 55.06
C LEU A 70 -24.42 21.49 54.81
N GLU A 71 -23.43 21.77 55.65
CA GLU A 71 -22.63 22.98 55.54
C GLU A 71 -21.44 22.71 54.62
N THR A 72 -21.43 23.35 53.45
CA THR A 72 -20.41 23.10 52.45
C THR A 72 -19.42 24.24 52.35
N GLU A 73 -18.43 24.12 51.45
CA GLU A 73 -17.42 25.15 51.27
C GLU A 73 -17.82 26.14 50.17
N LYS A 74 -16.87 26.96 49.74
CA LYS A 74 -17.13 28.02 48.76
C LYS A 74 -16.64 27.52 47.40
N GLU A 75 -16.71 28.37 46.39
CA GLU A 75 -16.45 28.02 45.01
C GLU A 75 -15.01 28.40 44.64
N TYR A 76 -14.30 27.47 44.01
CA TYR A 76 -12.96 27.76 43.50
C TYR A 76 -13.04 28.30 42.08
N THR A 77 -11.91 28.35 41.38
CA THR A 77 -11.83 28.99 40.06
C THR A 77 -11.42 27.97 39.01
N ILE A 78 -12.11 28.00 37.86
CA ILE A 78 -11.74 27.20 36.70
C ILE A 78 -11.81 28.10 35.47
N LYS A 79 -10.83 27.95 34.58
CA LYS A 79 -10.71 28.78 33.38
C LYS A 79 -11.38 28.11 32.18
N GLY A 80 -12.40 27.30 32.43
CA GLY A 80 -13.09 26.58 31.37
C GLY A 80 -13.89 27.46 30.43
N GLY A 81 -13.66 27.29 29.13
CA GLY A 81 -14.46 28.00 28.14
C GLY A 81 -14.24 29.50 28.17
N HIS A 82 -15.25 30.24 27.73
CA HIS A 82 -15.19 31.70 27.72
C HIS A 82 -15.38 32.23 29.13
N SER A 83 -14.45 33.08 29.58
CA SER A 83 -14.45 33.68 30.91
C SER A 83 -14.21 32.63 31.99
N LYS A 84 -13.62 33.04 33.11
CA LYS A 84 -13.35 32.10 34.19
C LYS A 84 -14.65 31.62 34.82
N ILE A 85 -14.69 30.32 35.12
CA ILE A 85 -15.85 29.68 35.73
C ILE A 85 -15.57 29.46 37.20
N ASN A 86 -16.55 29.78 38.04
CA ASN A 86 -16.45 29.59 39.49
C ASN A 86 -17.43 28.49 39.90
N PRO A 87 -17.03 27.23 39.84
CA PRO A 87 -17.95 26.15 40.23
C PRO A 87 -17.82 25.76 41.69
N ARG A 88 -18.89 25.16 42.21
CA ARG A 88 -18.94 24.65 43.58
C ARG A 88 -18.70 23.15 43.62
N VAL A 89 -17.80 22.65 42.75
CA VAL A 89 -17.56 21.24 42.49
C VAL A 89 -18.88 20.48 42.55
N ASP A 90 -19.80 20.85 41.66
CA ASP A 90 -21.15 20.29 41.60
C ASP A 90 -21.82 20.33 42.98
N VAL A 91 -22.32 19.19 43.43
CA VAL A 91 -22.93 19.10 44.75
C VAL A 91 -21.88 18.64 45.75
N LEU A 92 -22.10 18.97 47.02
CA LEU A 92 -21.19 18.59 48.09
C LEU A 92 -21.97 17.91 49.21
N VAL A 93 -21.30 17.02 49.93
CA VAL A 93 -21.88 16.38 51.10
C VAL A 93 -21.13 16.81 52.36
N LYS A 94 -21.57 17.93 52.94
CA LYS A 94 -21.06 18.44 54.20
C LYS A 94 -19.55 18.72 54.16
N ASP A 95 -18.92 18.45 53.02
CA ASP A 95 -17.45 18.36 52.94
C ASP A 95 -16.88 17.55 54.10
N ASP A 96 -17.67 16.61 54.62
CA ASP A 96 -17.35 15.84 55.81
C ASP A 96 -17.17 16.77 57.02
N LYS A 97 -16.14 17.59 56.98
CA LYS A 97 -15.84 18.61 57.98
C LYS A 97 -15.66 19.95 57.27
N GLY A 98 -15.15 20.93 58.01
CA GLY A 98 -15.04 22.29 57.52
C GLY A 98 -14.27 22.44 56.22
N ASN A 99 -13.13 21.76 56.10
CA ASN A 99 -12.39 21.81 54.85
C ASN A 99 -12.98 20.83 53.83
N PRO A 100 -12.70 21.03 52.54
CA PRO A 100 -13.16 20.07 51.53
C PRO A 100 -12.55 18.69 51.77
N PHE A 101 -13.43 17.70 51.92
CA PHE A 101 -12.97 16.33 52.18
C PHE A 101 -13.65 15.36 51.22
N PHE A 102 -14.86 15.69 50.79
CA PHE A 102 -15.66 14.84 49.91
C PHE A 102 -16.10 15.66 48.70
N PHE A 103 -15.86 15.12 47.51
CA PHE A 103 -16.27 15.76 46.27
C PHE A 103 -17.19 14.83 45.48
N ILE A 104 -18.30 15.39 45.00
CA ILE A 104 -19.26 14.66 44.18
C ILE A 104 -19.56 15.49 42.93
N GLU A 105 -19.65 14.81 41.78
CA GLU A 105 -20.00 15.43 40.51
C GLU A 105 -21.24 14.70 39.99
N VAL A 106 -22.38 15.38 40.07
CA VAL A 106 -23.62 14.82 39.55
C VAL A 106 -23.66 14.97 38.04
N LYS A 107 -23.96 13.87 37.35
CA LYS A 107 -24.11 13.89 35.90
C LYS A 107 -25.43 13.21 35.57
N ALA A 108 -25.73 13.08 34.28
CA ALA A 108 -27.02 12.58 33.84
C ALA A 108 -26.79 11.47 32.83
N PRO A 109 -27.75 10.55 32.68
CA PRO A 109 -27.57 9.48 31.68
C PRO A 109 -27.38 10.01 30.26
N ASN A 110 -28.05 11.11 29.91
CA ASN A 110 -27.84 11.74 28.61
C ASN A 110 -26.63 12.66 28.61
N LYS A 111 -26.13 13.05 29.78
CA LYS A 111 -24.96 13.92 29.84
C LYS A 111 -23.67 13.16 29.63
N PHE A 112 -23.69 11.83 29.74
CA PHE A 112 -22.52 11.04 29.39
C PHE A 112 -22.21 11.12 27.91
N GLU A 113 -23.12 11.64 27.10
CA GLU A 113 -22.97 11.76 25.66
C GLU A 113 -22.14 12.96 25.23
N GLU A 114 -22.45 14.16 25.74
CA GLU A 114 -21.83 15.37 25.22
C GLU A 114 -20.37 15.49 25.63
N ASP A 115 -20.06 15.25 26.91
CA ASP A 115 -18.73 15.52 27.43
C ASP A 115 -18.22 14.33 28.23
N LYS A 116 -16.94 14.02 28.04
CA LYS A 116 -16.26 12.98 28.80
C LYS A 116 -15.00 13.47 29.50
N ASP A 117 -14.64 14.75 29.34
CA ASP A 117 -13.54 15.34 30.09
C ASP A 117 -13.97 15.84 31.46
N GLU A 118 -15.26 15.70 31.78
CA GLU A 118 -15.78 16.07 33.09
C GLU A 118 -15.86 14.90 34.06
N ILE A 119 -15.34 13.73 33.67
CA ILE A 119 -15.24 12.59 34.58
C ILE A 119 -14.36 12.99 35.74
N GLU A 120 -13.32 13.77 35.46
CA GLU A 120 -12.39 14.24 36.49
C GLU A 120 -12.24 15.77 36.46
N GLY A 121 -13.12 16.47 35.75
CA GLY A 121 -13.03 17.91 35.62
C GLY A 121 -13.11 18.66 36.93
N GLN A 122 -14.09 18.31 37.77
CA GLN A 122 -14.18 18.82 39.13
C GLN A 122 -13.55 17.87 40.14
N LEU A 123 -13.20 16.68 39.70
CA LEU A 123 -12.40 15.71 40.45
C LEU A 123 -10.92 15.99 40.22
N PHE A 124 -10.08 14.96 40.34
CA PHE A 124 -8.67 15.01 40.69
C PHE A 124 -7.95 16.30 40.27
N ALA A 125 -8.12 16.73 39.03
CA ALA A 125 -7.39 17.89 38.52
C ALA A 125 -7.58 19.10 39.44
N LEU A 126 -8.82 19.36 39.85
CA LEU A 126 -9.06 20.49 40.75
C LEU A 126 -8.97 20.07 42.21
N ALA A 127 -8.89 18.77 42.48
CA ALA A 127 -8.73 18.30 43.86
C ALA A 127 -7.40 18.76 44.44
N GLN A 128 -6.33 18.65 43.65
CA GLN A 128 -5.04 19.16 44.10
C GLN A 128 -5.08 20.67 44.28
N ALA A 129 -5.79 21.37 43.39
CA ALA A 129 -5.93 22.82 43.51
C ALA A 129 -6.60 23.20 44.82
N GLU A 130 -7.66 22.46 45.19
CA GLU A 130 -8.28 22.68 46.49
C GLU A 130 -7.31 22.35 47.63
N GLU A 131 -6.54 21.27 47.48
CA GLU A 131 -5.56 20.92 48.49
C GLU A 131 -4.38 21.89 48.53
N ARG A 132 -4.16 22.64 47.46
CA ARG A 132 -3.07 23.60 47.41
C ARG A 132 -3.50 25.03 47.74
N ASP A 133 -4.79 25.35 47.63
CA ASP A 133 -5.28 26.69 47.95
C ASP A 133 -5.76 26.77 49.40
N PHE A 134 -6.73 25.95 49.77
CA PHE A 134 -7.27 25.93 51.12
C PHE A 134 -6.52 24.99 52.05
N LYS A 135 -5.57 24.21 51.52
CA LYS A 135 -4.80 23.24 52.29
C LYS A 135 -5.73 22.23 52.98
N THR A 136 -6.43 21.48 52.14
CA THR A 136 -7.38 20.49 52.62
C THR A 136 -6.89 19.08 52.34
N LYS A 137 -7.71 18.08 52.65
CA LYS A 137 -7.31 16.68 52.55
C LYS A 137 -8.41 15.87 51.83
N VAL A 138 -8.84 16.38 50.68
CA VAL A 138 -9.83 15.67 49.86
C VAL A 138 -9.34 14.26 49.58
N LYS A 139 -10.22 13.28 49.80
CA LYS A 139 -9.86 11.88 49.63
C LYS A 139 -10.82 11.10 48.76
N TYR A 140 -12.08 11.49 48.67
CA TYR A 140 -13.13 10.66 48.09
C TYR A 140 -13.85 11.44 47.00
N LEU A 141 -13.97 10.82 45.82
CA LEU A 141 -14.47 11.50 44.63
C LEU A 141 -15.55 10.64 43.98
N VAL A 142 -16.70 11.23 43.70
CA VAL A 142 -17.87 10.51 43.19
C VAL A 142 -18.23 11.05 41.81
N TYR A 143 -18.39 10.14 40.85
CA TYR A 143 -18.94 10.45 39.53
C TYR A 143 -20.38 9.95 39.49
N TYR A 144 -21.25 10.69 40.18
CA TYR A 144 -22.56 10.17 40.56
C TYR A 144 -23.59 10.33 39.44
N THR A 145 -24.43 9.31 39.31
CA THR A 145 -25.60 9.32 38.42
C THR A 145 -26.42 8.08 38.71
N VAL A 146 -27.74 8.21 38.57
CA VAL A 146 -28.68 7.11 38.69
C VAL A 146 -29.63 7.18 37.49
N GLU A 147 -29.63 6.13 36.67
CA GLU A 147 -30.36 6.25 35.41
C GLU A 147 -31.84 5.90 35.52
N LEU A 148 -32.17 4.61 35.58
CA LEU A 148 -33.56 4.19 35.74
C LEU A 148 -33.71 2.83 36.42
N ILE A 149 -32.69 2.37 37.13
CA ILE A 149 -32.57 0.93 37.38
C ILE A 149 -33.51 0.48 38.48
N ASP A 150 -34.73 0.10 38.09
CA ASP A 150 -35.75 -0.45 38.99
C ASP A 150 -36.06 0.51 40.14
N ASP A 151 -36.69 -0.02 41.20
CA ASP A 151 -37.00 0.79 42.36
C ASP A 151 -35.72 1.20 43.10
N GLU A 152 -34.74 0.30 43.15
CA GLU A 152 -33.49 0.60 43.85
C GLU A 152 -32.70 1.72 43.19
N ILE A 153 -32.98 2.00 41.91
CA ILE A 153 -32.31 3.03 41.09
C ILE A 153 -30.83 3.11 41.45
N VAL A 154 -30.14 1.98 41.33
CA VAL A 154 -28.75 1.85 41.72
C VAL A 154 -27.88 2.80 40.90
N ASP A 155 -26.92 3.45 41.56
CA ASP A 155 -26.04 4.39 40.88
C ASP A 155 -24.99 3.66 40.05
N ARG A 156 -25.03 3.86 38.73
CA ARG A 156 -24.00 3.31 37.85
C ARG A 156 -22.82 4.28 37.82
N ALA A 157 -22.28 4.60 38.99
CA ALA A 157 -21.32 5.68 39.12
C ALA A 157 -19.89 5.17 39.05
N ILE A 158 -18.95 6.12 38.95
CA ILE A 158 -17.53 5.83 38.95
C ILE A 158 -16.90 6.58 40.12
N ILE A 159 -16.85 5.93 41.29
CA ILE A 159 -16.40 6.59 42.51
C ILE A 159 -14.93 6.25 42.75
N ILE A 160 -14.12 7.27 42.99
CA ILE A 160 -12.67 7.12 43.05
C ILE A 160 -12.16 7.75 44.35
N ASP A 161 -11.08 7.21 44.89
CA ASP A 161 -10.40 7.82 46.03
C ASP A 161 -9.17 8.60 45.58
N PHE A 162 -8.68 9.45 46.47
CA PHE A 162 -7.55 10.34 46.20
C PHE A 162 -6.36 10.02 47.10
N GLU A 163 -6.06 8.73 47.27
CA GLU A 163 -4.86 8.30 47.98
C GLU A 163 -3.91 7.49 47.10
N LYS A 164 -4.37 7.00 45.94
CA LYS A 164 -3.57 6.11 45.11
C LYS A 164 -2.62 6.88 44.19
N TYR A 165 -3.17 7.85 43.45
CA TYR A 165 -2.39 8.59 42.46
C TYR A 165 -2.21 10.03 42.91
N PRO A 166 -0.97 10.49 43.15
CA PRO A 166 -0.76 11.87 43.61
C PRO A 166 -1.33 12.91 42.66
N THR A 167 -1.23 12.67 41.36
CA THR A 167 -1.69 13.60 40.34
C THR A 167 -2.74 12.95 39.46
N TYR A 168 -3.42 13.79 38.67
CA TYR A 168 -4.45 13.30 37.76
C TYR A 168 -3.87 12.73 36.47
N THR A 169 -2.68 13.16 36.07
CA THR A 169 -2.03 12.58 34.91
C THR A 169 -1.70 11.11 35.16
N ASP A 170 -1.19 10.79 36.34
CA ASP A 170 -0.94 9.40 36.70
C ASP A 170 -2.25 8.63 36.83
N TRP A 171 -3.33 9.29 37.26
CA TRP A 171 -4.63 8.64 37.31
C TRP A 171 -5.13 8.29 35.92
N SER A 172 -4.95 9.19 34.95
CA SER A 172 -5.31 8.90 33.57
C SER A 172 -4.43 7.78 33.01
N ASN A 173 -3.14 7.79 33.34
CA ASN A 173 -2.27 6.66 33.03
C ASN A 173 -2.78 5.38 33.66
N GLY A 174 -3.50 5.50 34.79
CA GLY A 174 -4.19 4.39 35.43
C GLY A 174 -5.52 4.05 34.83
N GLY A 175 -5.83 4.59 33.66
CA GLY A 175 -6.98 4.17 32.86
C GLY A 175 -8.36 4.40 33.44
N PHE A 176 -8.57 5.57 34.04
CA PHE A 176 -9.88 5.95 34.59
C PHE A 176 -10.34 4.95 35.66
N ILE A 177 -9.53 4.87 36.73
CA ILE A 177 -9.80 3.91 37.80
C ILE A 177 -11.07 4.31 38.55
N SER A 178 -11.59 3.38 39.36
CA SER A 178 -12.78 3.61 40.18
C SER A 178 -12.63 2.82 41.46
N THR A 179 -12.57 3.51 42.60
CA THR A 179 -12.45 2.86 43.89
C THR A 179 -13.79 2.75 44.59
N GLY A 180 -14.88 2.86 43.83
CA GLY A 180 -16.20 2.76 44.40
C GLY A 180 -17.24 2.75 43.30
N THR A 181 -18.32 2.01 43.55
CA THR A 181 -19.40 1.88 42.58
C THR A 181 -20.71 2.40 43.13
N GLU A 182 -21.11 1.90 44.30
CA GLU A 182 -22.32 2.34 44.98
C GLU A 182 -21.94 3.14 46.23
N LEU A 183 -22.64 4.25 46.43
CA LEU A 183 -22.44 5.05 47.64
C LEU A 183 -22.78 4.22 48.87
N THR A 184 -21.91 4.29 49.88
CA THR A 184 -22.04 3.51 51.10
C THR A 184 -22.30 4.42 52.29
N ALA A 185 -23.23 4.01 53.15
CA ALA A 185 -23.57 4.77 54.34
C ALA A 185 -22.53 4.53 55.44
N GLY A 186 -22.56 5.40 56.45
CA GLY A 186 -21.65 5.26 57.57
C GLY A 186 -20.21 5.60 57.26
N TYR A 187 -19.95 6.33 56.18
CA TYR A 187 -18.61 6.74 55.79
C TYR A 187 -17.67 5.55 55.68
N GLY A 188 -17.99 4.61 54.79
CA GLY A 188 -17.20 3.39 54.66
C GLY A 188 -16.41 3.31 53.37
N GLU A 189 -16.73 2.31 52.54
CA GLU A 189 -16.11 2.02 51.24
C GLU A 189 -14.68 1.51 51.43
N PRO A 190 -14.25 0.56 50.61
CA PRO A 190 -12.85 0.13 50.65
C PRO A 190 -11.93 1.20 50.09
N LYS A 191 -10.70 1.22 50.59
CA LYS A 191 -9.72 2.18 50.09
C LYS A 191 -9.39 1.92 48.63
N LYS A 192 -8.91 0.73 48.32
CA LYS A 192 -8.62 0.37 46.93
C LYS A 192 -9.93 0.19 46.16
N GLN A 193 -9.79 -0.17 44.89
CA GLN A 193 -10.95 -0.42 44.06
C GLN A 193 -11.73 -1.62 44.60
N PRO A 194 -13.05 -1.64 44.41
CA PRO A 194 -13.81 -2.85 44.76
C PRO A 194 -13.70 -3.90 43.68
N LEU A 195 -12.77 -3.66 42.74
CA LEU A 195 -12.49 -4.55 41.62
C LEU A 195 -13.72 -4.73 40.74
N ILE A 196 -13.71 -5.77 39.91
CA ILE A 196 -14.73 -5.95 38.88
C ILE A 196 -15.47 -7.27 39.13
N LYS A 197 -15.65 -7.61 40.40
CA LYS A 197 -16.39 -8.82 40.76
C LYS A 197 -17.71 -8.90 40.01
N GLY A 198 -17.87 -9.91 39.16
CA GLY A 198 -18.97 -9.95 38.22
C GLY A 198 -20.25 -10.60 38.72
N HIS A 199 -20.64 -10.31 39.96
CA HIS A 199 -21.93 -10.75 40.46
C HIS A 199 -22.80 -9.55 40.82
N GLU A 200 -22.27 -8.66 41.65
CA GLU A 200 -23.00 -7.48 42.09
C GLU A 200 -21.94 -6.41 42.35
N LYS A 201 -22.28 -5.37 43.11
CA LYS A 201 -21.37 -4.27 43.40
C LYS A 201 -21.03 -3.53 42.12
N TYR A 202 -19.89 -3.85 41.50
CA TYR A 202 -19.48 -3.12 40.32
C TYR A 202 -20.12 -3.67 39.06
N ASP A 203 -20.49 -4.95 39.05
CA ASP A 203 -20.98 -5.64 37.87
C ASP A 203 -20.01 -5.48 36.70
N LEU A 204 -20.51 -5.01 35.55
CA LEU A 204 -19.67 -4.80 34.39
C LEU A 204 -20.06 -3.51 33.69
N ARG A 205 -20.98 -2.75 34.29
CA ARG A 205 -21.49 -1.50 33.74
C ARG A 205 -22.06 -1.72 32.34
N VAL A 206 -22.98 -2.67 32.24
CA VAL A 206 -23.57 -3.00 30.95
C VAL A 206 -24.80 -2.14 30.69
N ARG A 207 -24.56 -0.87 30.34
CA ARG A 207 -25.63 -0.07 29.73
C ARG A 207 -25.07 0.96 28.74
N ILE A 208 -24.18 0.57 27.82
CA ILE A 208 -23.61 1.54 26.90
C ILE A 208 -24.72 2.23 26.13
N ASP A 209 -24.89 3.54 26.36
CA ASP A 209 -26.03 4.27 25.81
C ASP A 209 -25.71 4.94 24.48
N ARG A 210 -24.81 5.92 24.49
CA ARG A 210 -24.51 6.66 23.28
C ARG A 210 -23.33 7.59 23.52
N GLU A 211 -22.54 7.77 22.47
CA GLU A 211 -21.52 8.81 22.32
C GLU A 211 -20.30 8.60 23.22
N GLU A 212 -20.41 7.69 24.20
CA GLU A 212 -19.21 7.27 24.89
C GLU A 212 -18.37 6.37 24.00
N ILE A 213 -19.02 5.71 23.04
CA ILE A 213 -18.32 5.04 21.96
C ILE A 213 -17.40 6.00 21.23
N GLU A 214 -17.94 7.16 20.82
CA GLU A 214 -17.14 8.14 20.11
C GLU A 214 -16.08 8.75 21.03
N GLY A 215 -16.42 8.97 22.30
CA GLY A 215 -15.43 9.47 23.23
C GLY A 215 -14.23 8.55 23.37
N LEU A 216 -14.48 7.25 23.55
CA LEU A 216 -13.39 6.28 23.61
C LEU A 216 -12.64 6.21 22.30
N GLY A 217 -13.36 6.21 21.16
CA GLY A 217 -12.69 6.12 19.88
C GLY A 217 -11.75 7.28 19.63
N ARG A 218 -12.15 8.49 20.01
CA ARG A 218 -11.25 9.63 19.92
C ARG A 218 -10.12 9.53 20.94
N ASN A 219 -10.42 9.02 22.14
CA ASN A 219 -9.38 8.89 23.16
C ASN A 219 -8.32 7.86 22.77
N LEU A 220 -8.76 6.67 22.34
CA LEU A 220 -7.80 5.63 21.95
C LEU A 220 -6.94 6.06 20.77
N HIS A 221 -7.57 6.70 19.77
CA HIS A 221 -6.81 7.09 18.58
C HIS A 221 -5.78 8.17 18.89
N ASN A 222 -6.14 9.13 19.75
CA ASN A 222 -5.24 10.24 20.03
C ASN A 222 -4.10 9.86 20.96
N VAL A 223 -4.18 8.72 21.62
CA VAL A 223 -3.16 8.28 22.57
C VAL A 223 -2.35 7.11 22.01
N LEU A 224 -3.04 6.05 21.57
CA LEU A 224 -2.33 4.85 21.13
C LEU A 224 -1.54 5.10 19.85
N TRP A 225 -2.18 5.69 18.84
CA TRP A 225 -1.49 5.97 17.59
C TRP A 225 -0.35 6.96 17.84
N GLY A 226 -0.69 8.19 18.23
CA GLY A 226 0.30 9.11 18.77
C GLY A 226 1.31 9.62 17.77
N GLY A 227 2.17 8.72 17.29
CA GLY A 227 3.29 9.06 16.45
C GLY A 227 4.46 8.15 16.76
N GLY A 228 5.66 8.68 16.56
CA GLY A 228 6.87 7.91 16.79
C GLY A 228 7.23 7.06 15.59
N GLY A 229 7.71 5.84 15.84
CA GLY A 229 7.93 4.91 14.76
C GLY A 229 7.17 3.62 14.90
N THR A 230 6.13 3.47 14.08
CA THR A 230 5.30 2.27 13.98
C THR A 230 4.76 2.24 12.56
N ASN A 231 3.89 1.26 12.26
CA ASN A 231 3.09 1.30 11.04
C ASN A 231 1.65 0.90 11.36
N ASP A 232 0.88 1.87 11.86
CA ASP A 232 -0.56 1.75 12.14
C ASP A 232 -1.08 0.34 12.36
N SER A 233 -0.95 -0.52 11.34
CA SER A 233 -1.51 -1.86 11.33
C SER A 233 -1.16 -2.69 12.56
N GLU A 234 0.11 -2.70 12.98
CA GLU A 234 0.45 -3.49 14.16
C GLU A 234 -0.18 -2.93 15.42
N ILE A 235 -0.34 -1.61 15.51
CA ILE A 235 -1.03 -1.01 16.65
C ILE A 235 -2.47 -1.47 16.65
N PHE A 236 -3.09 -1.47 15.47
CA PHE A 236 -4.47 -1.95 15.35
C PHE A 236 -4.58 -3.41 15.76
N TYR A 237 -3.62 -4.22 15.34
CA TYR A 237 -3.64 -5.65 15.67
C TYR A 237 -3.43 -5.87 17.17
N SER A 238 -2.59 -5.06 17.79
CA SER A 238 -2.37 -5.13 19.22
C SER A 238 -3.64 -4.77 19.99
N LEU A 239 -4.34 -3.73 19.53
CA LEU A 239 -5.62 -3.38 20.14
C LEU A 239 -6.64 -4.51 19.96
N VAL A 240 -6.64 -5.13 18.78
CA VAL A 240 -7.54 -6.25 18.53
C VAL A 240 -7.22 -7.41 19.48
N ASN A 241 -5.93 -7.68 19.71
CA ASN A 241 -5.53 -8.73 20.63
C ASN A 241 -5.96 -8.41 22.06
N ILE A 242 -5.86 -7.14 22.45
CA ILE A 242 -6.30 -6.73 23.77
C ILE A 242 -7.80 -6.95 23.93
N ILE A 243 -8.57 -6.58 22.90
CA ILE A 243 -10.01 -6.80 22.93
C ILE A 243 -10.32 -8.29 22.99
N LEU A 244 -9.55 -9.10 22.26
CA LEU A 244 -9.73 -10.55 22.29
C LEU A 244 -9.46 -11.11 23.68
N ALA A 245 -8.42 -10.60 24.35
CA ALA A 245 -8.15 -11.00 25.72
C ALA A 245 -9.28 -10.62 26.66
N LYS A 246 -9.86 -9.43 26.49
CA LYS A 246 -11.01 -9.03 27.30
C LYS A 246 -12.20 -9.95 27.06
N ILE A 247 -12.45 -10.31 25.81
CA ILE A 247 -13.55 -11.22 25.48
C ILE A 247 -13.31 -12.59 26.11
N GLN A 248 -12.09 -13.08 26.05
CA GLN A 248 -11.77 -14.36 26.70
C GLN A 248 -11.97 -14.27 28.21
N ASP A 249 -11.56 -13.15 28.82
CA ASP A 249 -11.77 -12.96 30.26
C ASP A 249 -13.25 -13.01 30.59
N GLU A 250 -14.09 -12.38 29.77
CA GLU A 250 -15.53 -12.43 30.02
C GLU A 250 -16.10 -13.83 29.79
N TYR A 251 -15.56 -14.57 28.82
CA TYR A 251 -16.00 -15.96 28.62
C TYR A 251 -15.68 -16.84 29.81
N GLU A 252 -14.42 -16.85 30.25
CA GLU A 252 -13.97 -17.85 31.19
C GLU A 252 -14.47 -17.61 32.61
N LYS A 253 -14.64 -16.36 33.01
CA LYS A 253 -14.99 -16.06 34.40
C LYS A 253 -16.44 -16.43 34.68
N GLU A 254 -16.72 -16.68 35.96
CA GLU A 254 -18.06 -17.05 36.42
C GLU A 254 -18.51 -16.11 37.52
N ASP A 255 -19.55 -16.48 38.26
CA ASP A 255 -20.01 -15.68 39.39
C ASP A 255 -18.87 -15.39 40.34
N GLY A 256 -18.72 -14.12 40.73
CA GLY A 256 -17.56 -13.71 41.49
C GLY A 256 -16.28 -13.87 40.71
N GLN A 257 -15.23 -14.38 41.36
CA GLN A 257 -13.94 -14.65 40.73
C GLN A 257 -13.32 -13.39 40.12
N GLU A 258 -13.86 -12.21 40.45
CA GLU A 258 -13.32 -10.94 39.99
C GLU A 258 -13.20 -10.91 38.47
N TYR A 259 -12.18 -10.22 37.97
CA TYR A 259 -11.85 -10.22 36.55
C TYR A 259 -10.36 -9.94 36.42
N ASP A 260 -9.70 -10.61 35.48
CA ASP A 260 -8.28 -10.39 35.26
C ASP A 260 -8.00 -9.17 34.40
N PHE A 261 -9.02 -8.58 33.78
CA PHE A 261 -8.86 -7.39 32.95
C PHE A 261 -9.00 -6.13 33.82
N GLN A 262 -8.03 -5.97 34.72
CA GLN A 262 -8.04 -4.90 35.71
C GLN A 262 -6.64 -4.29 35.79
N VAL A 263 -6.44 -3.49 36.85
CA VAL A 263 -5.11 -2.99 37.18
C VAL A 263 -4.62 -3.49 38.54
N TYR A 264 -5.52 -3.97 39.41
CA TYR A 264 -5.14 -4.45 40.74
C TYR A 264 -4.33 -3.44 41.53
N GLN A 265 -4.90 -2.27 41.83
CA GLN A 265 -4.17 -1.31 42.64
C GLN A 265 -4.09 -1.78 44.09
N TYR A 266 -3.05 -2.55 44.41
CA TYR A 266 -2.85 -3.04 45.77
C TYR A 266 -2.71 -1.87 46.73
N GLY A 267 -3.70 -1.69 47.61
CA GLY A 267 -3.71 -0.54 48.50
C GLY A 267 -3.73 0.75 47.73
N ASP A 268 -2.61 1.48 47.75
CA ASP A 268 -2.48 2.72 47.00
C ASP A 268 -1.55 2.63 45.81
N ASN A 269 -0.59 1.70 45.83
CA ASN A 269 0.38 1.61 44.74
C ASN A 269 -0.26 1.06 43.47
N VAL A 270 0.10 1.65 42.34
CA VAL A 270 -0.39 1.17 41.05
C VAL A 270 0.41 -0.06 40.64
N GLU A 271 -0.19 -0.86 39.77
CA GLU A 271 0.45 -2.09 39.31
C GLU A 271 1.75 -1.80 38.56
N SER A 272 2.77 -2.60 38.83
CA SER A 272 3.93 -2.62 37.97
C SER A 272 3.54 -3.17 36.60
N PRO A 273 4.04 -2.58 35.52
CA PRO A 273 3.60 -3.02 34.18
C PRO A 273 3.89 -4.49 33.90
N GLN A 274 4.94 -5.07 34.50
CA GLN A 274 5.31 -6.44 34.20
C GLN A 274 4.23 -7.43 34.63
N LYS A 275 3.73 -7.29 35.86
CA LYS A 275 2.72 -8.23 36.34
C LYS A 275 1.42 -8.09 35.56
N LEU A 276 1.04 -6.86 35.23
CA LEU A 276 -0.15 -6.65 34.41
C LEU A 276 0.02 -7.29 33.04
N PHE A 277 1.21 -7.16 32.45
CA PHE A 277 1.47 -7.83 31.18
C PHE A 277 1.36 -9.34 31.31
N ASP A 278 1.91 -9.90 32.40
CA ASP A 278 1.83 -11.33 32.60
C ASP A 278 0.37 -11.79 32.68
N ARG A 279 -0.44 -11.06 33.43
CA ARG A 279 -1.86 -11.39 33.55
C ARG A 279 -2.57 -11.33 32.20
N ILE A 280 -2.36 -10.24 31.47
CA ILE A 280 -3.04 -10.06 30.19
C ILE A 280 -2.57 -11.08 29.17
N ASN A 281 -1.28 -11.43 29.20
CA ASN A 281 -0.76 -12.44 28.27
C ASN A 281 -1.30 -13.81 28.61
N ALA A 282 -1.43 -14.14 29.90
CA ALA A 282 -2.05 -15.38 30.29
C ALA A 282 -3.50 -15.44 29.82
N LEU A 283 -4.19 -14.30 29.87
CA LEU A 283 -5.52 -14.23 29.28
C LEU A 283 -5.48 -14.48 27.79
N TYR A 284 -4.51 -13.87 27.09
CA TYR A 284 -4.42 -13.99 25.64
C TYR A 284 -3.95 -15.38 25.22
N LYS A 285 -2.92 -15.90 25.89
CA LYS A 285 -2.39 -17.20 25.54
C LYS A 285 -3.39 -18.32 25.83
N ARG A 286 -4.39 -18.06 26.67
CA ARG A 286 -5.48 -19.02 26.85
C ARG A 286 -6.67 -18.73 25.94
N ALA A 287 -6.73 -17.52 25.39
CA ALA A 287 -7.74 -17.22 24.37
C ALA A 287 -7.50 -18.04 23.11
N LEU A 288 -6.23 -18.22 22.74
CA LEU A 288 -5.91 -18.98 21.53
C LEU A 288 -6.36 -20.44 21.68
N ARG A 289 -6.18 -21.01 22.87
CA ARG A 289 -6.58 -22.40 23.08
C ARG A 289 -8.08 -22.59 22.98
N GLU A 290 -8.86 -21.56 23.28
CA GLU A 290 -10.32 -21.67 23.32
C GLU A 290 -11.01 -21.01 22.13
N GLN A 291 -10.44 -19.94 21.58
CA GLN A 291 -11.10 -19.19 20.52
C GLN A 291 -10.46 -19.42 19.15
N LEU A 292 -9.13 -19.41 19.08
CA LEU A 292 -8.44 -19.55 17.81
C LEU A 292 -8.19 -21.00 17.41
N ASN A 293 -8.59 -21.96 18.27
CA ASN A 293 -8.55 -23.38 17.95
C ASN A 293 -7.15 -23.84 17.55
N VAL A 294 -6.15 -23.36 18.27
CA VAL A 294 -4.76 -23.76 18.07
C VAL A 294 -4.40 -24.78 19.13
N THR A 295 -3.61 -25.79 18.74
CA THR A 295 -3.24 -26.88 19.63
C THR A 295 -1.75 -26.99 19.89
N ASP A 296 -0.90 -26.39 19.06
CA ASP A 296 0.54 -26.48 19.26
C ASP A 296 0.94 -25.73 20.52
N GLU A 297 1.44 -26.46 21.52
CA GLU A 297 1.85 -25.83 22.77
C GLU A 297 3.01 -24.88 22.56
N GLN A 298 3.96 -25.25 21.70
CA GLN A 298 5.11 -24.39 21.44
C GLN A 298 4.67 -23.05 20.86
N LYS A 299 3.78 -23.07 19.87
CA LYS A 299 3.30 -21.83 19.27
C LYS A 299 2.48 -21.01 20.25
N ILE A 300 1.59 -21.67 21.01
CA ILE A 300 0.71 -20.95 21.91
C ILE A 300 1.45 -20.44 23.14
N ALA A 301 2.65 -20.96 23.42
CA ALA A 301 3.43 -20.50 24.56
C ALA A 301 4.53 -19.51 24.18
N GLU A 302 5.04 -19.60 22.95
CA GLU A 302 6.10 -18.70 22.48
C GLU A 302 5.45 -17.58 21.66
N ASP A 303 4.74 -16.72 22.36
CA ASP A 303 4.11 -15.54 21.76
C ASP A 303 3.69 -14.62 22.90
N ASN A 304 3.01 -13.52 22.56
CA ASN A 304 2.60 -12.55 23.56
C ASN A 304 1.49 -11.68 22.99
N VAL A 305 0.73 -11.05 23.88
CA VAL A 305 -0.40 -10.23 23.46
C VAL A 305 0.10 -8.98 22.74
N ILE A 306 1.15 -8.36 23.26
CA ILE A 306 1.75 -7.17 22.65
C ILE A 306 3.24 -7.42 22.45
N ASN A 307 3.82 -6.67 21.52
CA ASN A 307 5.20 -6.96 21.11
C ASN A 307 6.21 -6.22 21.99
N ARG A 308 5.72 -5.48 22.99
CA ARG A 308 6.53 -4.72 23.96
C ARG A 308 7.30 -3.57 23.32
N ASN A 309 8.38 -3.88 22.60
CA ASN A 309 9.26 -2.81 22.13
C ASN A 309 8.56 -1.93 21.10
N LYS A 310 7.57 -2.47 20.41
CA LYS A 310 6.73 -1.70 19.50
C LYS A 310 5.42 -1.25 20.14
N PHE A 311 5.23 -1.51 21.43
CA PHE A 311 4.00 -1.13 22.12
C PHE A 311 4.35 -0.83 23.59
N PRO A 312 4.54 0.44 23.94
CA PRO A 312 4.99 0.77 25.30
C PRO A 312 4.00 0.31 26.36
N LEU A 313 4.53 -0.01 27.54
CA LEU A 313 3.71 -0.58 28.60
C LEU A 313 2.69 0.42 29.15
N ASN A 314 3.00 1.71 29.14
CA ASN A 314 2.04 2.70 29.61
C ASN A 314 0.79 2.71 28.74
N LYS A 315 0.98 2.60 27.41
CA LYS A 315 -0.16 2.47 26.51
C LYS A 315 -0.95 1.21 26.81
N LEU A 316 -0.26 0.12 27.12
CA LEU A 316 -0.95 -1.12 27.48
C LEU A 316 -1.81 -0.94 28.72
N VAL A 317 -1.27 -0.30 29.75
CA VAL A 317 -2.03 -0.07 30.98
C VAL A 317 -3.24 0.81 30.70
N TYR A 318 -3.02 1.91 29.98
CA TYR A 318 -4.13 2.82 29.67
C TYR A 318 -5.23 2.11 28.91
N THR A 319 -4.87 1.33 27.88
CA THR A 319 -5.86 0.62 27.10
C THR A 319 -6.59 -0.43 27.95
N VAL A 320 -5.84 -1.27 28.66
CA VAL A 320 -6.44 -2.38 29.39
C VAL A 320 -7.35 -1.88 30.49
N GLN A 321 -7.10 -0.68 31.01
CA GLN A 321 -7.94 -0.18 32.09
C GLN A 321 -9.04 0.75 31.62
N ALA A 322 -8.89 1.38 30.45
CA ALA A 322 -9.96 2.20 29.91
C ALA A 322 -11.01 1.35 29.19
N LEU A 323 -10.59 0.25 28.56
CA LEU A 323 -11.52 -0.58 27.81
C LEU A 323 -12.53 -1.31 28.66
N GLU A 324 -12.35 -1.34 29.99
CA GLU A 324 -13.34 -1.95 30.86
C GLU A 324 -14.48 -0.96 31.07
N SER A 325 -15.32 -1.21 32.07
CA SER A 325 -16.50 -0.42 32.38
C SER A 325 -17.54 -0.50 31.27
N LEU A 326 -17.39 -1.49 30.39
CA LEU A 326 -18.34 -1.74 29.32
C LEU A 326 -18.09 -3.16 28.82
N SER A 327 -19.12 -3.99 28.84
CA SER A 327 -18.99 -5.37 28.40
C SER A 327 -18.84 -5.42 26.89
N PHE A 328 -17.88 -6.21 26.43
CA PHE A 328 -17.68 -6.45 25.01
C PHE A 328 -18.48 -7.63 24.50
N LEU A 329 -19.30 -8.23 25.37
CA LEU A 329 -20.16 -9.34 25.02
C LEU A 329 -21.63 -8.95 25.03
N GLU A 330 -22.12 -8.42 26.14
CA GLU A 330 -23.50 -8.01 26.29
C GLU A 330 -23.64 -6.49 26.45
N GLY A 331 -22.52 -5.77 26.50
CA GLY A 331 -22.58 -4.34 26.78
C GLY A 331 -23.37 -3.56 25.74
N ARG A 332 -23.46 -4.10 24.53
CA ARG A 332 -24.22 -3.46 23.47
C ARG A 332 -25.69 -3.29 23.88
N ASN A 333 -26.10 -2.05 24.11
CA ASN A 333 -27.49 -1.76 24.42
C ASN A 333 -27.97 -0.55 23.60
N SER A 334 -27.03 0.35 23.29
CA SER A 334 -27.32 1.59 22.57
C SER A 334 -28.52 2.31 23.17
N LEU A 335 -28.50 2.40 24.50
CA LEU A 335 -29.62 2.91 25.29
C LEU A 335 -30.83 2.01 25.11
N ASP A 336 -31.40 2.01 23.90
CA ASP A 336 -32.50 1.10 23.56
C ASP A 336 -32.38 0.79 22.07
N GLY A 337 -31.91 -0.41 21.75
CA GLY A 337 -31.80 -0.84 20.37
C GLY A 337 -30.59 -1.69 20.06
N LYS A 338 -29.65 -1.78 21.01
CA LYS A 338 -28.46 -2.62 20.89
C LYS A 338 -27.59 -2.22 19.69
N ASP A 339 -26.59 -3.05 19.39
CA ASP A 339 -25.68 -2.84 18.26
C ASP A 339 -24.97 -1.49 18.36
N ILE A 340 -24.14 -1.37 19.38
CA ILE A 340 -23.40 -0.14 19.61
C ILE A 340 -21.89 -0.32 19.58
N LEU A 341 -21.37 -1.52 19.85
CA LEU A 341 -19.93 -1.74 19.83
C LEU A 341 -19.42 -2.07 18.43
N GLY A 342 -20.31 -2.59 17.57
CA GLY A 342 -19.94 -2.76 16.19
C GLY A 342 -19.49 -1.46 15.56
N ASP A 343 -20.36 -0.45 15.58
CA ASP A 343 -20.02 0.86 15.05
C ASP A 343 -18.73 1.39 15.67
N PHE A 344 -18.50 1.08 16.95
CA PHE A 344 -17.21 1.40 17.56
C PHE A 344 -16.07 0.77 16.78
N PHE A 345 -16.19 -0.52 16.46
CA PHE A 345 -15.07 -1.19 15.81
C PHE A 345 -14.87 -0.70 14.38
N GLU A 346 -15.94 -0.54 13.60
CA GLU A 346 -15.75 0.06 12.28
C GLU A 346 -15.26 1.50 12.35
N SER A 347 -15.53 2.22 13.45
CA SER A 347 -14.86 3.49 13.66
C SER A 347 -13.37 3.29 13.85
N ILE A 348 -12.98 2.25 14.59
CA ILE A 348 -11.58 1.93 14.77
C ILE A 348 -10.95 1.48 13.45
N ILE A 349 -11.68 0.64 12.69
CA ILE A 349 -11.15 0.13 11.43
C ILE A 349 -10.91 1.27 10.44
N ARG A 350 -11.88 2.17 10.31
CA ARG A 350 -11.78 3.27 9.36
C ARG A 350 -10.61 4.18 9.71
N ASP A 351 -10.44 4.49 10.99
CA ASP A 351 -9.40 5.42 11.42
C ASP A 351 -8.17 4.69 11.95
N GLY A 352 -7.31 4.21 11.07
CA GLY A 352 -6.05 3.66 11.52
C GLY A 352 -5.61 2.36 10.84
N PHE A 353 -6.46 1.77 10.02
CA PHE A 353 -6.12 0.49 9.42
C PHE A 353 -5.07 0.63 8.33
N LYS A 354 -5.15 1.72 7.54
CA LYS A 354 -4.23 1.95 6.43
C LYS A 354 -4.27 0.81 5.43
N GLN A 355 -5.40 0.68 4.72
CA GLN A 355 -5.63 -0.40 3.77
C GLN A 355 -4.42 -0.71 2.89
N THR A 356 -3.64 0.30 2.49
CA THR A 356 -2.54 0.15 1.55
C THR A 356 -2.97 -0.63 0.31
N LYS A 357 -2.21 -1.64 -0.06
CA LYS A 357 -2.54 -2.46 -1.23
C LYS A 357 -2.60 -3.94 -0.91
N GLY A 358 -1.76 -4.43 0.00
CA GLY A 358 -1.74 -5.85 0.30
C GLY A 358 -3.03 -6.34 0.94
N GLN A 359 -3.63 -5.52 1.81
CA GLN A 359 -4.81 -5.90 2.57
C GLN A 359 -5.91 -4.86 2.33
N PHE A 360 -6.69 -5.06 1.27
CA PHE A 360 -7.85 -4.23 0.99
C PHE A 360 -9.11 -5.04 1.15
N PHE A 361 -10.25 -4.36 1.09
CA PHE A 361 -11.54 -4.97 1.35
C PHE A 361 -12.48 -4.74 0.18
N THR A 362 -13.36 -5.71 -0.06
CA THR A 362 -14.40 -5.52 -1.06
C THR A 362 -15.35 -4.42 -0.59
N PRO A 363 -15.55 -3.37 -1.39
CA PRO A 363 -16.42 -2.27 -0.95
C PRO A 363 -17.83 -2.76 -0.66
N THR A 364 -18.45 -2.15 0.35
CA THR A 364 -19.78 -2.56 0.79
C THR A 364 -20.84 -2.55 -0.30
N PRO A 365 -20.89 -1.56 -1.23
CA PRO A 365 -21.86 -1.68 -2.33
C PRO A 365 -21.72 -2.98 -3.12
N ILE A 366 -20.48 -3.40 -3.40
CA ILE A 366 -20.27 -4.64 -4.13
C ILE A 366 -20.80 -5.83 -3.34
N VAL A 367 -20.53 -5.85 -2.03
CA VAL A 367 -20.98 -6.97 -1.19
C VAL A 367 -22.50 -7.04 -1.17
N LYS A 368 -23.15 -5.89 -1.00
CA LYS A 368 -24.61 -5.88 -0.96
C LYS A 368 -25.21 -6.27 -2.31
N PHE A 369 -24.58 -5.83 -3.41
CA PHE A 369 -25.05 -6.24 -4.73
C PHE A 369 -24.91 -7.74 -4.91
N ILE A 370 -23.81 -8.33 -4.45
CA ILE A 370 -23.64 -9.78 -4.55
C ILE A 370 -24.69 -10.49 -3.72
N LEU A 371 -24.94 -10.02 -2.51
CA LEU A 371 -25.91 -10.68 -1.64
C LEU A 371 -27.33 -10.61 -2.21
N TYR A 372 -27.72 -9.45 -2.75
CA TYR A 372 -29.06 -9.32 -3.31
C TYR A 372 -29.20 -10.04 -4.65
N ALA A 373 -28.14 -10.04 -5.46
CA ALA A 373 -28.19 -10.75 -6.74
C ALA A 373 -28.39 -12.24 -6.57
N LEU A 374 -27.97 -12.79 -5.43
CA LEU A 374 -28.21 -14.19 -5.11
C LEU A 374 -29.57 -14.43 -4.48
N GLN A 375 -30.36 -13.38 -4.28
CA GLN A 375 -31.65 -13.47 -3.61
C GLN A 375 -31.52 -14.15 -2.25
N LEU A 376 -30.53 -13.69 -1.48
CA LEU A 376 -30.25 -14.31 -0.19
C LEU A 376 -31.43 -14.18 0.77
N ASP A 377 -32.08 -13.02 0.77
CA ASP A 377 -33.25 -12.84 1.64
C ASP A 377 -34.38 -13.80 1.26
N LYS A 378 -34.65 -13.94 -0.04
CA LYS A 378 -35.69 -14.86 -0.49
C LYS A 378 -35.33 -16.30 -0.14
N LEU A 379 -34.07 -16.69 -0.34
CA LEU A 379 -33.65 -18.04 -0.01
C LEU A 379 -33.80 -18.31 1.48
N ALA A 380 -33.39 -17.34 2.32
CA ALA A 380 -33.51 -17.51 3.76
C ALA A 380 -34.97 -17.63 4.18
N ILE A 381 -35.83 -16.80 3.61
CA ILE A 381 -37.25 -16.85 3.95
C ILE A 381 -37.85 -18.20 3.55
N ASP A 382 -37.53 -18.66 2.33
CA ASP A 382 -38.06 -19.93 1.87
C ASP A 382 -37.56 -21.11 2.72
N ARG A 383 -36.27 -21.08 3.07
CA ARG A 383 -35.71 -22.15 3.89
C ARG A 383 -36.35 -22.16 5.28
N LEU A 384 -36.50 -20.98 5.89
CA LEU A 384 -37.15 -20.90 7.20
C LEU A 384 -38.61 -21.29 7.11
N ASN A 385 -39.31 -20.86 6.06
CA ASN A 385 -40.74 -21.10 5.96
C ASN A 385 -41.07 -22.55 5.63
N ASN A 386 -40.12 -23.32 5.12
CA ASN A 386 -40.37 -24.70 4.75
C ASN A 386 -39.55 -25.70 5.56
N ASP A 387 -38.22 -25.52 5.60
CA ASP A 387 -37.34 -26.45 6.28
C ASP A 387 -37.08 -26.09 7.73
N ARG A 388 -37.63 -24.97 8.22
CA ARG A 388 -37.36 -24.46 9.56
C ARG A 388 -35.85 -24.34 9.79
N GLU A 389 -35.15 -23.84 8.77
CA GLU A 389 -33.70 -23.82 8.78
C GLU A 389 -33.23 -22.59 7.99
N LEU A 390 -32.01 -22.18 8.24
CA LEU A 390 -31.40 -21.05 7.56
C LEU A 390 -30.24 -21.51 6.68
N PRO A 391 -29.87 -20.71 5.67
CA PRO A 391 -28.75 -21.09 4.80
C PRO A 391 -27.45 -21.19 5.57
N LEU A 392 -26.43 -21.70 4.88
CA LEU A 392 -25.14 -21.99 5.50
C LEU A 392 -24.03 -21.20 4.83
N ILE A 393 -24.23 -19.89 4.69
CA ILE A 393 -23.28 -19.02 3.99
C ILE A 393 -21.88 -19.22 4.53
N ILE A 394 -20.91 -19.35 3.62
CA ILE A 394 -19.51 -19.53 3.99
C ILE A 394 -18.67 -18.53 3.21
N ASP A 395 -17.41 -18.36 3.61
CA ASP A 395 -16.49 -17.48 2.91
C ASP A 395 -15.08 -18.06 3.04
N PRO A 396 -14.63 -18.87 2.08
CA PRO A 396 -13.30 -19.49 2.18
C PRO A 396 -12.15 -18.50 2.14
N SER A 397 -12.38 -17.26 1.71
CA SER A 397 -11.32 -16.26 1.70
C SER A 397 -11.49 -15.29 2.86
N ALA A 398 -12.72 -15.16 3.36
CA ALA A 398 -13.05 -14.31 4.49
C ALA A 398 -12.43 -12.92 4.40
N GLY A 399 -11.57 -12.60 5.35
CA GLY A 399 -10.97 -11.27 5.42
C GLY A 399 -11.24 -10.61 6.76
N SER A 400 -11.99 -9.51 6.75
CA SER A 400 -12.44 -8.86 7.97
C SER A 400 -13.88 -9.19 8.30
N GLY A 401 -14.41 -10.28 7.74
CA GLY A 401 -15.80 -10.63 7.95
C GLY A 401 -16.73 -9.72 7.17
N THR A 402 -16.19 -9.06 6.15
CA THR A 402 -16.97 -8.11 5.35
C THR A 402 -18.13 -8.82 4.66
N PHE A 403 -17.88 -10.01 4.11
CA PHE A 403 -18.95 -10.75 3.46
C PHE A 403 -19.88 -11.42 4.47
N LEU A 404 -19.46 -11.53 5.73
CA LEU A 404 -20.25 -12.21 6.73
C LEU A 404 -21.09 -11.24 7.56
N ILE A 405 -20.52 -10.11 7.96
CA ILE A 405 -21.27 -9.11 8.73
C ILE A 405 -22.41 -8.55 7.89
N GLU A 406 -22.15 -8.27 6.61
CA GLU A 406 -23.18 -7.77 5.73
C GLU A 406 -24.31 -8.78 5.58
N ALA A 407 -23.95 -10.07 5.44
CA ALA A 407 -24.97 -11.12 5.34
C ALA A 407 -25.77 -11.22 6.63
N MET A 408 -25.10 -11.06 7.77
CA MET A 408 -25.76 -11.08 9.06
C MET A 408 -26.82 -9.98 9.15
N LYS A 409 -26.39 -8.74 8.89
CA LYS A 409 -27.31 -7.61 8.95
C LYS A 409 -28.43 -7.77 7.94
N LEU A 410 -28.11 -8.31 6.76
CA LEU A 410 -29.10 -8.53 5.72
C LEU A 410 -30.20 -9.48 6.19
N ILE A 411 -29.81 -10.64 6.70
CA ILE A 411 -30.81 -11.62 7.14
C ILE A 411 -31.62 -11.08 8.30
N THR A 412 -30.95 -10.44 9.27
CA THR A 412 -31.69 -9.91 10.42
C THR A 412 -32.68 -8.83 10.01
N LYS A 413 -32.30 -7.93 9.10
CA LYS A 413 -33.18 -6.84 8.71
C LYS A 413 -34.23 -7.27 7.69
N GLU A 414 -34.04 -8.41 7.03
CA GLU A 414 -35.00 -8.84 6.02
C GLU A 414 -35.99 -9.90 6.50
N VAL A 415 -35.62 -10.70 7.50
CA VAL A 415 -36.53 -11.74 7.96
C VAL A 415 -37.31 -11.26 9.17
N LYS A 416 -36.75 -10.30 9.91
CA LYS A 416 -37.40 -9.84 11.12
C LYS A 416 -38.24 -8.58 10.90
N TYR A 417 -37.65 -7.53 10.32
CA TYR A 417 -38.32 -6.24 10.21
C TYR A 417 -38.99 -6.04 8.84
N LYS A 418 -38.20 -6.06 7.77
CA LYS A 418 -38.69 -5.56 6.49
C LYS A 418 -39.67 -6.53 5.81
N GLN A 419 -39.35 -7.82 5.79
CA GLN A 419 -40.13 -8.78 5.03
C GLN A 419 -40.67 -9.91 5.90
N ASN A 420 -40.88 -9.64 7.20
CA ASN A 420 -41.49 -10.65 8.06
C ASN A 420 -42.90 -11.00 7.63
N HIS A 421 -43.52 -10.16 6.78
CA HIS A 421 -44.80 -10.50 6.20
C HIS A 421 -44.72 -11.79 5.39
N LYS A 422 -43.57 -12.04 4.74
CA LYS A 422 -43.43 -13.26 3.97
C LYS A 422 -43.37 -14.49 4.86
N VAL A 423 -42.97 -14.33 6.12
CA VAL A 423 -42.94 -15.45 7.06
C VAL A 423 -44.34 -15.63 7.65
N LYS A 424 -44.89 -16.83 7.51
CA LYS A 424 -46.22 -17.15 8.01
C LYS A 424 -46.07 -17.97 9.29
N SER A 425 -46.72 -17.53 10.36
CA SER A 425 -46.65 -18.23 11.64
C SER A 425 -47.36 -19.57 11.56
N SER A 426 -46.60 -20.66 11.71
CA SER A 426 -47.12 -22.02 11.66
C SER A 426 -46.59 -22.85 12.81
N ARG A 427 -46.67 -22.27 14.02
CA ARG A 427 -46.27 -22.95 15.26
C ARG A 427 -44.79 -23.25 15.28
N GLN A 428 -44.37 -24.35 14.64
CA GLN A 428 -42.96 -24.73 14.64
C GLN A 428 -42.11 -23.66 13.96
N ILE A 429 -42.66 -23.01 12.94
CA ILE A 429 -41.97 -21.88 12.32
C ILE A 429 -41.85 -20.73 13.31
N THR A 430 -42.93 -20.45 14.03
CA THR A 430 -42.90 -19.41 15.05
C THR A 430 -41.92 -19.77 16.17
N LYS A 431 -41.86 -21.06 16.52
CA LYS A 431 -40.93 -21.52 17.54
C LYS A 431 -39.50 -21.19 17.14
N ARG A 432 -39.13 -21.49 15.90
CA ARG A 432 -37.80 -21.17 15.40
C ARG A 432 -37.58 -19.66 15.35
N PHE A 433 -38.62 -18.92 14.96
CA PHE A 433 -38.50 -17.46 14.87
C PHE A 433 -38.16 -16.85 16.22
N GLU A 434 -38.90 -17.24 17.27
CA GLU A 434 -38.57 -16.77 18.61
C GLU A 434 -37.28 -17.40 19.15
N GLU A 435 -36.87 -18.55 18.63
CA GLU A 435 -35.64 -19.17 19.11
C GLU A 435 -34.41 -18.46 18.56
N LEU A 436 -34.51 -17.89 17.37
CA LEU A 436 -33.34 -17.34 16.69
C LEU A 436 -33.34 -15.82 16.54
N PHE A 437 -34.51 -15.17 16.56
CA PHE A 437 -34.59 -13.75 16.24
C PHE A 437 -35.14 -12.91 17.38
N MET A 438 -36.18 -13.37 18.06
CA MET A 438 -36.95 -12.48 18.93
C MET A 438 -36.14 -11.82 20.05
N PRO A 439 -35.26 -12.52 20.80
CA PRO A 439 -34.46 -11.81 21.81
C PRO A 439 -33.63 -10.70 21.19
N ASP A 440 -33.97 -9.44 21.49
CA ASP A 440 -33.31 -8.31 20.83
C ASP A 440 -31.88 -8.14 21.31
N HIS A 441 -31.60 -8.39 22.58
CA HIS A 441 -30.25 -8.29 23.09
C HIS A 441 -29.33 -9.38 22.57
N ASN A 442 -29.89 -10.43 21.96
CA ASN A 442 -29.13 -11.50 21.35
C ASN A 442 -29.73 -11.86 19.99
N GLU A 443 -30.06 -10.83 19.21
CA GLU A 443 -30.73 -11.05 17.93
C GLU A 443 -29.81 -11.76 16.94
N ASN A 444 -28.50 -11.53 17.02
CA ASN A 444 -27.56 -12.18 16.11
C ASN A 444 -27.05 -13.49 16.69
N LYS A 445 -27.98 -14.34 17.15
CA LYS A 445 -27.63 -15.63 17.72
C LYS A 445 -27.88 -16.79 16.76
N TRP A 446 -28.67 -16.57 15.72
CA TRP A 446 -28.87 -17.60 14.70
C TRP A 446 -27.58 -17.94 14.00
N ALA A 447 -26.73 -16.94 13.76
CA ALA A 447 -25.55 -17.13 12.93
C ALA A 447 -24.40 -17.76 13.72
N ARG A 448 -24.70 -18.32 14.88
CA ARG A 448 -23.74 -19.17 15.57
C ARG A 448 -23.65 -20.56 14.96
N GLU A 449 -24.54 -20.91 14.03
CA GLU A 449 -24.61 -22.25 13.47
C GLU A 449 -24.61 -22.22 11.95
N TYR A 450 -24.50 -21.04 11.35
CA TYR A 450 -24.70 -20.93 9.90
C TYR A 450 -23.54 -20.24 9.19
N LEU A 451 -22.97 -19.20 9.80
CA LEU A 451 -21.90 -18.45 9.17
C LEU A 451 -20.56 -19.12 9.42
N TYR A 452 -19.76 -19.25 8.36
CA TYR A 452 -18.45 -19.86 8.45
C TYR A 452 -17.48 -19.08 7.58
N GLY A 453 -16.19 -19.19 7.90
CA GLY A 453 -15.17 -18.49 7.15
C GLY A 453 -13.80 -19.05 7.46
N CYS A 454 -12.86 -18.80 6.55
CA CYS A 454 -11.49 -19.30 6.69
C CYS A 454 -10.55 -18.19 6.24
N GLU A 455 -9.77 -17.66 7.18
CA GLU A 455 -8.81 -16.61 6.89
C GLU A 455 -7.41 -17.11 7.23
N ILE A 456 -6.51 -17.09 6.23
CA ILE A 456 -5.16 -17.57 6.47
C ILE A 456 -4.39 -16.62 7.38
N ASN A 457 -4.58 -15.31 7.21
CA ASN A 457 -3.84 -14.34 7.99
C ASN A 457 -4.24 -14.41 9.46
N PHE A 458 -3.24 -14.42 10.34
CA PHE A 458 -3.50 -14.50 11.77
C PHE A 458 -4.18 -13.23 12.28
N ASP A 459 -3.60 -12.08 11.95
CA ASP A 459 -4.17 -10.81 12.42
C ASP A 459 -5.54 -10.55 11.81
N LEU A 460 -5.69 -10.84 10.52
CA LEU A 460 -7.00 -10.65 9.88
C LEU A 460 -8.03 -11.59 10.47
N GLY A 461 -7.64 -12.83 10.77
CA GLY A 461 -8.57 -13.75 11.41
C GLY A 461 -8.99 -13.27 12.79
N THR A 462 -8.04 -12.77 13.57
CA THR A 462 -8.38 -12.24 14.88
C THR A 462 -9.29 -11.03 14.78
N ALA A 463 -9.02 -10.13 13.84
CA ALA A 463 -9.86 -8.94 13.66
C ALA A 463 -11.26 -9.33 13.20
N SER A 464 -11.35 -10.33 12.33
CA SER A 464 -12.65 -10.82 11.89
C SER A 464 -13.42 -11.43 13.07
N LYS A 465 -12.75 -12.19 13.92
CA LYS A 465 -13.41 -12.74 15.10
C LYS A 465 -13.89 -11.64 16.03
N VAL A 466 -13.09 -10.58 16.20
CA VAL A 466 -13.49 -9.48 17.08
C VAL A 466 -14.70 -8.74 16.51
N ASN A 467 -14.68 -8.46 15.21
CA ASN A 467 -15.86 -7.88 14.56
C ASN A 467 -17.07 -8.78 14.75
N MET A 468 -16.87 -10.08 14.61
CA MET A 468 -17.95 -11.05 14.70
C MET A 468 -18.54 -11.07 16.11
N ILE A 469 -17.70 -10.95 17.13
CA ILE A 469 -18.15 -11.00 18.52
C ILE A 469 -18.84 -9.70 18.91
N LEU A 470 -18.31 -8.56 18.46
CA LEU A 470 -18.82 -7.28 18.92
C LEU A 470 -20.28 -7.08 18.51
N HIS A 471 -20.63 -7.44 17.27
CA HIS A 471 -22.03 -7.42 16.90
C HIS A 471 -22.84 -8.45 17.69
N GLY A 472 -22.16 -9.47 18.21
CA GLY A 472 -22.76 -10.46 19.07
C GLY A 472 -23.07 -11.74 18.33
N ASP A 473 -22.19 -12.74 18.44
CA ASP A 473 -22.32 -13.99 17.70
C ASP A 473 -21.19 -14.93 18.11
N GLY A 474 -21.32 -16.19 17.73
CA GLY A 474 -20.32 -17.21 17.96
C GLY A 474 -19.22 -17.22 16.92
N SER A 475 -18.26 -16.30 17.06
CA SER A 475 -17.16 -16.18 16.10
C SER A 475 -16.27 -17.42 16.04
N ALA A 476 -16.58 -18.47 16.81
CA ALA A 476 -15.77 -19.68 16.84
C ALA A 476 -15.83 -20.42 15.50
N ASN A 477 -16.77 -20.02 14.64
CA ASN A 477 -16.94 -20.67 13.35
C ASN A 477 -15.97 -20.16 12.29
N ILE A 478 -15.16 -19.15 12.60
CA ILE A 478 -14.15 -18.64 11.70
C ILE A 478 -12.83 -19.32 12.04
N PHE A 479 -12.20 -19.93 11.04
CA PHE A 479 -10.94 -20.64 11.22
C PHE A 479 -9.79 -19.77 10.73
N VAL A 480 -8.82 -19.53 11.60
CA VAL A 480 -7.72 -18.62 11.32
C VAL A 480 -6.64 -19.38 10.57
N GLN A 481 -6.90 -20.65 10.27
CA GLN A 481 -5.99 -21.46 9.47
C GLN A 481 -6.36 -21.33 7.99
N ASP A 482 -5.64 -22.06 7.14
CA ASP A 482 -5.79 -21.93 5.70
C ASP A 482 -7.14 -22.44 5.24
N GLY A 483 -7.57 -21.96 4.06
CA GLY A 483 -8.81 -22.36 3.46
C GLY A 483 -8.69 -23.40 2.37
N LEU A 484 -7.48 -23.86 2.06
CA LEU A 484 -7.29 -24.87 1.02
C LEU A 484 -6.72 -26.15 1.62
N LEU A 485 -7.25 -26.56 2.76
CA LEU A 485 -6.82 -27.75 3.48
C LEU A 485 -7.95 -28.77 3.51
N PRO A 486 -7.64 -30.05 3.73
CA PRO A 486 -8.71 -31.05 3.87
C PRO A 486 -9.60 -30.72 5.05
N PHE A 487 -10.87 -31.13 4.93
CA PHE A 487 -11.89 -30.71 5.90
C PHE A 487 -11.62 -31.24 7.31
N ARG A 488 -10.74 -32.23 7.45
CA ARG A 488 -10.43 -32.74 8.79
C ARG A 488 -9.72 -31.71 9.64
N PHE A 489 -8.99 -30.78 9.03
CA PHE A 489 -8.25 -29.78 9.78
C PHE A 489 -9.15 -28.80 10.50
N TYR A 490 -10.33 -28.51 9.96
CA TYR A 490 -11.22 -27.52 10.56
C TYR A 490 -11.96 -28.18 11.71
N VAL A 491 -11.40 -28.05 12.92
CA VAL A 491 -11.96 -28.66 14.11
C VAL A 491 -12.48 -27.54 15.01
N LYS A 492 -13.80 -27.55 15.24
CA LYS A 492 -14.41 -26.61 16.17
C LYS A 492 -14.72 -27.35 17.47
N GLU A 493 -14.27 -26.81 18.60
CA GLU A 493 -14.32 -27.52 19.86
C GLU A 493 -15.71 -27.49 20.49
N THR A 494 -16.70 -26.98 19.77
CA THR A 494 -18.07 -26.94 20.26
C THR A 494 -19.01 -26.85 19.07
N SER A 495 -20.28 -27.21 19.31
CA SER A 495 -21.38 -27.17 18.35
C SER A 495 -21.12 -28.10 17.18
N PRO A 496 -22.15 -28.40 16.36
CA PRO A 496 -21.89 -29.18 15.14
C PRO A 496 -20.90 -28.47 14.23
N ASN A 497 -19.98 -29.24 13.66
CA ASN A 497 -18.95 -28.72 12.76
C ASN A 497 -19.26 -29.17 11.34
N TYR A 498 -20.04 -28.35 10.64
CA TYR A 498 -20.40 -28.66 9.26
C TYR A 498 -19.20 -28.68 8.34
N LEU A 499 -18.19 -27.86 8.61
CA LEU A 499 -16.95 -27.86 7.83
C LEU A 499 -15.93 -28.84 8.40
N GLU A 500 -16.33 -30.09 8.62
CA GLU A 500 -15.40 -31.10 9.09
C GLU A 500 -15.59 -32.40 8.32
N THR A 501 -16.81 -32.64 7.84
CA THR A 501 -17.11 -33.88 7.15
C THR A 501 -16.51 -33.86 5.75
N ALA A 502 -16.23 -35.05 5.24
CA ALA A 502 -15.70 -35.21 3.90
C ALA A 502 -16.05 -36.60 3.38
N SER A 503 -16.09 -36.72 2.07
CA SER A 503 -16.42 -37.99 1.42
C SER A 503 -16.03 -37.93 -0.05
N PRO A 504 -15.38 -38.96 -0.58
CA PRO A 504 -15.06 -38.98 -2.01
C PRO A 504 -16.34 -38.97 -2.85
N ASP A 505 -16.29 -38.24 -3.97
CA ASP A 505 -17.42 -38.14 -4.87
C ASP A 505 -17.22 -39.04 -6.08
N ALA A 506 -18.33 -39.61 -6.56
CA ALA A 506 -18.25 -40.53 -7.69
C ALA A 506 -17.79 -39.81 -8.95
N LEU A 507 -18.58 -38.88 -9.45
CA LEU A 507 -18.25 -38.17 -10.69
C LEU A 507 -17.51 -36.87 -10.43
N TYR A 508 -16.49 -36.89 -9.56
CA TYR A 508 -15.55 -35.79 -9.47
C TYR A 508 -14.23 -36.36 -8.95
N GLY A 509 -13.37 -36.77 -9.87
CA GLY A 509 -11.99 -37.14 -9.57
C GLY A 509 -11.77 -38.06 -8.38
N ASP A 510 -12.84 -38.70 -7.91
CA ASP A 510 -12.80 -39.49 -6.67
C ASP A 510 -12.12 -38.72 -5.55
N LYS A 511 -12.57 -37.50 -5.31
CA LYS A 511 -11.98 -36.60 -4.33
C LYS A 511 -13.04 -36.15 -3.32
N GLU A 512 -12.55 -35.57 -2.23
CA GLU A 512 -13.43 -35.20 -1.12
C GLU A 512 -14.37 -34.08 -1.52
N VAL A 513 -15.63 -34.18 -1.07
CA VAL A 513 -16.66 -33.18 -1.31
C VAL A 513 -17.45 -32.99 -0.03
N ASN A 514 -17.48 -31.77 0.49
CA ASN A 514 -18.26 -31.49 1.68
C ASN A 514 -19.75 -31.54 1.37
N GLY A 515 -20.21 -30.66 0.48
CA GLY A 515 -21.59 -30.69 0.05
C GLY A 515 -22.61 -30.44 1.15
N LYS A 516 -22.36 -29.46 2.00
CA LYS A 516 -23.28 -29.12 3.08
C LYS A 516 -23.77 -27.69 3.05
N PHE A 517 -23.01 -26.76 2.46
CA PHE A 517 -23.38 -25.36 2.46
C PHE A 517 -24.30 -25.04 1.29
N ASP A 518 -24.92 -23.86 1.36
CA ASP A 518 -25.86 -23.40 0.35
C ASP A 518 -25.36 -22.19 -0.44
N VAL A 519 -24.80 -21.19 0.24
CA VAL A 519 -24.34 -19.98 -0.40
C VAL A 519 -22.85 -19.83 -0.09
N VAL A 520 -22.05 -19.55 -1.11
CA VAL A 520 -20.61 -19.35 -0.97
C VAL A 520 -20.28 -18.00 -1.59
N VAL A 521 -20.20 -16.97 -0.76
CA VAL A 521 -19.78 -15.64 -1.19
C VAL A 521 -18.34 -15.43 -0.78
N SER A 522 -17.52 -14.94 -1.71
CA SER A 522 -16.11 -14.76 -1.43
C SER A 522 -15.49 -13.86 -2.51
N ASN A 523 -14.31 -13.35 -2.20
CA ASN A 523 -13.49 -12.58 -3.14
C ASN A 523 -12.10 -13.19 -3.13
N PRO A 524 -11.83 -14.15 -4.02
CA PRO A 524 -10.55 -14.87 -4.00
C PRO A 524 -9.38 -13.92 -4.24
N PRO A 525 -8.21 -14.23 -3.70
CA PRO A 525 -7.04 -13.39 -3.96
C PRO A 525 -6.73 -13.32 -5.44
N PHE A 526 -6.27 -12.15 -5.89
CA PHE A 526 -6.09 -11.91 -7.31
C PHE A 526 -4.97 -12.76 -7.89
N SER A 527 -3.84 -12.85 -7.18
CA SER A 527 -2.69 -13.62 -7.65
C SER A 527 -1.97 -14.20 -6.44
N VAL A 528 -2.30 -15.44 -6.10
CA VAL A 528 -1.63 -16.16 -5.02
C VAL A 528 -0.53 -17.03 -5.62
N ASP A 529 0.63 -17.06 -4.95
CA ASP A 529 1.78 -17.78 -5.44
C ASP A 529 2.04 -19.07 -4.69
N LEU A 530 1.44 -19.27 -3.53
CA LEU A 530 1.70 -20.45 -2.69
C LEU A 530 3.19 -20.63 -2.45
N ASP A 531 3.64 -21.88 -2.40
CA ASP A 531 5.06 -22.21 -2.28
C ASP A 531 5.22 -23.68 -2.61
N THR A 532 6.48 -24.11 -2.72
CA THR A 532 6.80 -25.47 -3.13
C THR A 532 6.11 -26.51 -2.26
N GLN A 533 6.38 -26.49 -0.95
CA GLN A 533 5.84 -27.49 -0.04
C GLN A 533 4.32 -27.42 0.01
N THR A 534 3.77 -26.20 0.07
CA THR A 534 2.32 -26.05 0.10
C THR A 534 1.67 -26.58 -1.17
N GLN A 535 2.28 -26.29 -2.32
CA GLN A 535 1.76 -26.79 -3.58
C GLN A 535 1.79 -28.31 -3.62
N ARG A 536 2.89 -28.90 -3.15
CA ARG A 536 2.99 -30.36 -3.11
C ARG A 536 1.97 -30.97 -2.16
N GLU A 537 1.65 -30.28 -1.07
CA GLU A 537 0.70 -30.80 -0.10
C GLU A 537 -0.75 -30.72 -0.56
N VAL A 538 -1.04 -29.93 -1.59
CA VAL A 538 -2.42 -29.72 -2.03
C VAL A 538 -2.72 -30.32 -3.39
N ARG A 539 -1.71 -30.80 -4.12
CA ARG A 539 -1.97 -31.33 -5.45
C ARG A 539 -2.44 -32.79 -5.39
N ASN A 540 -3.37 -33.08 -4.49
CA ASN A 540 -4.01 -34.40 -4.47
C ASN A 540 -5.52 -34.25 -4.28
N ALA A 541 -5.95 -33.12 -3.72
CA ALA A 541 -7.35 -32.87 -3.44
C ALA A 541 -8.04 -32.09 -4.55
N PHE A 542 -7.30 -31.65 -5.58
CA PHE A 542 -7.86 -30.87 -6.67
C PHE A 542 -7.46 -31.49 -7.99
N LEU A 543 -8.38 -31.42 -8.97
CA LEU A 543 -8.10 -32.00 -10.28
C LEU A 543 -6.95 -31.29 -10.98
N PHE A 544 -6.92 -29.96 -10.90
CA PHE A 544 -5.91 -29.15 -11.57
C PHE A 544 -4.87 -28.62 -10.59
N GLY A 545 -4.52 -29.42 -9.58
CA GLY A 545 -3.53 -29.00 -8.61
C GLY A 545 -2.13 -28.87 -9.19
N ASP A 546 -1.83 -29.64 -10.23
CA ASP A 546 -0.51 -29.57 -10.85
C ASP A 546 -0.26 -28.20 -11.47
N LYS A 547 -1.27 -27.63 -12.14
CA LYS A 547 -1.12 -26.33 -12.76
C LYS A 547 -0.90 -25.25 -11.69
N LYS A 548 0.06 -24.37 -11.94
CA LYS A 548 0.44 -23.34 -10.97
C LYS A 548 -0.40 -22.07 -11.21
N ASN A 549 -1.71 -22.25 -11.04
CA ASN A 549 -2.70 -21.17 -11.10
C ASN A 549 -3.59 -21.24 -9.87
N SER A 550 -2.94 -21.32 -8.70
CA SER A 550 -3.59 -21.57 -7.41
C SER A 550 -4.81 -20.68 -7.15
N GLU A 551 -4.90 -19.54 -7.83
CA GLU A 551 -6.08 -18.70 -7.74
C GLU A 551 -7.31 -19.46 -8.21
N ASN A 552 -7.13 -20.31 -9.22
CA ASN A 552 -8.26 -21.06 -9.76
C ASN A 552 -8.67 -22.21 -8.84
N LEU A 553 -7.81 -22.58 -7.89
CA LEU A 553 -8.13 -23.65 -6.96
C LEU A 553 -9.34 -23.32 -6.11
N PHE A 554 -9.58 -22.03 -5.88
CA PHE A 554 -10.70 -21.61 -5.03
C PHE A 554 -12.04 -22.02 -5.65
N ILE A 555 -12.15 -21.90 -6.98
CA ILE A 555 -13.38 -22.33 -7.65
C ILE A 555 -13.62 -23.81 -7.44
N GLU A 556 -12.56 -24.62 -7.50
CA GLU A 556 -12.68 -26.03 -7.19
C GLU A 556 -13.10 -26.24 -5.75
N ARG A 557 -12.54 -25.46 -4.82
CA ARG A 557 -12.97 -25.53 -3.44
C ARG A 557 -14.43 -25.09 -3.31
N TYR A 558 -14.85 -24.10 -4.10
CA TYR A 558 -16.25 -23.70 -4.08
C TYR A 558 -17.16 -24.83 -4.51
N TYR A 559 -16.76 -25.59 -5.54
CA TYR A 559 -17.53 -26.77 -5.91
C TYR A 559 -17.53 -27.81 -4.80
N GLN A 560 -16.38 -28.01 -4.15
CA GLN A 560 -16.29 -28.98 -3.08
C GLN A 560 -17.16 -28.61 -1.88
N LEU A 561 -17.41 -27.32 -1.67
CA LEU A 561 -18.20 -26.87 -0.52
C LEU A 561 -19.69 -26.84 -0.81
N LEU A 562 -20.07 -26.39 -2.00
CA LEU A 562 -21.49 -26.25 -2.33
C LEU A 562 -22.18 -27.60 -2.40
N LYS A 563 -23.36 -27.69 -1.82
CA LYS A 563 -24.21 -28.86 -1.98
C LYS A 563 -24.93 -28.80 -3.32
N GLU A 564 -25.54 -29.92 -3.70
CA GLU A 564 -26.29 -29.98 -4.94
C GLU A 564 -27.42 -28.97 -4.94
N GLY A 565 -27.32 -27.97 -5.80
CA GLY A 565 -28.31 -26.89 -5.85
C GLY A 565 -27.92 -25.62 -5.13
N GLY A 566 -26.67 -25.50 -4.67
CA GLY A 566 -26.25 -24.30 -3.98
C GLY A 566 -25.99 -23.14 -4.92
N ARG A 567 -25.74 -21.98 -4.32
CA ARG A 567 -25.53 -20.75 -5.06
C ARG A 567 -24.14 -20.20 -4.78
N LEU A 568 -23.48 -19.72 -5.83
CA LEU A 568 -22.11 -19.22 -5.75
C LEU A 568 -22.05 -17.80 -6.26
N GLY A 569 -21.41 -16.92 -5.49
CA GLY A 569 -21.18 -15.55 -5.90
C GLY A 569 -19.76 -15.11 -5.61
N VAL A 570 -19.02 -14.71 -6.64
CA VAL A 570 -17.59 -14.42 -6.52
C VAL A 570 -17.28 -13.13 -7.26
N VAL A 571 -16.02 -12.68 -7.08
CA VAL A 571 -15.55 -11.41 -7.62
C VAL A 571 -14.36 -11.70 -8.52
N LEU A 572 -14.40 -12.84 -9.22
CA LEU A 572 -13.26 -13.31 -9.99
C LEU A 572 -12.81 -12.27 -11.02
N PRO A 573 -11.51 -12.15 -11.24
CA PRO A 573 -11.00 -11.20 -12.23
C PRO A 573 -11.32 -11.65 -13.65
N GLU A 574 -10.94 -10.79 -14.60
CA GLU A 574 -11.29 -11.03 -16.00
C GLU A 574 -10.50 -12.19 -16.60
N SER A 575 -9.34 -12.52 -16.03
CA SER A 575 -8.50 -13.57 -16.59
C SER A 575 -9.22 -14.90 -16.67
N VAL A 576 -10.14 -15.15 -15.73
CA VAL A 576 -10.95 -16.36 -15.80
C VAL A 576 -11.83 -16.34 -17.04
N PHE A 577 -12.28 -15.17 -17.44
CA PHE A 577 -13.24 -15.02 -18.54
C PHE A 577 -12.60 -14.89 -19.91
N ASP A 578 -11.39 -14.33 -20.01
CA ASP A 578 -10.87 -13.97 -21.33
C ASP A 578 -9.58 -14.71 -21.70
N THR A 579 -8.64 -14.81 -20.77
CA THR A 579 -7.31 -15.35 -21.09
C THR A 579 -7.40 -16.79 -21.59
N THR A 580 -6.61 -17.09 -22.62
CA THR A 580 -6.62 -18.42 -23.23
C THR A 580 -6.08 -19.48 -22.26
N GLU A 581 -5.10 -19.10 -21.45
CA GLU A 581 -4.43 -20.04 -20.55
C GLU A 581 -5.43 -20.66 -19.57
N ASN A 582 -6.37 -19.86 -19.07
CA ASN A 582 -7.38 -20.37 -18.14
C ASN A 582 -8.58 -20.95 -18.89
N LYS A 583 -8.32 -21.86 -19.82
CA LYS A 583 -9.39 -22.53 -20.55
C LYS A 583 -9.97 -23.70 -19.77
N TYR A 584 -9.12 -24.43 -19.03
CA TYR A 584 -9.59 -25.60 -18.29
C TYR A 584 -10.59 -25.21 -17.21
N ILE A 585 -10.35 -24.08 -16.55
CA ILE A 585 -11.22 -23.66 -15.45
C ILE A 585 -12.61 -23.33 -15.98
N ARG A 586 -12.71 -22.74 -17.17
CA ARG A 586 -14.01 -22.45 -17.75
C ARG A 586 -14.77 -23.73 -18.07
N LEU A 587 -14.06 -24.74 -18.61
CA LEU A 587 -14.70 -26.01 -18.88
C LEU A 587 -15.16 -26.69 -17.60
N PHE A 588 -14.35 -26.59 -16.54
CA PHE A 588 -14.76 -27.12 -15.24
C PHE A 588 -16.02 -26.44 -14.72
N ILE A 589 -16.06 -25.10 -14.84
CA ILE A 589 -17.23 -24.36 -14.39
C ILE A 589 -18.47 -24.76 -15.18
N PHE A 590 -18.33 -24.83 -16.50
CA PHE A 590 -19.45 -25.23 -17.35
C PHE A 590 -19.90 -26.66 -17.06
N LYS A 591 -18.97 -27.54 -16.69
CA LYS A 591 -19.32 -28.92 -16.42
C LYS A 591 -20.07 -29.08 -15.10
N TYR A 592 -19.60 -28.40 -14.04
CA TYR A 592 -20.15 -28.60 -12.71
C TYR A 592 -21.08 -27.48 -12.25
N PHE A 593 -21.25 -26.43 -13.05
CA PHE A 593 -22.11 -25.32 -12.65
C PHE A 593 -23.00 -24.90 -13.79
N LYS A 594 -24.20 -24.43 -13.44
CA LYS A 594 -25.10 -23.78 -14.39
C LYS A 594 -24.87 -22.28 -14.28
N VAL A 595 -24.01 -21.73 -15.14
CA VAL A 595 -23.75 -20.30 -15.12
C VAL A 595 -25.06 -19.54 -15.34
N LYS A 596 -25.39 -18.65 -14.42
CA LYS A 596 -26.68 -17.99 -14.44
C LYS A 596 -26.61 -16.47 -14.54
N ALA A 597 -25.46 -15.86 -14.25
CA ALA A 597 -25.31 -14.42 -14.35
C ALA A 597 -23.84 -14.06 -14.31
N VAL A 598 -23.51 -12.95 -14.96
CA VAL A 598 -22.16 -12.39 -14.91
C VAL A 598 -22.27 -10.88 -15.14
N VAL A 599 -21.61 -10.11 -14.28
CA VAL A 599 -21.65 -8.66 -14.32
C VAL A 599 -20.23 -8.15 -14.48
N SER A 600 -19.98 -7.39 -15.56
CA SER A 600 -18.66 -6.84 -15.82
C SER A 600 -18.49 -5.56 -15.01
N LEU A 601 -17.86 -5.66 -13.86
CA LEU A 601 -17.62 -4.49 -13.03
C LEU A 601 -16.62 -3.56 -13.70
N PRO A 602 -16.72 -2.26 -13.44
CA PRO A 602 -15.81 -1.29 -14.06
C PRO A 602 -14.41 -1.40 -13.44
N GLN A 603 -13.49 -0.65 -14.03
CA GLN A 603 -12.09 -0.66 -13.62
C GLN A 603 -11.81 0.30 -12.47
N VAL A 604 -12.85 0.75 -11.77
CA VAL A 604 -12.70 1.76 -10.72
C VAL A 604 -13.14 1.23 -9.35
N THR A 605 -13.63 0.00 -9.27
CA THR A 605 -14.15 -0.52 -7.99
C THR A 605 -13.05 -0.56 -6.94
N PHE A 606 -11.87 -1.05 -7.30
CA PHE A 606 -10.72 -1.11 -6.40
C PHE A 606 -9.66 -0.08 -6.76
N GLU A 607 -10.07 1.04 -7.37
CA GLU A 607 -9.19 2.02 -8.00
C GLU A 607 -8.02 2.47 -7.11
N PRO A 608 -8.24 2.88 -5.87
CA PRO A 608 -7.09 3.31 -5.05
C PRO A 608 -6.10 2.21 -4.76
N PHE A 609 -6.54 0.95 -4.69
CA PHE A 609 -5.66 -0.15 -4.34
C PHE A 609 -5.08 -0.83 -5.58
N THR A 610 -5.95 -1.35 -6.44
CA THR A 610 -5.50 -2.05 -7.64
C THR A 610 -6.47 -1.77 -8.79
N SER A 611 -5.92 -1.65 -9.99
CA SER A 611 -6.72 -1.36 -11.18
C SER A 611 -7.12 -2.60 -11.96
N THR A 612 -6.86 -3.79 -11.41
CA THR A 612 -7.23 -5.04 -12.08
C THR A 612 -8.73 -5.11 -12.28
N LYS A 613 -9.17 -5.41 -13.51
CA LYS A 613 -10.60 -5.52 -13.78
C LYS A 613 -11.13 -6.84 -13.26
N THR A 614 -12.34 -6.80 -12.71
CA THR A 614 -13.01 -7.98 -12.19
C THR A 614 -14.44 -8.04 -12.72
N SER A 615 -15.00 -9.25 -12.75
CA SER A 615 -16.37 -9.45 -13.20
C SER A 615 -17.04 -10.43 -12.27
N LEU A 616 -18.15 -10.01 -11.65
CA LEU A 616 -18.86 -10.89 -10.74
C LEU A 616 -19.41 -12.10 -11.49
N LEU A 617 -19.29 -13.28 -10.88
CA LEU A 617 -19.77 -14.52 -11.45
C LEU A 617 -20.79 -15.15 -10.51
N PHE A 618 -21.92 -15.55 -11.07
CA PHE A 618 -22.97 -16.22 -10.32
C PHE A 618 -23.27 -17.56 -10.98
N ALA A 619 -23.47 -18.59 -10.15
CA ALA A 619 -23.71 -19.93 -10.69
C ALA A 619 -24.46 -20.75 -9.66
N GLN A 620 -25.09 -21.83 -10.13
CA GLN A 620 -25.78 -22.78 -9.29
C GLN A 620 -25.23 -24.16 -9.59
N LYS A 621 -24.72 -24.84 -8.56
CA LYS A 621 -24.06 -26.12 -8.76
C LYS A 621 -25.06 -27.15 -9.30
N LYS A 622 -24.65 -27.87 -10.33
CA LYS A 622 -25.54 -28.84 -10.97
C LYS A 622 -25.68 -30.09 -10.12
N THR A 623 -26.86 -30.70 -10.20
CA THR A 623 -27.10 -31.96 -9.51
C THR A 623 -26.38 -33.09 -10.26
N LYS A 624 -26.34 -34.26 -9.61
CA LYS A 624 -25.67 -35.41 -10.21
C LYS A 624 -26.39 -35.92 -11.44
N GLU A 625 -27.72 -35.83 -11.48
CA GLU A 625 -28.50 -36.28 -12.62
C GLU A 625 -28.22 -35.48 -13.89
N GLU A 626 -27.60 -34.31 -13.77
CA GLU A 626 -27.16 -33.54 -14.93
C GLU A 626 -25.68 -33.70 -15.22
N VAL A 627 -24.85 -33.91 -14.18
CA VAL A 627 -23.45 -34.18 -14.42
C VAL A 627 -23.28 -35.52 -15.14
N GLU A 628 -24.13 -36.49 -14.83
CA GLU A 628 -24.09 -37.75 -15.55
C GLU A 628 -24.46 -37.56 -17.03
N GLN A 629 -25.45 -36.72 -17.31
CA GLN A 629 -25.80 -36.41 -18.69
C GLN A 629 -24.64 -35.73 -19.41
N TRP A 630 -23.97 -34.79 -18.73
CA TRP A 630 -22.81 -34.13 -19.31
C TRP A 630 -21.72 -35.15 -19.63
N ASN A 631 -21.46 -36.06 -18.70
CA ASN A 631 -20.42 -37.07 -18.91
C ASN A 631 -20.78 -38.00 -20.06
N GLU A 632 -22.05 -38.38 -20.19
CA GLU A 632 -22.47 -39.22 -21.29
C GLU A 632 -22.31 -38.51 -22.62
N LEU A 633 -22.68 -37.23 -22.68
CA LEU A 633 -22.55 -36.46 -23.91
C LEU A 633 -21.09 -36.28 -24.29
N TRP A 634 -20.23 -36.03 -23.30
CA TRP A 634 -18.81 -35.83 -23.52
C TRP A 634 -18.12 -37.05 -24.10
N ASP A 635 -18.69 -38.24 -23.91
CA ASP A 635 -18.17 -39.46 -24.52
C ASP A 635 -18.82 -39.77 -25.85
N LYS A 636 -20.13 -39.52 -25.97
CA LYS A 636 -20.81 -39.73 -27.24
C LYS A 636 -20.23 -38.84 -28.33
N TYR A 637 -19.89 -37.61 -27.99
CA TYR A 637 -19.23 -36.70 -28.93
C TYR A 637 -17.71 -36.74 -28.82
N GLY A 638 -17.15 -37.64 -28.02
CA GLY A 638 -15.72 -37.83 -27.97
C GLY A 638 -15.29 -38.96 -28.88
N LYS A 639 -16.03 -40.07 -28.83
CA LYS A 639 -15.75 -41.19 -29.74
C LYS A 639 -15.92 -40.78 -31.19
N GLU A 640 -16.98 -40.02 -31.48
CA GLU A 640 -17.18 -39.51 -32.83
C GLU A 640 -16.03 -38.61 -33.26
N TRP A 641 -15.56 -37.75 -32.36
CA TRP A 641 -14.44 -36.87 -32.68
C TRP A 641 -13.18 -37.68 -32.98
N SER A 642 -12.92 -38.73 -32.20
CA SER A 642 -11.74 -39.56 -32.43
C SER A 642 -11.82 -40.25 -33.79
N LEU A 643 -12.99 -40.82 -34.10
CA LEU A 643 -13.16 -41.48 -35.39
C LEU A 643 -12.99 -40.49 -36.54
N LEU A 644 -13.58 -39.29 -36.40
CA LEU A 644 -13.45 -38.26 -37.42
C LEU A 644 -11.99 -37.84 -37.58
N LYS A 645 -11.26 -37.74 -36.47
CA LYS A 645 -9.85 -37.40 -36.53
C LYS A 645 -9.08 -38.44 -37.35
N THR A 646 -9.33 -39.72 -37.07
CA THR A 646 -8.65 -40.77 -37.81
C THR A 646 -8.97 -40.70 -39.30
N ARG A 647 -10.25 -40.55 -39.64
CA ARG A 647 -10.65 -40.50 -41.04
C ARG A 647 -10.05 -39.29 -41.75
N ILE A 648 -10.06 -38.14 -41.10
CA ILE A 648 -9.54 -36.92 -41.73
C ILE A 648 -8.03 -37.01 -41.89
N ASN A 649 -7.35 -37.61 -40.92
CA ASN A 649 -5.91 -37.79 -41.06
C ASN A 649 -5.59 -38.70 -42.24
N ASP A 650 -6.37 -39.78 -42.40
CA ASP A 650 -6.16 -40.67 -43.54
C ASP A 650 -6.43 -39.94 -44.86
N TYR A 651 -7.50 -39.14 -44.90
CA TYR A 651 -7.84 -38.40 -46.11
C TYR A 651 -6.74 -37.40 -46.47
N PHE A 652 -6.20 -36.71 -45.46
CA PHE A 652 -5.12 -35.76 -45.71
C PHE A 652 -3.86 -36.48 -46.18
N SER A 653 -3.59 -37.65 -45.61
CA SER A 653 -2.42 -38.43 -46.02
C SER A 653 -2.52 -38.86 -47.48
N TYR A 654 -3.71 -39.33 -47.87
CA TYR A 654 -3.85 -39.83 -49.24
C TYR A 654 -4.03 -38.72 -50.26
N PHE A 655 -5.09 -37.93 -50.12
CA PHE A 655 -5.48 -36.96 -51.15
C PHE A 655 -4.44 -35.88 -51.38
N VAL A 656 -3.85 -35.36 -50.30
CA VAL A 656 -2.94 -34.23 -50.41
C VAL A 656 -1.50 -34.71 -50.56
N LYS A 657 -1.00 -35.44 -49.57
CA LYS A 657 0.39 -35.86 -49.59
C LYS A 657 0.66 -36.97 -50.59
N GLY A 658 -0.38 -37.58 -51.16
CA GLY A 658 -0.19 -38.61 -52.15
C GLY A 658 0.43 -39.90 -51.63
N ARG A 659 0.21 -40.21 -50.35
CA ARG A 659 0.80 -41.40 -49.78
C ARG A 659 0.19 -42.65 -50.43
N PRO A 660 0.96 -43.73 -50.57
CA PRO A 660 0.40 -44.95 -51.15
C PRO A 660 -0.71 -45.53 -50.28
N LEU A 661 -1.69 -46.14 -50.92
CA LEU A 661 -2.83 -46.69 -50.21
C LEU A 661 -2.40 -47.86 -49.33
N ASN A 662 -2.90 -47.87 -48.09
CA ASN A 662 -2.66 -48.95 -47.15
C ASN A 662 -4.01 -49.53 -46.72
N LYS A 663 -4.15 -50.84 -46.85
CA LYS A 663 -5.40 -51.50 -46.45
C LYS A 663 -5.61 -51.48 -44.94
N LYS A 664 -4.59 -51.15 -44.17
CA LYS A 664 -4.67 -51.20 -42.72
C LYS A 664 -5.21 -49.90 -42.11
N TRP A 665 -5.58 -48.92 -42.94
CA TRP A 665 -6.07 -47.64 -42.42
C TRP A 665 -7.35 -47.83 -41.62
N ALA A 666 -8.42 -48.27 -42.28
CA ALA A 666 -9.74 -48.46 -41.68
C ALA A 666 -10.67 -49.10 -42.70
N PRO A 667 -11.65 -49.91 -42.28
CA PRO A 667 -12.59 -50.48 -43.25
C PRO A 667 -13.47 -49.44 -43.92
N ASP A 668 -13.71 -48.29 -43.27
CA ASP A 668 -14.46 -47.20 -43.88
C ASP A 668 -13.58 -46.20 -44.60
N VAL A 669 -12.29 -46.10 -44.23
CA VAL A 669 -11.38 -45.21 -44.93
C VAL A 669 -11.08 -45.77 -46.33
N VAL A 670 -10.52 -46.97 -46.39
CA VAL A 670 -10.29 -47.63 -47.68
C VAL A 670 -11.54 -48.44 -47.96
N LYS A 671 -12.59 -47.73 -48.38
CA LYS A 671 -13.77 -48.32 -49.01
C LYS A 671 -14.31 -47.47 -50.14
N ASP A 672 -13.96 -46.19 -50.21
CA ASP A 672 -14.48 -45.27 -51.19
C ASP A 672 -13.40 -44.56 -52.00
N ILE A 673 -12.13 -44.68 -51.61
CA ILE A 673 -11.06 -44.07 -52.39
C ILE A 673 -11.04 -44.65 -53.80
N GLN A 674 -11.23 -45.96 -53.92
CA GLN A 674 -11.28 -46.58 -55.24
C GLN A 674 -12.58 -46.23 -55.95
N GLU A 675 -13.68 -46.17 -55.23
CA GLU A 675 -14.99 -45.88 -55.80
C GLU A 675 -15.30 -44.39 -55.88
N GLY A 676 -14.39 -43.54 -55.41
CA GLY A 676 -14.59 -42.11 -55.42
C GLY A 676 -15.43 -41.64 -54.25
N ASN A 677 -16.75 -41.80 -54.35
CA ASN A 677 -17.72 -41.44 -53.31
C ASN A 677 -17.33 -40.14 -52.61
N GLU A 678 -17.25 -39.08 -53.41
CA GLU A 678 -16.81 -37.79 -52.89
C GLU A 678 -17.76 -37.28 -51.81
N ASP A 679 -19.06 -37.48 -52.00
CA ASP A 679 -20.04 -36.97 -51.05
C ASP A 679 -19.85 -37.58 -49.66
N ASN A 680 -19.58 -38.88 -49.59
CA ASN A 680 -19.36 -39.52 -48.29
C ASN A 680 -18.14 -38.94 -47.59
N ILE A 681 -17.04 -38.75 -48.33
CA ILE A 681 -15.87 -38.08 -47.77
C ILE A 681 -16.19 -36.61 -47.48
N ARG A 682 -17.01 -35.99 -48.33
CA ARG A 682 -17.39 -34.59 -48.12
C ARG A 682 -18.15 -34.41 -46.82
N LYS A 683 -19.06 -35.32 -46.50
CA LYS A 683 -19.78 -35.24 -45.23
C LYS A 683 -18.83 -35.32 -44.06
N ASN A 684 -17.85 -36.22 -44.12
CA ASN A 684 -16.89 -36.37 -43.03
C ASN A 684 -16.03 -35.13 -42.87
N ILE A 685 -15.56 -34.57 -43.99
CA ILE A 685 -14.67 -33.40 -43.89
C ILE A 685 -15.45 -32.17 -43.44
N PHE A 686 -16.74 -32.09 -43.78
CA PHE A 686 -17.56 -30.99 -43.28
C PHE A 686 -17.83 -31.14 -41.79
N ARG A 687 -18.17 -32.36 -41.35
CA ARG A 687 -18.52 -32.56 -39.96
C ARG A 687 -17.33 -32.33 -39.03
N PHE A 688 -16.13 -32.74 -39.47
CA PHE A 688 -14.94 -32.52 -38.65
C PHE A 688 -14.69 -31.04 -38.43
N LEU A 689 -14.87 -30.24 -39.47
CA LEU A 689 -14.82 -28.78 -39.37
C LEU A 689 -16.20 -28.20 -39.11
N LYS A 690 -16.74 -28.44 -37.91
CA LYS A 690 -18.13 -28.08 -37.64
C LYS A 690 -18.34 -26.58 -37.73
N ASP A 691 -17.41 -25.78 -37.20
CA ASP A 691 -17.40 -24.34 -37.47
C ASP A 691 -16.01 -23.95 -37.99
N HIS A 692 -15.75 -24.30 -39.25
CA HIS A 692 -14.78 -23.62 -40.09
C HIS A 692 -15.23 -23.50 -41.54
N ILE A 693 -16.17 -24.33 -41.99
CA ILE A 693 -16.51 -24.43 -43.40
C ILE A 693 -17.43 -23.28 -43.80
N LYS A 694 -17.43 -22.99 -45.10
CA LYS A 694 -18.34 -22.01 -45.68
C LYS A 694 -19.05 -22.65 -46.85
N GLU A 695 -20.19 -22.06 -47.22
CA GLU A 695 -20.98 -22.61 -48.32
C GLU A 695 -20.21 -22.61 -49.63
N GLU A 696 -19.41 -21.56 -49.86
CA GLU A 696 -18.61 -21.47 -51.07
C GLU A 696 -17.61 -22.61 -51.20
N ASP A 697 -17.23 -23.24 -50.09
CA ASP A 697 -16.32 -24.38 -50.11
C ASP A 697 -17.01 -25.67 -50.49
N LYS A 698 -18.33 -25.68 -50.64
CA LYS A 698 -19.05 -26.90 -51.00
C LYS A 698 -18.76 -27.34 -52.43
N ASN A 699 -18.15 -26.49 -53.25
CA ASN A 699 -17.86 -26.83 -54.64
C ASN A 699 -16.39 -27.13 -54.92
N LEU A 700 -15.50 -26.83 -53.98
CA LEU A 700 -14.08 -27.07 -54.20
C LEU A 700 -13.78 -28.56 -54.22
N GLU A 701 -12.67 -28.90 -54.89
CA GLU A 701 -12.24 -30.28 -54.97
C GLU A 701 -11.77 -30.78 -53.61
N ILE A 702 -11.79 -32.10 -53.44
CA ILE A 702 -11.41 -32.71 -52.16
C ILE A 702 -9.97 -32.35 -51.81
N LYS A 703 -9.07 -32.36 -52.80
CA LYS A 703 -7.68 -32.00 -52.56
C LYS A 703 -7.56 -30.56 -52.10
N ASP A 704 -8.31 -29.65 -52.72
CA ASP A 704 -8.21 -28.24 -52.37
C ASP A 704 -8.78 -27.96 -50.98
N LEU A 705 -9.83 -28.67 -50.58
CA LEU A 705 -10.41 -28.43 -49.26
C LEU A 705 -9.43 -28.76 -48.15
N LEU A 706 -8.74 -29.90 -48.26
CA LEU A 706 -7.74 -30.25 -47.26
C LEU A 706 -6.49 -29.40 -47.35
N ILE A 707 -6.27 -28.72 -48.47
CA ILE A 707 -5.13 -27.80 -48.61
C ILE A 707 -5.50 -26.42 -48.10
N LYS A 708 -6.68 -25.92 -48.47
CA LYS A 708 -7.13 -24.61 -48.00
C LYS A 708 -7.27 -24.60 -46.49
N TYR A 709 -7.84 -25.66 -45.91
CA TYR A 709 -8.06 -25.74 -44.48
C TYR A 709 -6.90 -26.38 -43.74
N ALA A 710 -5.76 -26.55 -44.40
CA ALA A 710 -4.55 -26.97 -43.71
C ALA A 710 -4.12 -25.89 -42.73
N GLU A 711 -3.20 -26.25 -41.83
CA GLU A 711 -2.72 -25.38 -40.76
C GLU A 711 -3.83 -25.13 -39.75
N GLU A 712 -5.00 -25.69 -40.01
CA GLU A 712 -6.16 -25.64 -39.13
C GLU A 712 -6.70 -27.03 -38.84
N ILE A 713 -6.51 -27.98 -39.77
CA ILE A 713 -6.89 -29.36 -39.50
C ILE A 713 -6.14 -29.90 -38.30
N SER A 714 -4.83 -29.64 -38.24
CA SER A 714 -4.03 -30.09 -37.11
C SER A 714 -4.47 -29.43 -35.82
N SER A 715 -4.85 -28.15 -35.90
CA SER A 715 -5.26 -27.43 -34.70
C SER A 715 -6.49 -28.05 -34.05
N ILE A 716 -7.43 -28.54 -34.87
CA ILE A 716 -8.65 -29.15 -34.37
C ILE A 716 -8.44 -30.65 -34.24
N SER A 717 -7.18 -31.09 -34.37
CA SER A 717 -6.81 -32.50 -34.28
C SER A 717 -5.83 -32.73 -33.13
N LYS A 718 -6.05 -32.07 -32.00
CA LYS A 718 -5.22 -32.24 -30.82
C LYS A 718 -6.10 -32.50 -29.61
N HIS A 719 -5.59 -33.30 -28.69
CA HIS A 719 -6.28 -33.58 -27.44
C HIS A 719 -6.12 -32.38 -26.51
N GLU A 720 -6.53 -32.55 -25.25
CA GLU A 720 -6.55 -31.45 -24.28
C GLU A 720 -5.27 -31.36 -23.47
N LYS A 721 -4.13 -31.74 -24.05
CA LYS A 721 -2.80 -31.66 -23.44
C LYS A 721 -2.85 -32.36 -22.07
N GLU A 722 -2.09 -31.88 -21.08
CA GLU A 722 -2.05 -32.56 -19.79
C GLU A 722 -3.37 -32.36 -19.05
N THR A 723 -4.31 -33.28 -19.26
CA THR A 723 -5.60 -33.24 -18.56
C THR A 723 -6.23 -34.62 -18.67
N ASP A 724 -6.42 -35.27 -17.53
CA ASP A 724 -7.10 -36.56 -17.47
C ASP A 724 -8.60 -36.44 -17.20
N VAL A 725 -9.11 -35.22 -17.11
CA VAL A 725 -10.52 -34.97 -16.84
C VAL A 725 -11.33 -34.90 -18.13
N PHE A 726 -10.84 -34.13 -19.11
CA PHE A 726 -11.56 -33.99 -20.37
C PHE A 726 -11.35 -35.17 -21.31
N GLY A 727 -10.36 -36.02 -21.03
CA GLY A 727 -10.07 -37.14 -21.90
C GLY A 727 -9.17 -36.75 -23.06
N PHE A 728 -8.92 -37.73 -23.92
CA PHE A 728 -8.09 -37.53 -25.11
C PHE A 728 -8.95 -37.09 -26.29
N TYR A 729 -9.65 -35.97 -26.08
CA TYR A 729 -10.52 -35.40 -27.09
C TYR A 729 -10.35 -33.89 -27.10
N ASN A 730 -10.47 -33.29 -28.29
CA ASN A 730 -10.47 -31.83 -28.39
C ASN A 730 -11.73 -31.29 -27.74
N ALA A 731 -11.57 -30.61 -26.61
CA ALA A 731 -12.73 -30.14 -25.85
C ALA A 731 -13.57 -29.16 -26.67
N TRP A 732 -12.92 -28.34 -27.49
CA TRP A 732 -13.63 -27.29 -28.21
C TRP A 732 -14.71 -27.87 -29.11
N TRP A 733 -14.39 -28.94 -29.84
CA TRP A 733 -15.39 -29.60 -30.68
C TRP A 733 -16.47 -30.25 -29.83
N VAL A 734 -16.07 -31.02 -28.82
CA VAL A 734 -17.03 -31.70 -27.97
C VAL A 734 -17.86 -30.70 -27.19
N PHE A 735 -17.23 -29.65 -26.66
CA PHE A 735 -17.99 -28.63 -25.95
C PHE A 735 -18.95 -27.91 -26.88
N GLY A 736 -18.53 -27.63 -28.11
CA GLY A 736 -19.41 -27.00 -29.07
C GLY A 736 -20.64 -27.83 -29.37
N GLU A 737 -20.47 -29.15 -29.46
CA GLU A 737 -21.62 -30.03 -29.66
C GLU A 737 -22.51 -30.09 -28.42
N VAL A 738 -21.90 -30.24 -27.24
CA VAL A 738 -22.65 -30.40 -26.00
C VAL A 738 -23.48 -29.14 -25.72
N ALA A 739 -22.87 -27.97 -25.89
CA ALA A 739 -23.54 -26.70 -25.66
C ALA A 739 -24.72 -26.56 -26.62
N LYS A 740 -24.55 -27.02 -27.86
CA LYS A 740 -25.67 -27.02 -28.81
C LYS A 740 -26.81 -27.89 -28.30
N GLU A 741 -26.48 -29.09 -27.80
CA GLU A 741 -27.53 -29.93 -27.23
C GLU A 741 -28.01 -29.40 -25.88
N LEU A 742 -27.07 -29.05 -25.00
CA LEU A 742 -27.41 -28.53 -23.67
C LEU A 742 -27.23 -27.01 -23.66
N ASP A 743 -28.27 -26.33 -24.13
CA ASP A 743 -28.25 -24.88 -24.24
C ASP A 743 -29.30 -24.26 -23.33
N TYR A 744 -28.91 -23.16 -22.67
CA TYR A 744 -29.81 -22.44 -21.78
C TYR A 744 -29.41 -20.97 -21.76
N PRO A 745 -30.37 -20.05 -21.68
CA PRO A 745 -30.04 -18.63 -21.68
C PRO A 745 -29.28 -18.23 -20.42
N ILE A 746 -28.41 -17.24 -20.57
CA ILE A 746 -27.55 -16.76 -19.49
C ILE A 746 -27.59 -15.24 -19.46
N PHE A 747 -27.81 -14.68 -18.28
CA PHE A 747 -27.84 -13.24 -18.12
C PHE A 747 -26.46 -12.63 -18.38
N MET A 748 -26.46 -11.40 -18.88
CA MET A 748 -25.22 -10.74 -19.30
C MET A 748 -25.40 -9.24 -19.15
N ALA A 749 -24.57 -8.61 -18.32
CA ALA A 749 -24.67 -7.17 -18.10
C ALA A 749 -23.32 -6.64 -17.66
N GLU A 750 -23.17 -5.32 -17.79
CA GLU A 750 -21.96 -4.63 -17.35
C GLU A 750 -22.34 -3.34 -16.65
N ALA A 751 -21.44 -2.87 -15.79
CA ALA A 751 -21.62 -1.64 -15.05
C ALA A 751 -20.45 -0.71 -15.33
N GLU A 752 -20.76 0.57 -15.60
CA GLU A 752 -19.73 1.56 -15.87
C GLU A 752 -19.47 2.49 -14.69
N ASN A 753 -20.32 2.47 -13.66
CA ASN A 753 -20.14 3.32 -12.49
C ASN A 753 -20.87 2.68 -11.32
N VAL A 754 -20.10 2.26 -10.31
CA VAL A 754 -20.69 1.53 -9.18
C VAL A 754 -21.37 2.49 -8.21
N GLY A 755 -20.90 3.74 -8.14
CA GLY A 755 -21.51 4.70 -7.25
C GLY A 755 -20.50 5.48 -6.43
N TYR A 756 -19.32 4.90 -6.25
CA TYR A 756 -18.24 5.53 -5.51
C TYR A 756 -17.00 5.66 -6.40
N LYS A 757 -16.11 6.56 -6.00
CA LYS A 757 -14.80 6.68 -6.64
C LYS A 757 -13.79 6.97 -5.51
N ARG A 758 -13.21 5.90 -4.98
CA ARG A 758 -12.26 6.05 -3.90
C ARG A 758 -10.90 6.46 -4.43
N THR A 759 -10.18 7.26 -3.65
CA THR A 759 -8.86 7.73 -4.04
C THR A 759 -7.98 7.81 -2.79
N LYS A 760 -6.76 8.29 -2.99
CA LYS A 760 -5.81 8.41 -1.89
C LYS A 760 -6.18 9.56 -0.97
N LYS A 761 -7.18 10.35 -1.37
CA LYS A 761 -7.66 11.50 -0.59
C LYS A 761 -9.15 11.36 -0.34
N GLY A 762 -9.58 10.17 0.08
CA GLY A 762 -10.96 9.92 0.40
C GLY A 762 -11.73 9.30 -0.75
N GLU A 763 -13.03 9.59 -0.77
CA GLU A 763 -13.92 9.11 -1.82
C GLU A 763 -14.92 10.21 -2.14
N LYS A 764 -15.74 9.95 -3.17
CA LYS A 764 -16.71 10.93 -3.63
C LYS A 764 -17.89 10.21 -4.27
N PRO A 765 -19.11 10.70 -4.07
CA PRO A 765 -20.27 10.06 -4.69
C PRO A 765 -20.21 10.10 -6.21
N MET A 766 -20.71 9.03 -6.83
CA MET A 766 -20.76 8.89 -8.27
C MET A 766 -22.10 8.25 -8.64
N PRO A 767 -22.53 8.41 -9.89
CA PRO A 767 -23.75 7.72 -10.32
C PRO A 767 -23.61 6.21 -10.18
N ASN A 768 -24.71 5.56 -9.82
CA ASN A 768 -24.72 4.14 -9.54
C ASN A 768 -25.51 3.43 -10.63
N ASP A 769 -24.92 2.37 -11.20
CA ASP A 769 -25.61 1.53 -12.18
C ASP A 769 -26.01 0.18 -11.61
N LEU A 770 -25.41 -0.25 -10.50
CA LEU A 770 -25.72 -1.57 -9.96
C LEU A 770 -27.12 -1.60 -9.34
N TYR A 771 -27.35 -0.74 -8.34
CA TYR A 771 -28.59 -0.76 -7.59
C TYR A 771 -29.07 0.67 -7.39
N ASP A 772 -30.17 0.82 -6.66
CA ASP A 772 -30.73 2.11 -6.31
C ASP A 772 -31.07 2.14 -4.83
N LEU A 773 -30.80 3.27 -4.18
CA LEU A 773 -31.11 3.41 -2.77
C LEU A 773 -32.61 3.63 -2.57
N GLU A 774 -33.03 3.61 -1.31
CA GLU A 774 -34.43 3.83 -0.96
C GLU A 774 -34.75 5.28 -0.67
N TYR A 775 -33.81 6.03 -0.09
CA TYR A 775 -34.06 7.42 0.32
C TYR A 775 -35.25 7.49 1.26
N ALA A 776 -36.44 7.75 0.71
CA ALA A 776 -37.67 7.77 1.48
C ALA A 776 -37.87 6.44 2.20
N PRO A 777 -37.88 6.43 3.53
CA PRO A 777 -38.05 5.18 4.26
C PRO A 777 -39.42 4.57 4.02
N SER A 778 -39.48 3.24 4.10
CA SER A 778 -40.73 2.51 3.92
C SER A 778 -41.76 2.90 4.96
N THR A 779 -41.45 2.65 6.23
CA THR A 779 -42.36 2.96 7.33
C THR A 779 -41.73 4.05 8.19
N LEU A 780 -42.43 5.18 8.31
CA LEU A 780 -42.02 6.26 9.19
C LEU A 780 -43.18 6.61 10.11
N ASP A 781 -42.94 6.57 11.41
CA ASP A 781 -43.97 6.88 12.40
C ASP A 781 -44.35 8.35 12.28
N CYS A 782 -45.56 8.63 11.81
CA CYS A 782 -45.99 10.01 11.61
C CYS A 782 -46.02 10.79 12.91
N GLU A 783 -46.51 10.17 13.99
CA GLU A 783 -46.57 10.87 15.26
C GLU A 783 -45.19 11.17 15.80
N LYS A 784 -44.25 10.23 15.65
CA LYS A 784 -42.88 10.45 16.13
C LYS A 784 -42.21 11.57 15.34
N VAL A 785 -42.28 11.51 14.01
CA VAL A 785 -41.59 12.49 13.19
C VAL A 785 -42.21 13.88 13.36
N LEU A 786 -43.55 13.94 13.39
CA LEU A 786 -44.21 15.22 13.62
C LEU A 786 -43.92 15.76 15.02
N SER A 787 -43.72 14.86 15.98
CA SER A 787 -43.30 15.31 17.30
C SER A 787 -41.90 15.90 17.25
N SER A 788 -41.02 15.33 16.41
CA SER A 788 -39.70 15.95 16.22
C SER A 788 -39.82 17.35 15.63
N PHE A 789 -40.65 17.52 14.60
CA PHE A 789 -40.88 18.87 14.09
C PHE A 789 -41.43 19.80 15.15
N ASP A 790 -42.41 19.33 15.93
CA ASP A 790 -42.97 20.18 16.98
C ASP A 790 -41.95 20.51 18.05
N ILE A 791 -41.03 19.59 18.32
CA ILE A 791 -39.95 19.85 19.27
C ILE A 791 -39.05 20.95 18.74
N GLU A 792 -38.70 20.91 17.45
CA GLU A 792 -37.88 22.00 16.93
C GLU A 792 -38.68 23.31 16.90
N ILE A 793 -39.99 23.23 16.65
CA ILE A 793 -40.84 24.42 16.65
C ILE A 793 -40.80 25.09 18.01
N ASN A 794 -41.02 24.32 19.08
CA ASN A 794 -41.05 24.94 20.39
C ASN A 794 -39.66 25.28 20.92
N ALA A 795 -38.62 24.60 20.42
CA ALA A 795 -37.25 25.01 20.74
C ALA A 795 -36.95 26.39 20.17
N LEU A 796 -37.37 26.66 18.93
CA LEU A 796 -37.18 28.00 18.38
C LEU A 796 -38.12 29.01 19.01
N GLU A 797 -39.34 28.57 19.36
CA GLU A 797 -40.28 29.46 20.03
C GLU A 797 -39.79 29.84 21.42
N ALA A 798 -38.97 29.00 22.04
CA ALA A 798 -38.35 29.38 23.30
C ALA A 798 -37.44 30.59 23.12
N SER A 799 -36.62 30.58 22.06
CA SER A 799 -35.80 31.75 21.75
C SER A 799 -36.66 32.95 21.41
N LYS A 800 -37.76 32.73 20.68
CA LYS A 800 -38.68 33.82 20.38
C LYS A 800 -39.24 34.44 21.66
N THR A 801 -39.66 33.62 22.61
CA THR A 801 -40.19 34.12 23.87
C THR A 801 -39.11 34.82 24.69
N LYS A 802 -37.88 34.30 24.67
CA LYS A 802 -36.79 34.99 25.35
C LYS A 802 -36.57 36.38 24.76
N LEU A 803 -36.51 36.47 23.43
CA LEU A 803 -36.30 37.76 22.78
C LEU A 803 -37.45 38.71 23.09
N SER A 804 -38.68 38.21 23.14
CA SER A 804 -39.80 39.02 23.59
C SER A 804 -39.62 39.46 25.04
N VAL A 805 -38.99 38.63 25.86
CA VAL A 805 -38.73 39.00 27.25
C VAL A 805 -37.76 40.18 27.32
N GLU A 806 -36.66 40.14 26.56
CA GLU A 806 -35.80 41.32 26.56
C GLU A 806 -36.48 42.53 25.94
N LYS A 807 -37.34 42.32 24.93
CA LYS A 807 -38.08 43.45 24.36
C LYS A 807 -38.97 44.12 25.41
N GLY A 808 -39.69 43.31 26.19
CA GLY A 808 -40.49 43.86 27.26
C GLY A 808 -39.67 44.49 28.37
N LEU A 809 -38.51 43.91 28.67
CA LEU A 809 -37.64 44.47 29.70
C LEU A 809 -37.11 45.84 29.29
N LEU A 810 -36.73 46.00 28.03
CA LEU A 810 -36.13 47.25 27.56
C LEU A 810 -37.16 48.28 27.12
N GLU A 811 -38.39 47.87 26.82
CA GLU A 811 -39.40 48.84 26.40
C GLU A 811 -39.80 49.77 27.55
N GLU A 812 -39.50 49.39 28.80
CA GLU A 812 -39.75 50.24 29.94
C GLU A 812 -38.52 51.04 30.36
N LYS A 813 -37.34 50.71 29.83
CA LYS A 813 -36.12 51.44 30.16
C LYS A 813 -35.92 52.69 29.33
N LEU A 814 -36.70 52.88 28.27
CA LEU A 814 -36.55 54.09 27.45
C LEU A 814 -36.89 55.34 28.25
N LYS A 815 -37.98 55.30 29.03
CA LYS A 815 -38.35 56.45 29.85
C LYS A 815 -37.49 56.55 31.10
N ASP A 816 -36.87 55.45 31.53
CA ASP A 816 -36.07 55.47 32.75
C ASP A 816 -34.80 56.31 32.59
N LYS A 817 -34.20 56.30 31.41
CA LYS A 817 -32.97 57.04 31.14
C LYS A 817 -33.27 58.14 30.14
N GLU A 818 -32.71 59.33 30.38
CA GLU A 818 -33.07 60.50 29.57
C GLU A 818 -32.26 60.55 28.27
N ASP A 819 -30.95 60.77 28.37
CA ASP A 819 -30.11 60.88 27.17
C ASP A 819 -28.96 59.87 27.15
N LYS A 820 -28.13 59.84 28.19
CA LYS A 820 -26.82 59.19 28.08
C LYS A 820 -26.96 57.68 27.99
N GLU A 821 -27.48 57.05 29.05
CA GLU A 821 -27.77 55.63 28.96
C GLU A 821 -28.96 55.34 28.06
N ASN A 822 -29.78 56.35 27.78
CA ASN A 822 -30.91 56.17 26.88
C ASN A 822 -30.46 55.84 25.48
N GLU A 823 -29.36 56.46 25.02
CA GLU A 823 -28.84 56.14 23.69
C GLU A 823 -28.42 54.68 23.59
N LYS A 824 -27.70 54.19 24.61
CA LYS A 824 -27.28 52.79 24.61
C LYS A 824 -28.47 51.85 24.69
N ILE A 825 -29.46 52.20 25.52
CA ILE A 825 -30.67 51.38 25.63
C ILE A 825 -31.40 51.33 24.30
N GLN A 826 -31.49 52.47 23.61
CA GLN A 826 -32.15 52.52 22.31
C GLN A 826 -31.41 51.68 21.28
N LYS A 827 -30.07 51.74 21.27
CA LYS A 827 -29.31 50.93 20.33
C LYS A 827 -29.49 49.44 20.61
N ARG A 828 -29.45 49.05 21.89
CA ARG A 828 -29.66 47.65 22.24
C ARG A 828 -31.07 47.20 21.87
N LEU A 829 -32.06 48.06 22.09
CA LEU A 829 -33.43 47.73 21.72
C LEU A 829 -33.58 47.61 20.21
N ASN A 830 -32.89 48.47 19.45
CA ASN A 830 -32.94 48.40 17.99
C ASN A 830 -32.34 47.10 17.47
N LYS A 831 -31.20 46.68 18.03
CA LYS A 831 -30.63 45.42 17.56
C LYS A 831 -31.44 44.22 18.04
N ILE A 832 -32.10 44.34 19.21
CA ILE A 832 -33.04 43.30 19.63
C ILE A 832 -34.20 43.21 18.64
N SER A 833 -34.70 44.36 18.19
CA SER A 833 -35.77 44.35 17.19
C SER A 833 -35.31 43.73 15.89
N GLU A 834 -34.07 44.04 15.46
CA GLU A 834 -33.53 43.43 14.25
C GLU A 834 -33.44 41.92 14.40
N LEU A 835 -33.00 41.45 15.57
CA LEU A 835 -33.05 40.02 15.85
C LEU A 835 -34.47 39.49 15.82
N LEU A 836 -35.45 40.34 16.16
CA LEU A 836 -36.85 39.91 16.08
C LEU A 836 -37.29 39.71 14.64
N GLU A 837 -36.92 40.63 13.73
CA GLU A 837 -37.26 40.35 12.32
C GLU A 837 -36.51 39.14 11.81
N THR A 838 -35.27 38.94 12.27
CA THR A 838 -34.54 37.73 11.88
C THR A 838 -35.26 36.47 12.33
N ILE A 839 -35.72 36.45 13.59
CA ILE A 839 -36.37 35.26 14.13
C ILE A 839 -37.74 35.05 13.51
N GLU A 840 -38.44 36.12 13.11
CA GLU A 840 -39.72 35.93 12.45
C GLU A 840 -39.54 35.50 11.00
N ASN A 841 -38.48 35.96 10.33
CA ASN A 841 -38.13 35.43 9.02
C ASN A 841 -37.67 33.98 9.10
N GLN A 842 -37.19 33.54 10.27
CA GLN A 842 -37.02 32.12 10.50
C GLN A 842 -38.37 31.43 10.71
N LEU A 843 -39.25 32.04 11.50
CA LEU A 843 -40.48 31.38 11.94
C LEU A 843 -41.45 31.16 10.78
N ASP A 844 -41.58 32.15 9.88
CA ASP A 844 -42.51 31.97 8.77
C ASP A 844 -42.06 30.85 7.84
N SER A 845 -40.75 30.78 7.57
CA SER A 845 -40.21 29.67 6.79
C SER A 845 -40.39 28.35 7.53
N ILE A 846 -40.24 28.36 8.85
CA ILE A 846 -40.46 27.15 9.65
C ILE A 846 -41.89 26.66 9.45
N ARG A 847 -42.86 27.57 9.58
CA ARG A 847 -44.26 27.19 9.43
C ARG A 847 -44.56 26.70 8.02
N SER A 848 -44.00 27.37 7.01
CA SER A 848 -44.22 26.95 5.63
C SER A 848 -43.66 25.55 5.40
N LYS A 849 -42.48 25.25 5.96
CA LYS A 849 -41.93 23.92 5.76
C LYS A 849 -42.66 22.87 6.59
N LYS A 850 -43.22 23.24 7.74
CA LYS A 850 -44.10 22.32 8.46
C LYS A 850 -45.30 21.96 7.58
N LEU A 851 -45.91 22.96 6.95
CA LEU A 851 -47.06 22.71 6.10
C LEU A 851 -46.68 21.83 4.91
N GLU A 852 -45.55 22.11 4.28
CA GLU A 852 -45.15 21.29 3.14
C GLU A 852 -44.80 19.87 3.54
N VAL A 853 -44.17 19.69 4.71
CA VAL A 853 -43.88 18.33 5.19
C VAL A 853 -45.17 17.58 5.48
N GLU A 854 -46.14 18.25 6.12
CA GLU A 854 -47.43 17.60 6.37
C GLU A 854 -48.11 17.23 5.06
N GLY A 855 -47.99 18.09 4.04
CA GLY A 855 -48.50 17.73 2.72
C GLY A 855 -47.81 16.51 2.15
N ILE A 856 -46.49 16.42 2.34
CA ILE A 856 -45.73 15.28 1.83
C ILE A 856 -46.21 13.99 2.50
N LEU A 857 -46.37 14.01 3.82
CA LEU A 857 -46.81 12.80 4.52
C LEU A 857 -48.21 12.38 4.08
N GLU A 858 -49.12 13.34 3.94
CA GLU A 858 -50.49 13.00 3.56
C GLU A 858 -50.57 12.49 2.13
N LYS A 859 -49.88 13.14 1.19
CA LYS A 859 -49.97 12.77 -0.20
C LYS A 859 -49.11 11.55 -0.55
N TYR A 860 -48.14 11.19 0.29
CA TYR A 860 -47.25 10.08 0.01
C TYR A 860 -47.35 8.96 1.04
N TYR A 861 -47.24 9.29 2.34
CA TYR A 861 -47.06 8.28 3.36
C TYR A 861 -48.35 7.72 3.92
N GLU A 862 -49.50 8.30 3.57
CA GLU A 862 -50.80 7.84 4.07
C GLU A 862 -50.80 7.81 5.60
N ASN A 863 -50.55 6.65 6.18
CA ASN A 863 -50.52 6.48 7.63
C ASN A 863 -49.37 5.55 7.98
N ASN A 864 -48.29 6.13 8.52
CA ASN A 864 -47.10 5.43 9.01
C ASN A 864 -46.63 4.30 8.10
N LYS A 865 -46.85 4.46 6.80
CA LYS A 865 -46.49 3.45 5.80
C LYS A 865 -46.16 4.17 4.51
N LEU A 866 -46.15 3.42 3.41
CA LEU A 866 -45.98 4.00 2.08
C LEU A 866 -46.96 3.34 1.12
N LYS A 867 -47.61 4.16 0.31
CA LYS A 867 -48.65 3.67 -0.58
C LYS A 867 -48.06 2.77 -1.66
N GLU A 868 -48.88 1.84 -2.16
CA GLU A 868 -48.39 0.84 -3.10
C GLU A 868 -47.97 1.46 -4.42
N GLU A 869 -48.55 2.60 -4.80
CA GLU A 869 -48.14 3.28 -6.02
C GLU A 869 -46.85 4.06 -5.84
N TYR A 870 -46.39 4.25 -4.61
CA TYR A 870 -45.13 4.91 -4.33
C TYR A 870 -44.11 4.00 -3.66
N SER A 871 -44.48 2.75 -3.34
CA SER A 871 -43.54 1.82 -2.71
C SER A 871 -42.32 1.59 -3.58
N GLU A 872 -42.47 1.65 -4.89
CA GLU A 872 -41.34 1.49 -5.79
C GLU A 872 -40.38 2.67 -5.72
N ARG A 873 -40.83 3.81 -5.20
CA ARG A 873 -39.99 5.00 -5.02
C ARG A 873 -39.39 5.47 -6.33
N ASP A 874 -40.07 5.19 -7.45
CA ASP A 874 -39.58 5.63 -8.75
C ASP A 874 -39.90 7.09 -9.04
N ASP A 875 -40.83 7.69 -8.28
CA ASP A 875 -41.15 9.09 -8.47
C ASP A 875 -39.99 9.97 -8.02
N GLU A 876 -39.59 10.89 -8.90
CA GLU A 876 -38.50 11.81 -8.55
C GLU A 876 -38.93 12.80 -7.49
N GLU A 877 -40.22 13.15 -7.44
CA GLU A 877 -40.69 14.14 -6.48
C GLU A 877 -40.63 13.59 -5.05
N LEU A 878 -40.95 12.31 -4.87
CA LEU A 878 -40.89 11.71 -3.54
C LEU A 878 -39.46 11.66 -3.02
N ILE A 879 -38.52 11.32 -3.91
CA ILE A 879 -37.14 11.05 -3.49
C ILE A 879 -36.45 12.33 -3.02
N ASN A 880 -36.55 13.40 -3.81
CA ASN A 880 -35.67 14.54 -3.62
C ASN A 880 -35.95 15.32 -2.34
N HIS A 881 -37.20 15.27 -1.85
CA HIS A 881 -37.51 15.96 -0.59
C HIS A 881 -36.71 15.38 0.55
N PHE A 882 -36.56 14.05 0.59
CA PHE A 882 -35.72 13.44 1.61
C PHE A 882 -34.24 13.73 1.36
N LYS A 883 -33.88 14.05 0.11
CA LYS A 883 -32.49 14.37 -0.18
C LYS A 883 -32.08 15.75 0.33
N HIS A 884 -33.05 16.64 0.53
CA HIS A 884 -32.79 17.97 1.05
C HIS A 884 -33.56 18.18 2.34
N GLY A 885 -33.52 19.42 2.86
CA GLY A 885 -34.30 19.78 4.02
C GLY A 885 -33.85 19.05 5.29
N VAL A 886 -34.78 18.97 6.23
CA VAL A 886 -34.51 18.30 7.50
C VAL A 886 -34.83 16.82 7.44
N LEU A 887 -35.64 16.38 6.47
CA LEU A 887 -35.95 14.97 6.31
C LEU A 887 -34.68 14.14 6.06
N TYR A 888 -33.63 14.78 5.54
CA TYR A 888 -32.35 14.11 5.35
C TYR A 888 -31.81 13.52 6.64
N GLN A 889 -32.25 14.04 7.79
CA GLN A 889 -31.85 13.47 9.06
C GLN A 889 -32.30 12.02 9.18
N TYR A 890 -33.53 11.72 8.75
CA TYR A 890 -34.03 10.36 8.87
C TYR A 890 -33.57 9.47 7.72
N ARG A 891 -34.04 9.78 6.51
CA ARG A 891 -33.67 9.05 5.30
C ARG A 891 -33.85 7.54 5.45
N SER A 892 -33.18 6.78 4.58
CA SER A 892 -33.11 5.33 4.71
C SER A 892 -31.94 4.85 3.87
N GLU A 893 -30.92 4.30 4.54
CA GLU A 893 -29.73 3.80 3.84
C GLU A 893 -29.88 2.32 3.53
N ASP A 894 -30.98 1.98 2.86
CA ASP A 894 -31.30 0.61 2.49
C ASP A 894 -31.43 0.52 0.98
N ILE A 895 -31.02 -0.62 0.43
CA ILE A 895 -31.07 -0.83 -1.02
C ILE A 895 -32.51 -1.12 -1.43
N LEU A 896 -32.96 -0.45 -2.48
CA LEU A 896 -34.34 -0.58 -2.95
C LEU A 896 -34.49 -1.87 -3.75
N LEU A 897 -35.30 -2.80 -3.24
CA LEU A 897 -35.54 -4.07 -3.93
C LEU A 897 -36.83 -3.97 -4.75
N ARG A 898 -36.75 -3.15 -5.79
CA ARG A 898 -37.90 -2.95 -6.66
C ARG A 898 -38.17 -4.21 -7.47
N ASN A 899 -39.42 -4.70 -7.40
CA ASN A 899 -39.92 -5.68 -8.37
C ASN A 899 -41.27 -5.18 -8.86
N LYS A 900 -41.25 -4.18 -9.74
CA LYS A 900 -42.36 -3.87 -10.62
C LYS A 900 -41.83 -3.58 -12.02
N THR A 901 -40.70 -2.89 -12.08
CA THR A 901 -40.07 -2.45 -13.33
C THR A 901 -38.57 -2.66 -13.20
N VAL A 902 -37.81 -2.13 -14.16
CA VAL A 902 -36.36 -2.21 -14.15
C VAL A 902 -35.78 -0.82 -14.36
N HIS A 903 -34.85 -0.43 -13.48
CA HIS A 903 -34.09 0.80 -13.67
C HIS A 903 -32.60 0.65 -13.38
N LYS A 904 -32.17 -0.42 -12.71
CA LYS A 904 -30.75 -0.66 -12.44
C LYS A 904 -30.46 -2.14 -12.64
N ILE A 905 -29.17 -2.47 -12.67
CA ILE A 905 -28.76 -3.84 -12.95
C ILE A 905 -29.37 -4.81 -11.93
N LEU A 906 -29.39 -4.42 -10.67
CA LEU A 906 -29.94 -5.29 -9.62
C LEU A 906 -31.42 -5.57 -9.83
N ASP A 907 -32.15 -4.66 -10.48
CA ASP A 907 -33.59 -4.84 -10.63
C ASP A 907 -33.93 -6.01 -11.53
N GLU A 908 -33.31 -6.09 -12.71
CA GLU A 908 -33.62 -7.17 -13.64
C GLU A 908 -32.93 -8.48 -13.27
N ILE A 909 -31.89 -8.44 -12.45
CA ILE A 909 -31.31 -9.69 -11.96
C ILE A 909 -32.31 -10.41 -11.06
N ARG A 910 -32.96 -9.67 -10.16
CA ARG A 910 -33.99 -10.23 -9.30
C ARG A 910 -35.28 -10.55 -10.04
N GLN A 911 -35.50 -9.94 -11.21
CA GLN A 911 -36.67 -10.21 -12.03
C GLN A 911 -36.38 -11.12 -13.21
N GLY A 912 -35.11 -11.43 -13.47
CA GLY A 912 -34.71 -12.22 -14.62
C GLY A 912 -34.40 -13.65 -14.28
N VAL A 913 -33.10 -13.94 -14.10
CA VAL A 913 -32.65 -15.30 -13.84
C VAL A 913 -33.45 -15.93 -12.69
N ILE A 914 -33.81 -17.20 -12.88
CA ILE A 914 -34.59 -17.95 -11.91
C ILE A 914 -33.68 -18.99 -11.27
N TRP A 915 -33.58 -18.97 -9.95
CA TRP A 915 -32.83 -19.99 -9.23
C TRP A 915 -33.74 -21.15 -8.88
N ASP A 916 -33.40 -22.34 -9.37
CA ASP A 916 -34.22 -23.52 -9.14
C ASP A 916 -33.72 -24.33 -7.96
N LYS B 2 9.74 -55.59 29.58
CA LYS B 2 9.29 -55.26 30.93
C LYS B 2 9.06 -53.76 31.08
N ASN B 3 10.15 -53.00 31.14
CA ASN B 3 10.07 -51.56 31.29
C ASN B 3 9.89 -50.83 29.95
N TRP B 4 9.84 -51.56 28.83
CA TRP B 4 9.60 -50.92 27.55
C TRP B 4 8.24 -50.21 27.53
N GLN B 5 7.22 -50.86 28.11
CA GLN B 5 5.89 -50.28 28.21
C GLN B 5 5.91 -48.95 28.96
N ARG B 6 6.87 -48.75 29.85
CA ARG B 6 7.01 -47.50 30.57
C ARG B 6 8.13 -46.61 30.07
N ILE B 7 9.15 -47.15 29.40
CA ILE B 7 10.22 -46.30 28.89
C ILE B 7 9.83 -45.68 27.55
N VAL B 8 8.79 -46.21 26.89
CA VAL B 8 8.33 -45.59 25.65
C VAL B 8 7.79 -44.19 25.92
N GLU B 9 7.12 -44.01 27.07
CA GLU B 9 6.54 -42.72 27.41
C GLU B 9 7.62 -41.65 27.58
N ALA B 10 8.80 -42.05 28.04
CA ALA B 10 9.90 -41.11 28.23
C ALA B 10 10.18 -40.35 26.94
N LYS B 11 10.50 -41.08 25.87
CA LYS B 11 10.76 -40.42 24.58
C LYS B 11 9.50 -39.81 24.00
N LEU B 12 8.35 -40.48 24.14
CA LEU B 12 7.16 -40.00 23.45
C LEU B 12 6.66 -38.68 24.06
N GLU B 13 6.99 -38.41 25.31
CA GLU B 13 6.60 -37.17 25.96
C GLU B 13 7.71 -36.14 26.04
N GLN B 14 8.98 -36.56 26.03
CA GLN B 14 10.06 -35.57 26.07
C GLN B 14 10.17 -34.77 24.79
N GLN B 15 9.54 -35.22 23.71
CA GLN B 15 9.57 -34.49 22.46
C GLN B 15 8.78 -33.18 22.59
N LYS B 16 9.02 -32.26 21.66
CA LYS B 16 8.38 -30.95 21.68
C LYS B 16 7.22 -30.84 20.69
N HIS B 17 7.24 -31.63 19.61
CA HIS B 17 6.22 -31.50 18.57
C HIS B 17 4.86 -31.99 19.03
N LYS B 18 4.81 -32.85 20.06
CA LYS B 18 3.55 -33.34 20.62
C LYS B 18 2.65 -33.97 19.54
N VAL B 19 3.26 -34.81 18.70
CA VAL B 19 2.47 -35.53 17.71
C VAL B 19 1.50 -36.49 18.39
N ALA B 20 1.96 -37.18 19.43
CA ALA B 20 1.14 -38.16 20.15
C ALA B 20 1.44 -38.08 21.64
N GLU B 21 0.52 -38.62 22.43
CA GLU B 21 0.69 -38.72 23.88
C GLU B 21 -0.25 -39.79 24.46
N ILE B 22 0.25 -40.57 25.41
CA ILE B 22 -0.50 -41.68 25.99
C ILE B 22 -0.46 -41.56 27.51
N SER B 23 -1.47 -42.11 28.16
CA SER B 23 -1.59 -42.06 29.62
C SER B 23 -1.63 -43.48 30.17
N LEU B 24 -1.02 -43.68 31.34
CA LEU B 24 -1.04 -45.00 31.96
C LEU B 24 -2.45 -45.39 32.39
N GLU B 25 -3.20 -44.44 32.93
CA GLU B 25 -4.58 -44.68 33.32
C GLU B 25 -5.50 -44.27 32.18
N ASN B 26 -6.76 -44.73 32.25
CA ASN B 26 -7.87 -44.33 31.37
C ASN B 26 -7.41 -44.03 29.95
N GLY B 27 -6.64 -44.93 29.37
CA GLY B 27 -5.93 -44.71 28.12
C GLY B 27 -6.71 -44.03 27.02
N THR B 28 -6.24 -42.85 26.63
CA THR B 28 -6.85 -42.11 25.53
C THR B 28 -5.94 -42.00 24.31
N VAL B 29 -4.76 -42.62 24.34
CA VAL B 29 -3.76 -42.68 23.26
C VAL B 29 -3.98 -41.63 22.18
N ASN B 30 -3.87 -40.37 22.55
CA ASN B 30 -4.25 -39.29 21.63
C ASN B 30 -3.08 -38.95 20.71
N TYR B 31 -3.39 -38.40 19.55
CA TYR B 31 -2.37 -37.90 18.64
C TYR B 31 -2.98 -36.78 17.79
N SER B 32 -2.14 -36.17 16.96
CA SER B 32 -2.46 -34.93 16.28
C SER B 32 -3.61 -35.12 15.28
N LYS B 33 -4.37 -34.04 15.08
CA LYS B 33 -5.47 -34.06 14.12
C LYS B 33 -4.97 -34.12 12.68
N LYS B 34 -3.70 -33.75 12.45
CA LYS B 34 -3.13 -33.87 11.12
C LYS B 34 -2.99 -35.33 10.69
N ILE B 35 -3.07 -36.26 11.64
CA ILE B 35 -3.14 -37.68 11.35
C ILE B 35 -4.60 -38.07 11.18
N LYS B 36 -4.86 -39.01 10.28
CA LYS B 36 -6.22 -39.52 10.11
C LYS B 36 -6.74 -40.08 11.43
N HIS B 37 -8.03 -39.84 11.69
CA HIS B 37 -8.62 -40.19 12.97
C HIS B 37 -9.71 -41.24 12.79
N ASN B 38 -9.43 -42.26 11.99
CA ASN B 38 -10.41 -43.29 11.69
C ASN B 38 -10.67 -44.19 12.89
N ARG B 39 -11.82 -44.86 12.86
CA ARG B 39 -12.35 -45.76 13.88
C ARG B 39 -12.84 -44.98 15.10
N ASN B 40 -12.51 -43.69 15.17
CA ASN B 40 -13.17 -42.72 16.04
C ASN B 40 -13.03 -43.01 17.54
N LEU B 41 -12.40 -44.11 17.92
CA LEU B 41 -12.36 -44.46 19.33
C LEU B 41 -11.11 -43.92 20.03
N LYS B 42 -9.94 -44.25 19.50
CA LYS B 42 -8.67 -43.75 20.03
C LYS B 42 -8.50 -44.08 21.51
N ALA B 43 -8.90 -45.28 21.91
CA ALA B 43 -8.70 -45.76 23.27
C ALA B 43 -7.58 -46.79 23.31
N LEU B 44 -6.94 -46.90 24.47
CA LEU B 44 -5.81 -47.81 24.61
C LEU B 44 -6.29 -49.26 24.65
N THR B 45 -6.24 -49.92 23.50
CA THR B 45 -6.61 -51.32 23.37
C THR B 45 -5.35 -52.18 23.36
N GLY B 46 -4.77 -52.36 24.54
CA GLY B 46 -3.61 -53.23 24.67
C GLY B 46 -2.32 -52.61 24.13
N ASP B 47 -1.28 -53.45 24.10
CA ASP B 47 0.03 -53.03 23.64
C ASP B 47 0.06 -52.73 22.15
N GLU B 48 -0.92 -53.22 21.38
CA GLU B 48 -0.97 -52.92 19.95
C GLU B 48 -1.07 -51.42 19.72
N GLU B 49 -1.93 -50.74 20.47
CA GLU B 49 -2.04 -49.30 20.36
C GLU B 49 -0.75 -48.61 20.78
N ILE B 50 -0.05 -49.16 21.78
CA ILE B 50 1.19 -48.55 22.25
C ILE B 50 2.26 -48.60 21.17
N VAL B 51 2.45 -49.77 20.56
CA VAL B 51 3.46 -49.90 19.52
C VAL B 51 3.06 -49.09 18.29
N ARG B 52 1.75 -49.01 18.00
CA ARG B 52 1.29 -48.19 16.90
C ARG B 52 1.61 -46.71 17.14
N ALA B 53 1.38 -46.24 18.36
CA ALA B 53 1.65 -44.85 18.70
C ALA B 53 3.15 -44.55 18.61
N PHE B 54 3.97 -45.47 19.12
CA PHE B 54 5.42 -45.27 18.99
C PHE B 54 5.86 -45.26 17.53
N LEU B 55 5.27 -46.13 16.71
CA LEU B 55 5.61 -46.13 15.29
C LEU B 55 5.24 -44.81 14.64
N ILE B 56 4.05 -44.29 14.96
CA ILE B 56 3.62 -43.01 14.41
C ILE B 56 4.59 -41.91 14.82
N ASP B 57 4.95 -41.87 16.11
CA ASP B 57 5.88 -40.85 16.59
C ASP B 57 7.22 -40.93 15.88
N ARG B 58 7.77 -42.14 15.78
CA ARG B 58 9.09 -42.29 15.15
C ARG B 58 9.03 -41.96 13.67
N LEU B 59 7.95 -42.32 12.98
CA LEU B 59 7.83 -42.03 11.56
C LEU B 59 7.69 -40.53 11.32
N VAL B 60 6.88 -39.84 12.13
CA VAL B 60 6.68 -38.41 11.90
C VAL B 60 7.93 -37.63 12.30
N ASN B 61 8.62 -38.04 13.37
CA ASN B 61 9.75 -37.28 13.89
C ASN B 61 11.09 -37.86 13.43
N GLU B 62 11.38 -39.11 13.79
CA GLU B 62 12.69 -39.68 13.48
C GLU B 62 12.85 -39.94 11.99
N LEU B 63 11.76 -40.33 11.32
CA LEU B 63 11.81 -40.63 9.89
C LEU B 63 11.48 -39.42 9.03
N ASP B 64 11.20 -38.26 9.63
CA ASP B 64 11.07 -37.00 8.92
C ASP B 64 10.03 -37.06 7.80
N TYR B 65 8.89 -37.67 8.11
CA TYR B 65 7.78 -37.77 7.17
C TYR B 65 6.64 -36.89 7.68
N LYS B 66 6.06 -36.11 6.77
CA LYS B 66 5.03 -35.16 7.16
C LYS B 66 3.80 -35.88 7.69
N PRO B 67 3.20 -35.39 8.78
CA PRO B 67 2.02 -36.08 9.34
C PRO B 67 0.81 -36.09 8.42
N GLU B 68 0.69 -35.15 7.50
CA GLU B 68 -0.45 -35.18 6.56
C GLU B 68 -0.37 -36.40 5.66
N TYR B 69 0.82 -36.77 5.22
CA TYR B 69 1.00 -37.96 4.41
C TYR B 69 0.96 -39.21 5.28
N LEU B 70 -0.14 -39.42 6.00
CA LEU B 70 -0.23 -40.56 6.90
C LEU B 70 -1.69 -40.93 7.18
N GLU B 71 -1.97 -42.22 7.17
CA GLU B 71 -3.29 -42.79 7.42
C GLU B 71 -3.15 -43.94 8.41
N THR B 72 -4.19 -44.11 9.22
CA THR B 72 -4.16 -45.10 10.30
C THR B 72 -5.07 -46.29 9.98
N GLU B 73 -6.35 -46.00 9.69
CA GLU B 73 -7.28 -47.08 9.38
C GLU B 73 -7.98 -46.79 8.05
N LYS B 74 -7.90 -47.75 7.13
CA LYS B 74 -8.52 -47.63 5.80
C LYS B 74 -9.25 -48.94 5.52
N GLU B 75 -10.58 -48.90 5.66
CA GLU B 75 -11.39 -50.09 5.47
C GLU B 75 -11.41 -50.50 4.00
N TYR B 76 -11.43 -51.81 3.76
CA TYR B 76 -11.47 -52.39 2.42
C TYR B 76 -12.49 -53.52 2.42
N THR B 77 -13.62 -53.32 1.74
CA THR B 77 -14.67 -54.32 1.67
C THR B 77 -14.40 -55.31 0.55
N ILE B 78 -13.22 -55.23 -0.06
CA ILE B 78 -12.83 -56.11 -1.16
C ILE B 78 -12.26 -57.38 -0.54
N LYS B 79 -12.29 -57.45 0.79
CA LYS B 79 -11.78 -58.60 1.54
C LYS B 79 -10.29 -58.81 1.28
N GLY B 80 -9.52 -57.78 1.59
CA GLY B 80 -8.08 -57.86 1.46
C GLY B 80 -7.43 -58.60 2.62
N GLY B 81 -7.69 -59.89 2.71
CA GLY B 81 -7.18 -60.69 3.82
C GLY B 81 -8.23 -60.84 4.91
N HIS B 82 -7.78 -60.88 6.17
CA HIS B 82 -8.70 -61.04 7.29
C HIS B 82 -8.18 -60.35 8.54
N SER B 83 -8.63 -59.12 8.77
CA SER B 83 -8.38 -58.42 10.03
C SER B 83 -9.70 -58.17 10.74
N LYS B 84 -10.64 -57.55 10.01
CA LYS B 84 -12.02 -57.41 10.45
C LYS B 84 -12.94 -57.92 9.34
N ILE B 85 -14.23 -57.63 9.43
CA ILE B 85 -15.16 -58.05 8.37
C ILE B 85 -14.73 -57.48 7.02
N ASN B 86 -14.13 -56.29 7.04
CA ASN B 86 -13.54 -55.66 5.86
C ASN B 86 -12.15 -55.21 6.23
N PRO B 87 -11.11 -56.03 5.97
CA PRO B 87 -9.81 -55.82 6.61
C PRO B 87 -9.18 -54.47 6.32
N ARG B 88 -8.49 -53.92 7.32
CA ARG B 88 -7.97 -52.56 7.29
C ARG B 88 -6.45 -52.56 7.48
N VAL B 89 -5.88 -51.36 7.47
CA VAL B 89 -4.44 -51.18 7.61
C VAL B 89 -4.13 -50.68 9.02
N ASP B 90 -2.85 -50.75 9.40
CA ASP B 90 -2.42 -50.14 10.65
C ASP B 90 -1.73 -48.80 10.41
N VAL B 91 -0.71 -48.78 9.55
CA VAL B 91 0.02 -47.56 9.27
C VAL B 91 0.25 -47.44 7.77
N LEU B 92 0.07 -46.24 7.24
CA LEU B 92 0.30 -46.03 5.83
C LEU B 92 0.81 -44.62 5.62
N VAL B 93 1.92 -44.48 4.88
CA VAL B 93 2.47 -43.18 4.55
C VAL B 93 2.67 -43.11 3.05
N LYS B 94 2.58 -41.89 2.51
CA LYS B 94 2.56 -41.72 1.07
C LYS B 94 3.43 -40.52 0.69
N ASP B 95 3.69 -40.39 -0.61
CA ASP B 95 4.26 -39.20 -1.22
C ASP B 95 3.12 -38.27 -1.61
N ASP B 96 3.38 -37.30 -2.49
CA ASP B 96 2.37 -36.34 -2.92
C ASP B 96 1.23 -36.98 -3.70
N LYS B 97 1.23 -38.31 -3.82
CA LYS B 97 0.13 -39.03 -4.45
C LYS B 97 -0.41 -40.06 -3.47
N GLY B 98 -1.28 -40.96 -3.95
CA GLY B 98 -1.79 -42.01 -3.11
C GLY B 98 -0.95 -43.26 -3.14
N ASN B 99 0.37 -43.12 -2.94
CA ASN B 99 1.30 -44.23 -3.07
C ASN B 99 1.86 -44.62 -1.70
N PRO B 100 1.41 -45.73 -1.11
CA PRO B 100 1.94 -46.14 0.20
C PRO B 100 3.34 -46.72 0.12
N PHE B 101 4.35 -45.85 0.17
CA PHE B 101 5.72 -46.30 0.01
C PHE B 101 6.19 -47.10 1.22
N PHE B 102 5.59 -46.88 2.39
CA PHE B 102 5.92 -47.65 3.61
C PHE B 102 4.64 -48.19 4.25
N PHE B 103 3.82 -48.88 3.44
CA PHE B 103 2.71 -49.67 3.97
C PHE B 103 3.17 -50.54 5.13
N ILE B 104 2.63 -50.29 6.32
CA ILE B 104 3.11 -50.93 7.54
C ILE B 104 1.95 -51.64 8.25
N GLU B 105 2.16 -52.91 8.56
CA GLU B 105 1.30 -53.71 9.42
C GLU B 105 2.06 -53.98 10.71
N VAL B 106 1.50 -53.57 11.85
CA VAL B 106 2.22 -53.58 13.12
C VAL B 106 1.60 -54.64 14.03
N LYS B 107 2.44 -55.29 14.84
CA LYS B 107 2.00 -56.28 15.82
C LYS B 107 2.74 -56.05 17.13
N ALA B 108 2.05 -56.33 18.24
CA ALA B 108 2.65 -56.19 19.56
C ALA B 108 3.71 -57.27 19.78
N PRO B 109 4.68 -57.01 20.67
CA PRO B 109 5.75 -58.00 20.89
C PRO B 109 5.31 -59.18 21.76
N ASN B 110 4.12 -59.71 21.49
CA ASN B 110 3.66 -60.94 22.12
C ASN B 110 2.87 -61.83 21.17
N LYS B 111 2.74 -61.44 19.90
CA LYS B 111 1.99 -62.23 18.92
C LYS B 111 2.75 -62.43 17.62
N PHE B 112 3.99 -61.94 17.51
CA PHE B 112 4.74 -62.08 16.27
C PHE B 112 4.99 -63.54 15.92
N GLU B 113 5.74 -64.25 16.77
CA GLU B 113 6.16 -65.60 16.45
C GLU B 113 4.99 -66.57 16.42
N GLU B 114 3.87 -66.22 17.05
CA GLU B 114 2.70 -67.11 17.12
C GLU B 114 1.68 -66.86 16.03
N ASP B 115 1.91 -65.87 15.16
CA ASP B 115 0.91 -65.51 14.16
C ASP B 115 1.59 -65.32 12.80
N LYS B 116 2.41 -66.30 12.40
CA LYS B 116 3.06 -66.25 11.10
C LYS B 116 2.09 -66.29 9.93
N ASP B 117 0.92 -66.93 10.09
CA ASP B 117 -0.05 -67.02 9.02
C ASP B 117 -0.74 -65.69 8.72
N GLU B 118 -0.56 -64.68 9.58
CA GLU B 118 -1.19 -63.39 9.35
C GLU B 118 -0.55 -62.60 8.23
N ILE B 119 0.62 -63.02 7.74
CA ILE B 119 1.30 -62.27 6.68
C ILE B 119 0.40 -62.19 5.45
N GLU B 120 -0.12 -63.34 5.00
CA GLU B 120 -1.09 -63.33 3.91
C GLU B 120 -2.51 -63.21 4.44
N GLY B 121 -2.73 -63.62 5.69
CA GLY B 121 -4.04 -63.54 6.30
C GLY B 121 -4.56 -62.12 6.38
N GLN B 122 -3.65 -61.14 6.49
CA GLN B 122 -4.04 -59.74 6.51
C GLN B 122 -3.29 -58.87 5.52
N LEU B 123 -1.99 -59.11 5.32
CA LEU B 123 -1.18 -58.26 4.44
C LEU B 123 -1.34 -58.75 3.00
N PHE B 124 -0.51 -58.23 2.09
CA PHE B 124 -0.52 -58.62 0.68
C PHE B 124 -1.84 -58.25 0.01
N ALA B 125 -2.91 -58.97 0.34
CA ALA B 125 -4.20 -58.75 -0.30
C ALA B 125 -4.69 -57.32 -0.13
N LEU B 126 -4.31 -56.63 0.94
CA LEU B 126 -4.62 -55.21 1.07
C LEU B 126 -3.91 -54.40 -0.01
N ALA B 127 -2.64 -54.70 -0.24
CA ALA B 127 -1.88 -53.98 -1.26
C ALA B 127 -2.45 -54.20 -2.64
N GLN B 128 -2.82 -55.45 -2.96
CA GLN B 128 -3.44 -55.74 -4.25
C GLN B 128 -4.77 -55.01 -4.41
N ALA B 129 -5.59 -55.04 -3.35
CA ALA B 129 -6.89 -54.36 -3.41
C ALA B 129 -6.70 -52.87 -3.65
N GLU B 130 -5.82 -52.24 -2.88
CA GLU B 130 -5.56 -50.81 -3.06
C GLU B 130 -4.95 -50.54 -4.42
N GLU B 131 -4.24 -51.52 -4.97
CA GLU B 131 -3.75 -51.41 -6.34
C GLU B 131 -4.91 -51.34 -7.33
N ARG B 132 -5.94 -52.18 -7.14
CA ARG B 132 -7.05 -52.15 -8.09
C ARG B 132 -8.08 -51.09 -7.72
N ASP B 133 -8.20 -50.77 -6.43
CA ASP B 133 -9.23 -49.81 -5.99
C ASP B 133 -9.08 -48.44 -6.62
N PHE B 134 -8.03 -47.71 -6.25
CA PHE B 134 -7.81 -46.35 -6.76
C PHE B 134 -6.43 -46.20 -7.38
N LYS B 135 -5.94 -47.28 -8.01
CA LYS B 135 -4.77 -47.22 -8.89
C LYS B 135 -3.53 -46.67 -8.21
N THR B 136 -2.99 -47.39 -7.24
CA THR B 136 -1.81 -46.96 -6.52
C THR B 136 -0.59 -47.78 -6.95
N LYS B 137 0.56 -47.43 -6.38
CA LYS B 137 1.86 -48.03 -6.69
C LYS B 137 2.56 -48.49 -5.41
N VAL B 138 1.85 -49.25 -4.57
CA VAL B 138 2.44 -49.76 -3.34
C VAL B 138 3.76 -50.47 -3.64
N LYS B 139 4.76 -50.20 -2.81
CA LYS B 139 6.10 -50.72 -3.02
C LYS B 139 6.57 -51.64 -1.91
N TYR B 140 6.47 -51.22 -0.65
CA TYR B 140 6.96 -52.00 0.48
C TYR B 140 5.79 -52.40 1.37
N LEU B 141 5.84 -53.62 1.89
CA LEU B 141 4.94 -54.09 2.93
C LEU B 141 5.79 -54.39 4.17
N VAL B 142 5.52 -53.66 5.26
CA VAL B 142 6.38 -53.70 6.44
C VAL B 142 5.63 -54.33 7.60
N TYR B 143 6.26 -55.32 8.22
CA TYR B 143 5.75 -55.98 9.42
C TYR B 143 6.64 -55.54 10.57
N TYR B 144 6.03 -54.94 11.60
CA TYR B 144 6.76 -54.23 12.65
C TYR B 144 6.77 -55.02 13.95
N THR B 145 7.85 -54.85 14.73
CA THR B 145 7.91 -55.32 16.11
C THR B 145 8.96 -54.51 16.86
N VAL B 146 8.77 -54.40 18.18
CA VAL B 146 9.73 -53.73 19.06
C VAL B 146 10.54 -54.79 19.78
N GLU B 147 11.77 -54.44 20.15
CA GLU B 147 12.75 -55.45 20.59
C GLU B 147 13.66 -54.83 21.65
N LEU B 148 14.83 -55.45 21.84
CA LEU B 148 15.77 -55.26 22.95
C LEU B 148 15.87 -53.83 23.45
N ILE B 149 15.82 -53.66 24.78
CA ILE B 149 15.74 -52.36 25.42
C ILE B 149 17.05 -52.16 26.19
N ASP B 150 18.15 -52.65 25.62
CA ASP B 150 19.46 -52.52 26.26
C ASP B 150 19.76 -51.08 26.67
N ASP B 151 19.58 -50.15 25.75
CA ASP B 151 19.56 -48.73 26.06
C ASP B 151 18.14 -48.19 26.07
N GLU B 152 17.40 -48.40 25.00
CA GLU B 152 15.97 -48.14 24.96
C GLU B 152 15.40 -48.91 23.78
N ILE B 153 14.07 -48.82 23.61
CA ILE B 153 13.37 -49.69 22.67
C ILE B 153 13.88 -49.45 21.26
N VAL B 154 13.97 -50.54 20.49
CA VAL B 154 14.48 -50.52 19.13
C VAL B 154 13.47 -51.28 18.27
N ASP B 155 13.73 -51.37 16.96
CA ASP B 155 12.76 -51.94 16.03
C ASP B 155 13.35 -53.13 15.29
N ARG B 156 12.45 -54.01 14.84
CA ARG B 156 12.77 -54.97 13.79
C ARG B 156 11.54 -55.04 12.89
N ALA B 157 11.77 -55.35 11.62
CA ALA B 157 10.68 -55.32 10.65
C ALA B 157 11.02 -56.24 9.48
N ILE B 158 9.98 -56.64 8.77
CA ILE B 158 10.07 -57.43 7.56
C ILE B 158 9.57 -56.55 6.43
N ILE B 159 10.43 -56.26 5.45
CA ILE B 159 10.11 -55.34 4.37
C ILE B 159 10.04 -56.17 3.09
N ILE B 160 8.81 -56.56 2.71
CA ILE B 160 8.58 -57.29 1.48
C ILE B 160 8.36 -56.30 0.35
N ASP B 161 9.26 -56.30 -0.64
CA ASP B 161 9.11 -55.44 -1.80
C ASP B 161 7.93 -55.92 -2.64
N PHE B 162 6.85 -55.12 -2.69
CA PHE B 162 5.67 -55.54 -3.43
C PHE B 162 5.89 -55.45 -4.94
N GLU B 163 6.66 -54.47 -5.39
CA GLU B 163 6.95 -54.35 -6.82
C GLU B 163 7.70 -55.57 -7.33
N LYS B 164 8.69 -56.04 -6.56
CA LYS B 164 9.43 -57.23 -6.95
C LYS B 164 8.65 -58.50 -6.65
N TYR B 165 7.91 -58.52 -5.53
CA TYR B 165 7.24 -59.72 -5.02
C TYR B 165 5.75 -59.43 -4.85
N PRO B 166 4.98 -59.42 -5.95
CA PRO B 166 3.56 -59.04 -5.85
C PRO B 166 2.70 -59.98 -5.02
N THR B 167 3.10 -61.24 -4.89
CA THR B 167 2.22 -62.26 -4.33
C THR B 167 2.97 -63.05 -3.27
N TYR B 168 2.21 -63.57 -2.30
CA TYR B 168 2.78 -64.44 -1.27
C TYR B 168 3.55 -65.60 -1.89
N THR B 169 2.96 -66.24 -2.89
CA THR B 169 3.59 -67.38 -3.55
C THR B 169 4.97 -67.03 -4.08
N ASP B 170 5.11 -65.82 -4.63
CA ASP B 170 6.42 -65.34 -5.05
C ASP B 170 7.34 -65.21 -3.85
N TRP B 171 6.83 -64.67 -2.74
CA TRP B 171 7.65 -64.49 -1.56
C TRP B 171 7.85 -65.80 -0.81
N SER B 172 6.85 -66.69 -0.88
CA SER B 172 6.97 -68.00 -0.25
C SER B 172 8.08 -68.82 -0.88
N ASN B 173 8.08 -68.91 -2.22
CA ASN B 173 9.10 -69.66 -2.92
C ASN B 173 10.37 -68.83 -3.17
N GLY B 174 10.32 -67.52 -2.94
CA GLY B 174 11.50 -66.69 -3.13
C GLY B 174 12.56 -66.87 -2.08
N GLY B 175 12.21 -67.40 -0.91
CA GLY B 175 13.17 -67.60 0.15
C GLY B 175 12.94 -66.70 1.34
N PHE B 176 11.77 -66.07 1.40
CA PHE B 176 11.40 -65.16 2.49
C PHE B 176 12.38 -63.99 2.59
N ILE B 177 12.95 -63.57 1.46
CA ILE B 177 13.89 -62.45 1.46
C ILE B 177 13.14 -61.15 1.72
N SER B 178 13.74 -60.27 2.51
CA SER B 178 13.13 -59.01 2.89
C SER B 178 14.23 -58.09 3.41
N THR B 179 13.83 -56.96 3.99
CA THR B 179 14.73 -55.99 4.59
C THR B 179 14.35 -55.85 6.06
N GLY B 180 15.29 -55.35 6.87
CA GLY B 180 15.10 -55.36 8.31
C GLY B 180 14.54 -54.09 8.90
N THR B 181 15.40 -53.27 9.51
CA THR B 181 14.98 -52.13 10.31
C THR B 181 14.17 -51.11 9.52
N GLU B 182 13.19 -50.48 10.18
CA GLU B 182 12.39 -49.43 9.58
C GLU B 182 13.18 -48.12 9.57
N LEU B 183 13.84 -47.82 8.46
CA LEU B 183 14.76 -46.69 8.39
C LEU B 183 14.82 -46.10 6.99
N THR B 184 15.90 -45.35 6.70
CA THR B 184 16.11 -44.69 5.42
C THR B 184 15.01 -43.66 5.17
N ALA B 185 15.01 -42.60 5.98
CA ALA B 185 14.06 -41.51 5.80
C ALA B 185 14.11 -40.98 4.38
N GLY B 186 12.94 -40.77 3.80
CA GLY B 186 12.81 -40.34 2.41
C GLY B 186 12.35 -41.50 1.56
N TYR B 187 11.62 -41.19 0.49
CA TYR B 187 11.06 -42.22 -0.37
C TYR B 187 12.08 -42.71 -1.39
N GLY B 188 13.08 -43.47 -0.93
CA GLY B 188 14.04 -44.08 -1.83
C GLY B 188 15.25 -43.23 -2.14
N GLU B 189 15.02 -41.96 -2.47
CA GLU B 189 16.12 -41.07 -2.82
C GLU B 189 17.00 -40.83 -1.59
N PRO B 190 18.29 -41.17 -1.68
CA PRO B 190 19.12 -41.24 -0.47
C PRO B 190 19.26 -39.93 0.29
N LYS B 191 19.86 -38.90 -0.33
CA LYS B 191 20.19 -37.64 0.33
C LYS B 191 20.70 -36.66 -0.71
N LYS B 192 20.49 -35.36 -0.45
CA LYS B 192 21.24 -34.33 -1.15
C LYS B 192 22.52 -34.03 -0.39
N GLN B 193 23.61 -33.81 -1.10
CA GLN B 193 24.90 -33.58 -0.47
C GLN B 193 24.87 -32.29 0.34
N PRO B 194 25.15 -32.35 1.64
CA PRO B 194 25.17 -31.12 2.45
C PRO B 194 26.29 -30.18 2.03
N LEU B 195 26.07 -28.90 2.29
CA LEU B 195 27.07 -27.87 1.97
C LEU B 195 28.18 -27.88 3.02
N ILE B 196 29.13 -28.81 2.88
CA ILE B 196 30.27 -28.86 3.79
C ILE B 196 31.09 -27.60 3.61
N LYS B 197 31.37 -26.91 4.71
CA LYS B 197 32.19 -25.70 4.65
C LYS B 197 33.64 -26.07 4.35
N GLY B 198 34.20 -25.41 3.34
CA GLY B 198 35.54 -25.70 2.88
C GLY B 198 35.60 -26.73 1.77
N HIS B 199 34.49 -27.43 1.51
CA HIS B 199 34.45 -28.39 0.42
C HIS B 199 34.49 -27.66 -0.91
N GLU B 200 35.42 -28.05 -1.78
CA GLU B 200 35.62 -27.33 -3.03
C GLU B 200 34.43 -27.44 -3.97
N LYS B 201 33.59 -28.47 -3.83
CA LYS B 201 32.44 -28.65 -4.70
C LYS B 201 31.18 -28.05 -4.10
N TYR B 202 30.77 -28.52 -2.93
CA TYR B 202 29.53 -28.06 -2.30
C TYR B 202 29.82 -26.94 -1.30
N ASP B 203 30.41 -25.86 -1.82
CA ASP B 203 30.76 -24.71 -1.02
C ASP B 203 29.61 -23.70 -1.05
N LEU B 204 29.88 -22.49 -0.56
CA LEU B 204 28.90 -21.41 -0.53
C LEU B 204 29.09 -20.53 -1.76
N ARG B 205 27.98 -20.12 -2.36
CA ARG B 205 27.99 -19.45 -3.65
C ARG B 205 28.58 -18.06 -3.52
N VAL B 206 29.85 -17.92 -3.87
CA VAL B 206 30.53 -16.62 -3.93
C VAL B 206 30.24 -16.00 -5.29
N ARG B 207 30.61 -14.73 -5.45
CA ARG B 207 30.50 -14.02 -6.73
C ARG B 207 29.03 -13.93 -7.17
N ILE B 208 28.26 -13.20 -6.37
CA ILE B 208 26.86 -12.90 -6.67
C ILE B 208 26.76 -11.46 -7.14
N ASP B 209 25.78 -11.18 -8.00
CA ASP B 209 25.61 -9.86 -8.60
C ASP B 209 24.26 -9.27 -8.18
N ARG B 210 23.98 -8.08 -8.71
CA ARG B 210 22.76 -7.36 -8.32
C ARG B 210 21.50 -8.08 -8.80
N GLU B 211 21.55 -8.67 -9.99
CA GLU B 211 20.35 -9.24 -10.58
C GLU B 211 19.80 -10.39 -9.75
N GLU B 212 20.69 -11.24 -9.22
CA GLU B 212 20.24 -12.33 -8.36
C GLU B 212 19.56 -11.80 -7.10
N ILE B 213 20.14 -10.77 -6.50
CA ILE B 213 19.55 -10.19 -5.29
C ILE B 213 18.18 -9.60 -5.59
N GLU B 214 18.05 -8.91 -6.72
CA GLU B 214 16.77 -8.32 -7.09
C GLU B 214 15.72 -9.39 -7.34
N GLY B 215 16.11 -10.45 -8.06
CA GLY B 215 15.18 -11.54 -8.30
C GLY B 215 14.72 -12.19 -7.02
N LEU B 216 15.67 -12.43 -6.09
CA LEU B 216 15.31 -12.88 -4.75
C LEU B 216 14.26 -11.96 -4.15
N GLY B 217 14.63 -10.70 -3.93
CA GLY B 217 13.73 -9.70 -3.39
C GLY B 217 12.32 -9.78 -3.93
N ARG B 218 12.16 -9.74 -5.25
CA ARG B 218 10.82 -9.80 -5.84
C ARG B 218 10.11 -11.12 -5.51
N ASN B 219 10.76 -12.27 -5.76
CA ASN B 219 10.03 -13.53 -5.55
C ASN B 219 9.70 -13.73 -4.08
N LEU B 220 10.65 -13.43 -3.18
CA LEU B 220 10.42 -13.57 -1.75
C LEU B 220 9.29 -12.66 -1.29
N HIS B 221 9.25 -11.43 -1.77
CA HIS B 221 8.11 -10.56 -1.47
C HIS B 221 6.82 -11.12 -2.05
N ASN B 222 6.91 -11.90 -3.12
CA ASN B 222 5.71 -12.47 -3.74
C ASN B 222 5.33 -13.81 -3.13
N VAL B 223 6.31 -14.71 -2.93
CA VAL B 223 6.00 -16.05 -2.45
C VAL B 223 5.58 -16.00 -0.98
N LEU B 224 6.27 -15.19 -0.17
CA LEU B 224 5.98 -15.16 1.26
C LEU B 224 4.68 -14.44 1.57
N TRP B 225 4.34 -13.41 0.79
CA TRP B 225 3.05 -12.77 0.96
C TRP B 225 1.90 -13.68 0.54
N GLY B 226 2.17 -14.66 -0.32
CA GLY B 226 1.17 -15.62 -0.74
C GLY B 226 -0.01 -15.00 -1.43
N GLY B 227 -1.16 -14.99 -0.75
CA GLY B 227 -2.33 -14.30 -1.25
C GLY B 227 -2.91 -13.38 -0.20
N GLY B 228 -2.02 -12.77 0.59
CA GLY B 228 -2.41 -11.95 1.73
C GLY B 228 -2.23 -12.63 3.07
N GLY B 229 -1.61 -13.80 3.11
CA GLY B 229 -1.43 -14.53 4.35
C GLY B 229 -0.55 -13.86 5.38
N THR B 230 0.53 -13.24 4.94
CA THR B 230 1.50 -12.63 5.83
C THR B 230 1.66 -11.15 5.54
N ASN B 231 1.74 -10.36 6.60
CA ASN B 231 1.89 -8.92 6.48
C ASN B 231 3.30 -8.56 6.02
N ASP B 232 3.43 -7.37 5.43
CA ASP B 232 4.72 -6.93 4.89
C ASP B 232 5.75 -6.73 6.00
N SER B 233 5.35 -6.12 7.11
CA SER B 233 6.27 -5.87 8.21
C SER B 233 6.70 -7.17 8.87
N GLU B 234 5.77 -8.11 9.02
CA GLU B 234 6.09 -9.42 9.57
C GLU B 234 7.14 -10.09 8.71
N ILE B 235 6.94 -10.08 7.40
CA ILE B 235 7.93 -10.62 6.47
C ILE B 235 9.25 -9.89 6.63
N PHE B 236 9.21 -8.57 6.80
CA PHE B 236 10.45 -7.81 6.88
C PHE B 236 11.29 -8.24 8.06
N TYR B 237 10.71 -8.24 9.27
CA TYR B 237 11.60 -8.60 10.38
C TYR B 237 11.87 -10.10 10.44
N SER B 238 11.00 -10.93 9.84
CA SER B 238 11.33 -12.34 9.71
C SER B 238 12.60 -12.52 8.87
N LEU B 239 12.68 -11.82 7.74
CA LEU B 239 13.91 -11.87 6.96
C LEU B 239 15.08 -11.25 7.70
N VAL B 240 14.85 -10.16 8.44
CA VAL B 240 15.95 -9.58 9.21
C VAL B 240 16.55 -10.63 10.14
N ASN B 241 15.69 -11.35 10.87
CA ASN B 241 16.17 -12.40 11.76
C ASN B 241 16.79 -13.57 10.99
N ILE B 242 16.26 -13.89 9.81
CA ILE B 242 16.77 -15.04 9.06
C ILE B 242 18.17 -14.77 8.53
N ILE B 243 18.39 -13.59 7.94
CA ILE B 243 19.76 -13.22 7.55
C ILE B 243 20.65 -13.02 8.77
N LEU B 244 20.10 -12.61 9.92
CA LEU B 244 20.92 -12.59 11.14
C LEU B 244 21.41 -13.99 11.48
N ALA B 245 20.53 -14.98 11.41
CA ALA B 245 20.92 -16.36 11.65
C ALA B 245 21.92 -16.83 10.61
N LYS B 246 21.74 -16.42 9.35
CA LYS B 246 22.67 -16.81 8.30
C LYS B 246 24.06 -16.26 8.56
N ILE B 247 24.15 -14.99 8.99
CA ILE B 247 25.44 -14.40 9.34
C ILE B 247 26.06 -15.13 10.52
N GLN B 248 25.25 -15.49 11.51
CA GLN B 248 25.77 -16.25 12.64
C GLN B 248 26.29 -17.61 12.20
N ASP B 249 25.62 -18.24 11.23
CA ASP B 249 26.05 -19.54 10.72
C ASP B 249 27.38 -19.45 9.99
N GLU B 250 27.60 -18.38 9.22
CA GLU B 250 28.83 -18.23 8.47
C GLU B 250 30.03 -17.92 9.35
N TYR B 251 29.82 -17.63 10.63
CA TYR B 251 30.90 -17.31 11.56
C TYR B 251 31.19 -18.43 12.55
N GLU B 252 30.17 -19.11 13.06
CA GLU B 252 30.41 -20.15 14.06
C GLU B 252 31.01 -21.40 13.43
N LYS B 253 30.51 -21.81 12.26
CA LYS B 253 30.96 -23.06 11.65
C LYS B 253 32.41 -22.95 11.21
N GLU B 254 33.20 -23.98 11.53
CA GLU B 254 34.60 -24.04 11.15
C GLU B 254 34.78 -24.99 9.97
N ASP B 255 36.00 -24.99 9.43
CA ASP B 255 36.31 -25.81 8.28
C ASP B 255 36.14 -27.30 8.60
N GLY B 256 35.58 -28.04 7.65
CA GLY B 256 35.36 -29.46 7.79
C GLY B 256 33.94 -29.85 8.14
N GLN B 257 33.14 -28.90 8.63
CA GLN B 257 31.75 -29.16 8.98
C GLN B 257 30.82 -28.63 7.91
N GLU B 258 29.54 -28.95 8.06
CA GLU B 258 28.49 -28.46 7.17
C GLU B 258 27.82 -27.25 7.78
N TYR B 259 27.39 -26.33 6.91
CA TYR B 259 26.66 -25.17 7.39
C TYR B 259 25.36 -25.59 8.05
N ASP B 260 25.05 -24.97 9.19
CA ASP B 260 23.88 -25.31 9.97
C ASP B 260 22.61 -24.70 9.38
N PHE B 261 22.74 -23.68 8.54
CA PHE B 261 21.60 -23.02 7.92
C PHE B 261 21.38 -23.59 6.52
N GLN B 262 20.71 -24.75 6.49
CA GLN B 262 20.39 -25.40 5.23
C GLN B 262 19.33 -26.46 5.49
N VAL B 263 18.49 -26.71 4.49
CA VAL B 263 17.48 -27.75 4.58
C VAL B 263 18.02 -29.04 3.98
N TYR B 264 18.31 -30.03 4.83
CA TYR B 264 18.70 -31.34 4.34
C TYR B 264 17.56 -31.95 3.55
N GLN B 265 17.90 -32.53 2.39
CA GLN B 265 16.90 -33.07 1.48
C GLN B 265 17.25 -34.52 1.14
N TYR B 266 16.29 -35.41 1.31
CA TYR B 266 16.42 -36.79 0.84
C TYR B 266 15.94 -36.84 -0.61
N GLY B 267 16.66 -36.13 -1.46
CA GLY B 267 16.27 -36.00 -2.85
C GLY B 267 15.25 -34.91 -3.06
N ASP B 268 13.98 -35.29 -3.27
CA ASP B 268 12.89 -34.35 -3.48
C ASP B 268 12.09 -34.08 -2.21
N ASN B 269 12.56 -34.54 -1.06
CA ASN B 269 11.84 -34.40 0.19
C ASN B 269 12.69 -33.63 1.20
N VAL B 270 12.03 -32.80 2.00
CA VAL B 270 12.71 -31.97 2.98
C VAL B 270 12.55 -32.58 4.37
N GLU B 271 13.33 -32.08 5.32
CA GLU B 271 13.24 -32.54 6.69
C GLU B 271 11.94 -32.09 7.33
N SER B 272 11.68 -32.58 8.53
CA SER B 272 10.51 -32.15 9.30
C SER B 272 10.62 -30.65 9.58
N PRO B 273 9.58 -29.88 9.29
CA PRO B 273 9.66 -28.43 9.47
C PRO B 273 9.97 -28.02 10.90
N GLN B 274 9.46 -28.77 11.88
CA GLN B 274 9.74 -28.47 13.27
C GLN B 274 11.23 -28.67 13.60
N LYS B 275 11.84 -29.72 13.04
CA LYS B 275 13.27 -29.90 13.22
C LYS B 275 14.06 -28.74 12.62
N LEU B 276 13.63 -28.28 11.43
CA LEU B 276 14.28 -27.13 10.81
C LEU B 276 14.17 -25.89 11.70
N PHE B 277 12.98 -25.65 12.25
CA PHE B 277 12.78 -24.51 13.13
C PHE B 277 13.67 -24.59 14.35
N ASP B 278 13.67 -25.74 15.03
CA ASP B 278 14.48 -25.90 16.23
C ASP B 278 15.96 -25.75 15.91
N ARG B 279 16.37 -26.24 14.73
CA ARG B 279 17.75 -26.10 14.29
C ARG B 279 18.12 -24.64 14.05
N ILE B 280 17.20 -23.87 13.46
CA ILE B 280 17.48 -22.48 13.16
C ILE B 280 17.28 -21.60 14.40
N ASN B 281 16.20 -21.86 15.16
CA ASN B 281 15.92 -21.03 16.33
C ASN B 281 17.04 -21.12 17.36
N ALA B 282 17.56 -22.33 17.59
CA ALA B 282 18.67 -22.47 18.52
C ALA B 282 19.90 -21.73 18.02
N LEU B 283 20.10 -21.67 16.70
CA LEU B 283 21.21 -20.91 16.15
C LEU B 283 20.97 -19.42 16.30
N TYR B 284 19.72 -18.97 16.17
CA TYR B 284 19.42 -17.56 16.33
C TYR B 284 19.73 -17.08 17.74
N LYS B 285 19.40 -17.89 18.75
CA LYS B 285 19.72 -17.55 20.12
C LYS B 285 21.22 -17.52 20.36
N ARG B 286 22.02 -18.14 19.50
CA ARG B 286 23.47 -18.04 19.56
C ARG B 286 23.99 -16.80 18.84
N ALA B 287 23.11 -15.99 18.25
CA ALA B 287 23.49 -14.73 17.62
C ALA B 287 23.21 -13.53 18.51
N LEU B 288 22.10 -13.54 19.24
CA LEU B 288 21.83 -12.47 20.20
C LEU B 288 22.86 -12.47 21.32
N ARG B 289 23.26 -13.66 21.78
CA ARG B 289 24.18 -13.81 22.89
C ARG B 289 25.64 -13.72 22.48
N GLU B 290 25.93 -13.60 21.19
CA GLU B 290 27.31 -13.58 20.71
C GLU B 290 27.65 -12.33 19.90
N GLN B 291 26.72 -11.83 19.10
CA GLN B 291 26.98 -10.70 18.22
C GLN B 291 26.25 -9.42 18.63
N LEU B 292 24.98 -9.53 19.04
CA LEU B 292 24.25 -8.37 19.53
C LEU B 292 24.54 -8.07 20.99
N ASN B 293 25.35 -8.89 21.66
CA ASN B 293 25.79 -8.66 23.03
C ASN B 293 24.62 -8.58 24.00
N VAL B 294 23.56 -9.35 23.75
CA VAL B 294 22.44 -9.41 24.68
C VAL B 294 22.88 -10.16 25.93
N THR B 295 23.13 -9.42 27.01
CA THR B 295 23.61 -10.03 28.25
C THR B 295 22.50 -10.72 29.03
N ASP B 296 21.26 -10.26 28.90
CA ASP B 296 20.16 -10.85 29.64
C ASP B 296 19.86 -12.24 29.11
N GLU B 297 19.77 -13.21 30.02
CA GLU B 297 19.45 -14.59 29.65
C GLU B 297 17.95 -14.85 29.61
N GLN B 298 17.13 -13.89 30.04
CA GLN B 298 15.68 -14.06 30.02
C GLN B 298 15.08 -13.67 28.67
N LYS B 299 15.57 -12.58 28.07
CA LYS B 299 15.07 -12.18 26.76
C LYS B 299 15.37 -13.24 25.71
N ILE B 300 16.56 -13.82 25.74
CA ILE B 300 16.92 -14.86 24.78
C ILE B 300 16.02 -16.08 24.95
N ALA B 301 15.65 -16.39 26.20
CA ALA B 301 14.79 -17.55 26.46
C ALA B 301 13.36 -17.35 25.97
N GLU B 302 12.93 -16.09 25.74
CA GLU B 302 11.58 -15.82 25.29
C GLU B 302 11.50 -15.30 23.87
N ASP B 303 12.58 -14.76 23.33
CA ASP B 303 12.58 -14.27 21.96
C ASP B 303 12.68 -15.43 20.96
N ASN B 304 12.48 -15.11 19.69
CA ASN B 304 12.42 -16.13 18.65
C ASN B 304 12.88 -15.52 17.34
N VAL B 305 13.35 -16.39 16.44
CA VAL B 305 13.76 -15.93 15.12
C VAL B 305 12.53 -15.47 14.31
N ILE B 306 11.48 -16.27 14.31
CA ILE B 306 10.23 -15.93 13.64
C ILE B 306 9.07 -16.33 14.53
N ASN B 307 7.92 -15.72 14.28
CA ASN B 307 6.67 -16.10 14.95
C ASN B 307 6.02 -17.18 14.10
N ARG B 308 6.03 -18.42 14.60
CA ARG B 308 5.48 -19.55 13.86
C ARG B 308 3.98 -19.42 13.62
N ASN B 309 3.29 -18.54 14.35
CA ASN B 309 1.88 -18.31 14.10
C ASN B 309 1.67 -17.22 13.05
N LYS B 310 2.43 -16.12 13.14
CA LYS B 310 2.39 -15.10 12.10
C LYS B 310 3.02 -15.61 10.81
N PHE B 311 4.16 -16.28 10.91
CA PHE B 311 4.95 -16.73 9.77
C PHE B 311 4.84 -18.24 9.63
N PRO B 312 4.17 -18.76 8.61
CA PRO B 312 4.05 -20.22 8.47
C PRO B 312 5.41 -20.89 8.32
N LEU B 313 5.51 -22.10 8.85
CA LEU B 313 6.79 -22.79 8.92
C LEU B 313 7.26 -23.27 7.54
N ASN B 314 6.32 -23.62 6.66
CA ASN B 314 6.70 -23.97 5.29
C ASN B 314 7.30 -22.77 4.56
N LYS B 315 6.79 -21.57 4.85
CA LYS B 315 7.40 -20.37 4.30
C LYS B 315 8.83 -20.19 4.82
N LEU B 316 9.06 -20.54 6.09
CA LEU B 316 10.43 -20.54 6.60
C LEU B 316 11.29 -21.55 5.86
N VAL B 317 10.73 -22.73 5.56
CA VAL B 317 11.46 -23.73 4.79
C VAL B 317 11.88 -23.16 3.45
N TYR B 318 10.94 -22.50 2.76
CA TYR B 318 11.23 -21.92 1.46
C TYR B 318 12.30 -20.83 1.58
N THR B 319 12.20 -19.99 2.61
CA THR B 319 13.15 -18.91 2.80
C THR B 319 14.56 -19.45 3.03
N VAL B 320 14.67 -20.51 3.85
CA VAL B 320 15.97 -21.12 4.09
C VAL B 320 16.50 -21.73 2.80
N GLN B 321 15.62 -22.37 2.02
CA GLN B 321 16.04 -22.97 0.76
C GLN B 321 16.57 -21.91 -0.21
N ALA B 322 15.93 -20.75 -0.23
CA ALA B 322 16.35 -19.70 -1.17
C ALA B 322 17.74 -19.15 -0.82
N LEU B 323 18.13 -19.21 0.45
CA LEU B 323 19.39 -18.64 0.89
C LEU B 323 20.43 -19.67 1.30
N GLU B 324 20.22 -20.94 0.99
CA GLU B 324 21.18 -21.99 1.36
C GLU B 324 22.56 -21.74 0.76
N SER B 325 22.60 -21.55 -0.56
CA SER B 325 23.88 -21.46 -1.25
C SER B 325 24.49 -20.07 -1.11
N LEU B 326 23.68 -19.07 -0.77
CA LEU B 326 24.15 -17.69 -0.74
C LEU B 326 25.21 -17.50 0.33
N SER B 327 26.15 -16.59 0.04
CA SER B 327 27.24 -16.26 0.96
C SER B 327 27.14 -14.77 1.29
N PHE B 328 26.34 -14.45 2.31
CA PHE B 328 26.22 -13.06 2.73
C PHE B 328 27.54 -12.53 3.27
N LEU B 329 28.25 -13.34 4.04
CA LEU B 329 29.60 -12.99 4.47
C LEU B 329 30.60 -13.39 3.41
N GLU B 330 31.64 -12.56 3.25
CA GLU B 330 32.71 -12.78 2.29
C GLU B 330 32.21 -12.64 0.85
N GLY B 331 30.91 -12.40 0.68
CA GLY B 331 30.35 -12.18 -0.63
C GLY B 331 29.94 -10.74 -0.83
N ARG B 332 30.03 -9.95 0.24
CA ARG B 332 29.66 -8.53 0.16
C ARG B 332 30.64 -7.73 -0.69
N ASN B 333 31.86 -8.23 -0.91
CA ASN B 333 32.83 -7.50 -1.71
C ASN B 333 32.37 -7.33 -3.14
N SER B 334 31.83 -8.40 -3.74
CA SER B 334 31.36 -8.31 -5.12
C SER B 334 30.18 -7.35 -5.26
N LEU B 335 29.24 -7.43 -4.31
CA LEU B 335 28.04 -6.58 -4.34
C LEU B 335 28.25 -5.24 -3.66
N ASP B 336 29.34 -4.57 -4.03
CA ASP B 336 29.66 -3.27 -3.46
C ASP B 336 28.60 -2.24 -3.86
N GLY B 337 28.25 -1.36 -2.92
CA GLY B 337 27.22 -0.37 -3.17
C GLY B 337 25.84 -0.97 -3.36
N LYS B 338 25.48 -1.93 -2.51
CA LYS B 338 24.16 -2.56 -2.58
C LYS B 338 23.76 -2.94 -1.16
N ASP B 339 22.90 -2.12 -0.55
CA ASP B 339 22.39 -2.37 0.80
C ASP B 339 21.22 -3.34 0.68
N ILE B 340 21.45 -4.61 1.00
CA ILE B 340 20.44 -5.64 0.80
C ILE B 340 19.23 -5.38 1.70
N LEU B 341 19.48 -5.09 2.97
CA LEU B 341 18.38 -4.99 3.92
C LEU B 341 17.51 -3.76 3.67
N GLY B 342 18.12 -2.62 3.35
CA GLY B 342 17.37 -1.42 3.05
C GLY B 342 16.56 -1.55 1.77
N ASP B 343 17.19 -2.10 0.72
CA ASP B 343 16.46 -2.32 -0.53
C ASP B 343 15.32 -3.31 -0.33
N PHE B 344 15.52 -4.31 0.52
CA PHE B 344 14.42 -5.21 0.85
C PHE B 344 13.27 -4.47 1.50
N PHE B 345 13.58 -3.54 2.42
CA PHE B 345 12.54 -2.74 3.05
C PHE B 345 11.79 -1.91 2.01
N GLU B 346 12.54 -1.27 1.10
CA GLU B 346 11.91 -0.44 0.09
C GLU B 346 11.01 -1.27 -0.82
N SER B 347 11.45 -2.47 -1.19
CA SER B 347 10.67 -3.30 -2.09
C SER B 347 9.46 -3.93 -1.41
N ILE B 348 9.55 -4.26 -0.12
CA ILE B 348 8.48 -4.97 0.57
C ILE B 348 7.45 -3.99 1.11
N ILE B 349 7.91 -3.01 1.88
CA ILE B 349 6.98 -2.07 2.52
C ILE B 349 6.32 -1.20 1.46
N ARG B 350 5.01 -1.09 1.53
CA ARG B 350 4.28 -0.29 0.56
C ARG B 350 4.57 1.20 0.75
N ASP B 351 4.39 1.96 -0.33
CA ASP B 351 4.63 3.40 -0.26
C ASP B 351 3.63 4.10 0.65
N GLY B 352 2.47 3.49 0.87
CA GLY B 352 1.47 4.06 1.76
C GLY B 352 1.97 4.16 3.19
N PHE B 353 2.66 3.11 3.65
CA PHE B 353 3.26 3.12 4.98
C PHE B 353 4.52 3.97 5.03
N LYS B 354 5.24 4.08 3.92
CA LYS B 354 6.45 4.89 3.85
C LYS B 354 6.16 6.37 3.59
N GLN B 355 4.89 6.78 3.62
CA GLN B 355 4.51 8.16 3.38
C GLN B 355 4.27 8.92 4.68
N THR B 356 3.55 8.31 5.63
CA THR B 356 3.32 8.95 6.93
C THR B 356 4.64 9.21 7.63
N LYS B 357 5.51 8.19 7.67
CA LYS B 357 6.86 8.36 8.16
C LYS B 357 7.82 8.52 6.99
N GLY B 358 8.93 9.22 7.24
CA GLY B 358 9.88 9.49 6.19
C GLY B 358 10.74 8.31 5.82
N GLN B 359 10.13 7.16 5.54
CA GLN B 359 10.88 5.95 5.22
C GLN B 359 11.35 5.96 3.78
N PHE B 360 12.23 6.91 3.43
CA PHE B 360 12.84 6.98 2.12
C PHE B 360 14.36 6.99 2.30
N PHE B 361 14.99 5.89 1.88
CA PHE B 361 16.42 5.71 2.11
C PHE B 361 17.23 6.39 1.02
N THR B 362 18.29 7.07 1.43
CA THR B 362 19.17 7.75 0.48
C THR B 362 19.89 6.73 -0.37
N PRO B 363 19.89 6.86 -1.70
CA PRO B 363 20.62 5.91 -2.54
C PRO B 363 22.11 5.95 -2.24
N THR B 364 22.75 4.79 -2.40
CA THR B 364 24.18 4.68 -2.13
C THR B 364 25.04 5.66 -2.93
N PRO B 365 24.81 5.91 -4.22
CA PRO B 365 25.66 6.90 -4.91
C PRO B 365 25.67 8.26 -4.27
N ILE B 366 24.53 8.73 -3.75
CA ILE B 366 24.51 10.02 -3.05
C ILE B 366 25.36 9.97 -1.79
N VAL B 367 25.20 8.89 -1.01
CA VAL B 367 25.88 8.79 0.28
C VAL B 367 27.39 8.84 0.09
N LYS B 368 27.89 8.10 -0.91
CA LYS B 368 29.32 8.15 -1.21
C LYS B 368 29.76 9.54 -1.67
N PHE B 369 28.84 10.31 -2.25
CA PHE B 369 29.15 11.69 -2.62
C PHE B 369 29.19 12.60 -1.40
N ILE B 370 28.27 12.41 -0.46
CA ILE B 370 28.22 13.26 0.74
C ILE B 370 29.51 13.14 1.53
N LEU B 371 29.95 11.89 1.75
CA LEU B 371 31.16 11.68 2.55
C LEU B 371 32.38 12.25 1.86
N TYR B 372 32.51 12.05 0.54
CA TYR B 372 33.66 12.55 -0.19
C TYR B 372 33.61 14.06 -0.41
N ALA B 373 32.43 14.66 -0.40
CA ALA B 373 32.32 16.10 -0.51
C ALA B 373 32.71 16.80 0.78
N LEU B 374 32.43 16.19 1.93
CA LEU B 374 32.83 16.73 3.22
C LEU B 374 34.31 16.54 3.51
N GLN B 375 35.06 15.92 2.59
CA GLN B 375 36.47 15.60 2.82
C GLN B 375 36.64 14.77 4.09
N LEU B 376 35.73 13.81 4.29
CA LEU B 376 35.79 12.96 5.48
C LEU B 376 37.07 12.16 5.54
N ASP B 377 37.60 11.76 4.38
CA ASP B 377 38.87 11.05 4.36
C ASP B 377 39.99 11.92 4.89
N LYS B 378 40.12 13.15 4.38
CA LYS B 378 41.16 14.05 4.84
C LYS B 378 40.96 14.43 6.30
N LEU B 379 39.71 14.62 6.71
CA LEU B 379 39.43 14.94 8.11
C LEU B 379 39.86 13.81 9.03
N ALA B 380 39.54 12.57 8.66
CA ALA B 380 39.94 11.42 9.47
C ALA B 380 41.46 11.29 9.51
N ILE B 381 42.12 11.49 8.37
CA ILE B 381 43.58 11.40 8.34
C ILE B 381 44.20 12.47 9.24
N ASP B 382 43.69 13.70 9.18
CA ASP B 382 44.22 14.77 10.02
C ASP B 382 43.97 14.50 11.49
N ARG B 383 42.78 13.99 11.84
CA ARG B 383 42.50 13.67 13.23
C ARG B 383 43.42 12.57 13.74
N LEU B 384 43.68 11.55 12.91
CA LEU B 384 44.60 10.50 13.31
C LEU B 384 46.02 11.03 13.49
N ASN B 385 46.44 11.92 12.59
CA ASN B 385 47.82 12.43 12.66
C ASN B 385 48.02 13.33 13.87
N ASN B 386 47.09 14.24 14.13
CA ASN B 386 47.26 15.23 15.19
C ASN B 386 46.53 14.85 16.48
N ASP B 387 45.23 14.61 16.40
CA ASP B 387 44.45 14.30 17.60
C ASP B 387 44.54 12.83 17.99
N ARG B 388 45.08 11.97 17.12
CA ARG B 388 45.23 10.54 17.39
C ARG B 388 43.89 9.87 17.68
N GLU B 389 42.82 10.38 17.08
CA GLU B 389 41.48 9.84 17.27
C GLU B 389 40.74 9.91 15.95
N LEU B 390 39.60 9.23 15.89
CA LEU B 390 38.77 9.34 14.70
C LEU B 390 37.62 10.32 14.93
N PRO B 391 37.07 10.92 13.88
CA PRO B 391 35.98 11.88 14.07
C PRO B 391 34.67 11.16 14.35
N LEU B 392 34.03 11.52 15.46
CA LEU B 392 32.78 10.91 15.85
C LEU B 392 31.68 11.26 14.86
N ILE B 393 30.89 10.28 14.47
CA ILE B 393 29.84 10.44 13.47
C ILE B 393 28.50 10.05 14.08
N ILE B 394 27.52 10.92 13.94
CA ILE B 394 26.14 10.65 14.35
C ILE B 394 25.21 10.84 13.17
N ASP B 395 24.25 9.93 13.04
CA ASP B 395 23.17 10.03 12.06
C ASP B 395 21.87 9.97 12.86
N PRO B 396 21.34 11.12 13.29
CA PRO B 396 20.17 11.11 14.19
C PRO B 396 18.95 10.42 13.59
N SER B 397 18.91 10.33 12.27
CA SER B 397 17.80 9.69 11.59
C SER B 397 18.32 8.58 10.68
N ALA B 398 19.20 7.74 11.20
CA ALA B 398 19.77 6.66 10.41
C ALA B 398 18.74 5.57 10.15
N GLY B 399 18.57 5.24 8.87
CA GLY B 399 17.69 4.16 8.47
C GLY B 399 18.45 3.07 7.75
N SER B 400 18.52 1.89 8.35
CA SER B 400 19.35 0.78 7.89
C SER B 400 20.83 1.10 7.91
N GLY B 401 21.20 2.26 8.46
CA GLY B 401 22.59 2.65 8.63
C GLY B 401 23.39 2.73 7.34
N THR B 402 22.77 3.18 6.25
CA THR B 402 23.51 3.30 4.99
C THR B 402 24.66 4.28 5.11
N PHE B 403 24.39 5.45 5.72
CA PHE B 403 25.45 6.44 5.91
C PHE B 403 26.59 5.88 6.75
N LEU B 404 26.26 5.18 7.83
CA LEU B 404 27.27 4.60 8.72
C LEU B 404 28.10 3.52 8.04
N ILE B 405 27.45 2.64 7.26
CA ILE B 405 28.19 1.60 6.54
C ILE B 405 29.14 2.22 5.53
N GLU B 406 28.65 3.19 4.76
CA GLU B 406 29.52 3.86 3.80
C GLU B 406 30.66 4.61 4.49
N ALA B 407 30.40 5.23 5.65
CA ALA B 407 31.46 5.88 6.39
C ALA B 407 32.51 4.88 6.85
N MET B 408 32.08 3.72 7.35
CA MET B 408 33.05 2.69 7.75
C MET B 408 33.90 2.25 6.58
N LYS B 409 33.27 1.96 5.45
CA LYS B 409 34.02 1.51 4.28
C LYS B 409 35.00 2.58 3.81
N LEU B 410 34.55 3.83 3.77
CA LEU B 410 35.43 4.91 3.34
C LEU B 410 36.62 5.06 4.28
N ILE B 411 36.37 5.06 5.59
CA ILE B 411 37.45 5.28 6.55
C ILE B 411 38.45 4.13 6.48
N THR B 412 37.96 2.90 6.37
CA THR B 412 38.85 1.75 6.27
C THR B 412 39.70 1.84 5.00
N LYS B 413 39.05 2.04 3.84
CA LYS B 413 39.78 2.10 2.59
C LYS B 413 40.69 3.31 2.47
N GLU B 414 40.52 4.32 3.32
CA GLU B 414 41.41 5.47 3.29
C GLU B 414 42.58 5.33 4.25
N VAL B 415 42.33 4.92 5.49
CA VAL B 415 43.42 4.76 6.46
C VAL B 415 44.29 3.57 6.10
N LYS B 416 43.68 2.46 5.68
CA LYS B 416 44.41 1.26 5.32
C LYS B 416 44.79 1.43 3.84
N TYR B 417 45.13 0.33 3.15
CA TYR B 417 45.55 0.36 1.75
C TYR B 417 44.72 1.34 0.94
N LYS B 418 45.39 2.01 -0.01
CA LYS B 418 44.93 3.18 -0.75
C LYS B 418 45.10 4.42 0.10
N GLN B 419 45.48 5.54 -0.52
CA GLN B 419 45.98 6.71 0.20
C GLN B 419 47.09 6.26 1.14
N ASN B 420 46.94 6.55 2.43
CA ASN B 420 47.84 6.06 3.47
C ASN B 420 49.27 6.57 3.28
N HIS B 421 49.49 7.45 2.30
CA HIS B 421 50.83 7.96 2.05
C HIS B 421 51.19 9.08 3.02
N LYS B 422 50.21 9.64 3.72
CA LYS B 422 50.43 10.73 4.68
C LYS B 422 49.97 10.33 6.08
N VAL B 423 50.06 9.04 6.39
CA VAL B 423 49.67 8.55 7.72
C VAL B 423 50.64 9.05 8.80
N LYS B 424 51.80 9.56 8.39
CA LYS B 424 52.77 10.15 9.32
C LYS B 424 53.19 9.15 10.40
N SER B 425 53.82 8.06 9.98
CA SER B 425 54.25 7.01 10.90
C SER B 425 55.40 7.55 11.75
N SER B 426 55.07 8.04 12.95
CA SER B 426 56.06 8.62 13.87
C SER B 426 55.70 8.17 15.29
N ARG B 427 56.31 7.06 15.72
CA ARG B 427 56.19 6.54 17.07
C ARG B 427 54.73 6.37 17.49
N GLN B 428 54.18 7.36 18.19
CA GLN B 428 52.85 7.25 18.77
C GLN B 428 51.77 7.01 17.71
N ILE B 429 51.87 7.70 16.57
CA ILE B 429 50.89 7.51 15.51
C ILE B 429 50.95 6.08 14.99
N THR B 430 52.17 5.57 14.78
CA THR B 430 52.34 4.20 14.32
C THR B 430 51.76 3.21 15.32
N LYS B 431 52.01 3.45 16.61
CA LYS B 431 51.47 2.57 17.65
C LYS B 431 49.94 2.59 17.64
N ARG B 432 49.36 3.79 17.55
CA ARG B 432 47.91 3.93 17.51
C ARG B 432 47.32 3.21 16.29
N PHE B 433 48.09 3.16 15.19
CA PHE B 433 47.59 2.57 13.96
C PHE B 433 47.17 1.11 14.13
N GLU B 434 47.83 0.37 15.03
CA GLU B 434 47.53 -1.06 15.14
C GLU B 434 46.22 -1.32 15.88
N GLU B 435 45.88 -0.52 16.90
CA GLU B 435 44.66 -0.76 17.65
C GLU B 435 43.42 -0.61 16.79
N LEU B 436 43.52 0.09 15.66
CA LEU B 436 42.35 0.38 14.84
C LEU B 436 42.43 -0.32 13.49
N PHE B 437 43.53 -0.11 12.77
CA PHE B 437 43.69 -0.64 11.40
C PHE B 437 44.95 -1.50 11.35
N MET B 438 44.79 -2.79 11.66
CA MET B 438 45.87 -3.76 11.52
C MET B 438 45.34 -5.18 11.50
N PRO B 439 44.48 -5.61 12.47
CA PRO B 439 43.93 -6.97 12.38
C PRO B 439 42.98 -7.13 11.21
N ASP B 440 43.39 -7.88 10.19
CA ASP B 440 42.61 -8.00 8.97
C ASP B 440 41.28 -8.71 9.23
N HIS B 441 41.29 -9.72 10.10
CA HIS B 441 40.09 -10.50 10.38
C HIS B 441 38.97 -9.62 10.90
N ASN B 442 39.24 -8.81 11.92
CA ASN B 442 38.27 -7.90 12.49
C ASN B 442 38.93 -6.52 12.59
N GLU B 443 38.82 -5.74 11.52
CA GLU B 443 39.40 -4.41 11.47
C GLU B 443 38.42 -3.31 11.86
N ASN B 444 37.12 -3.57 11.83
CA ASN B 444 36.14 -2.55 12.18
C ASN B 444 35.92 -2.55 13.69
N LYS B 445 36.99 -2.32 14.45
CA LYS B 445 36.90 -2.26 15.90
C LYS B 445 36.52 -0.87 16.39
N TRP B 446 36.97 0.17 15.68
CA TRP B 446 36.69 1.54 16.07
C TRP B 446 35.20 1.85 15.98
N ALA B 447 34.46 1.05 15.21
CA ALA B 447 33.04 1.31 14.96
C ALA B 447 32.24 1.37 16.25
N ARG B 448 32.54 0.48 17.20
CA ARG B 448 31.82 0.47 18.47
C ARG B 448 32.07 1.75 19.27
N GLU B 449 33.22 2.38 19.09
CA GLU B 449 33.61 3.53 19.89
C GLU B 449 33.77 4.82 19.10
N TYR B 450 33.57 4.81 17.79
CA TYR B 450 33.70 6.03 17.00
C TYR B 450 32.63 6.12 15.91
N LEU B 451 31.47 5.51 16.15
CA LEU B 451 30.39 5.56 15.16
C LEU B 451 29.07 5.37 15.89
N TYR B 452 28.23 6.39 15.86
CA TYR B 452 26.94 6.37 16.53
C TYR B 452 25.82 6.48 15.51
N GLY B 453 24.57 6.43 16.00
CA GLY B 453 23.41 6.51 15.14
C GLY B 453 22.11 6.29 15.88
N CYS B 454 21.04 6.94 15.43
CA CYS B 454 19.74 6.86 16.08
C CYS B 454 18.66 6.49 15.08
N GLU B 455 17.72 5.65 15.52
CA GLU B 455 16.58 5.23 14.72
C GLU B 455 15.39 5.00 15.64
N ILE B 456 14.19 5.36 15.15
CA ILE B 456 13.00 5.29 15.98
C ILE B 456 12.20 4.00 15.77
N ASN B 457 12.39 3.30 14.66
CA ASN B 457 11.66 2.08 14.38
C ASN B 457 12.51 0.88 14.80
N PHE B 458 11.93 0.02 15.65
CA PHE B 458 12.70 -1.11 16.17
C PHE B 458 13.11 -2.07 15.07
N ASP B 459 12.23 -2.32 14.10
CA ASP B 459 12.60 -3.17 12.97
C ASP B 459 13.75 -2.57 12.19
N LEU B 460 13.69 -1.26 11.94
CA LEU B 460 14.78 -0.59 11.24
C LEU B 460 16.06 -0.63 12.07
N GLY B 461 15.95 -0.46 13.38
CA GLY B 461 17.13 -0.55 14.22
C GLY B 461 17.78 -1.91 14.19
N THR B 462 16.97 -2.97 14.27
CA THR B 462 17.52 -4.32 14.18
C THR B 462 18.14 -4.58 12.81
N ALA B 463 17.51 -4.12 11.74
CA ALA B 463 18.08 -4.29 10.41
C ALA B 463 19.40 -3.54 10.29
N SER B 464 19.47 -2.33 10.85
CA SER B 464 20.71 -1.57 10.81
C SER B 464 21.82 -2.27 11.60
N LYS B 465 21.49 -2.82 12.77
CA LYS B 465 22.48 -3.54 13.55
C LYS B 465 22.94 -4.80 12.85
N VAL B 466 22.02 -5.50 12.17
CA VAL B 466 22.40 -6.65 11.37
C VAL B 466 23.36 -6.24 10.26
N ASN B 467 23.09 -5.09 9.63
CA ASN B 467 24.02 -4.58 8.62
C ASN B 467 25.39 -4.28 9.22
N MET B 468 25.42 -3.66 10.40
CA MET B 468 26.70 -3.34 11.03
C MET B 468 27.51 -4.61 11.30
N ILE B 469 26.86 -5.64 11.87
CA ILE B 469 27.60 -6.87 12.14
C ILE B 469 27.92 -7.62 10.86
N LEU B 470 27.16 -7.40 9.78
CA LEU B 470 27.53 -7.95 8.48
C LEU B 470 28.82 -7.31 7.97
N HIS B 471 28.96 -6.00 8.17
CA HIS B 471 30.11 -5.26 7.65
C HIS B 471 31.26 -5.15 8.65
N GLY B 472 31.31 -6.06 9.62
CA GLY B 472 32.43 -6.10 10.54
C GLY B 472 32.12 -5.60 11.94
N ASP B 473 30.88 -5.79 12.37
CA ASP B 473 30.43 -5.39 13.71
C ASP B 473 30.44 -3.88 13.88
N GLY B 474 29.92 -3.40 15.00
CA GLY B 474 29.79 -1.98 15.24
C GLY B 474 28.38 -1.60 15.66
N SER B 475 27.58 -2.61 15.99
CA SER B 475 26.18 -2.40 16.35
C SER B 475 26.02 -2.28 17.86
N ALA B 476 26.74 -1.32 18.42
CA ALA B 476 26.63 -1.02 19.84
C ALA B 476 26.08 0.37 20.13
N ASN B 477 26.28 1.32 19.23
CA ASN B 477 25.82 2.69 19.42
C ASN B 477 24.54 3.01 18.67
N ILE B 478 23.92 2.02 18.03
CA ILE B 478 22.66 2.22 17.32
C ILE B 478 21.56 2.31 18.36
N PHE B 479 21.14 3.53 18.69
CA PHE B 479 20.08 3.74 19.67
C PHE B 479 18.73 3.59 18.99
N VAL B 480 17.86 2.79 19.58
CA VAL B 480 16.56 2.47 18.99
C VAL B 480 15.53 3.47 19.48
N GLN B 481 15.98 4.51 20.15
CA GLN B 481 15.10 5.56 20.65
C GLN B 481 14.93 6.67 19.63
N ASP B 482 14.07 7.63 19.98
CA ASP B 482 13.81 8.77 19.10
C ASP B 482 15.06 9.63 18.97
N GLY B 483 15.16 10.33 17.84
CA GLY B 483 16.29 11.18 17.56
C GLY B 483 16.21 12.60 18.07
N LEU B 484 15.08 13.00 18.63
CA LEU B 484 14.92 14.36 19.13
C LEU B 484 14.60 14.38 20.62
N LEU B 485 14.94 13.32 21.32
CA LEU B 485 14.73 13.20 22.75
C LEU B 485 15.85 13.89 23.51
N PRO B 486 15.64 14.22 24.79
CA PRO B 486 16.73 14.75 25.60
C PRO B 486 17.91 13.78 25.65
N PHE B 487 19.12 14.34 25.64
CA PHE B 487 20.33 13.55 25.46
C PHE B 487 20.54 12.56 26.62
N ARG B 488 19.93 12.83 27.76
CA ARG B 488 20.11 11.96 28.93
CA ARG B 488 20.08 11.97 28.93
C ARG B 488 19.33 10.65 28.78
N PHE B 489 18.44 10.59 27.79
CA PHE B 489 17.62 9.39 27.58
C PHE B 489 18.34 8.29 26.81
N TYR B 490 19.45 8.60 26.14
CA TYR B 490 20.11 7.64 25.26
C TYR B 490 21.08 6.79 26.08
N VAL B 491 20.52 5.93 26.94
CA VAL B 491 21.30 5.08 27.82
C VAL B 491 21.91 3.94 27.01
N LYS B 492 23.16 3.59 27.34
CA LYS B 492 23.87 2.53 26.64
C LYS B 492 24.75 1.79 27.64
N GLU B 493 24.97 0.51 27.37
CA GLU B 493 25.70 -0.38 28.28
C GLU B 493 27.14 -0.51 27.80
N THR B 494 27.95 0.49 28.13
CA THR B 494 29.39 0.48 27.85
C THR B 494 30.06 1.67 28.52
N SER B 495 31.40 1.74 28.44
CA SER B 495 32.11 2.85 29.08
C SER B 495 31.94 4.16 28.32
N PRO B 496 32.29 4.26 27.03
CA PRO B 496 32.13 5.55 26.34
C PRO B 496 30.73 5.74 25.80
N ASN B 497 30.07 6.81 26.25
CA ASN B 497 28.68 7.12 25.90
C ASN B 497 28.56 8.59 25.54
N TYR B 498 29.42 9.05 24.63
CA TYR B 498 29.54 10.44 24.23
C TYR B 498 28.20 11.13 24.00
N LEU B 499 27.17 10.38 23.61
CA LEU B 499 25.85 10.95 23.37
C LEU B 499 25.05 10.94 24.68
N GLU B 500 25.69 11.46 25.72
CA GLU B 500 25.03 11.68 27.01
C GLU B 500 25.33 13.06 27.59
N THR B 501 26.49 13.61 27.25
CA THR B 501 26.86 14.92 27.80
C THR B 501 25.97 16.01 27.22
N ALA B 502 25.42 16.83 28.11
CA ALA B 502 24.54 17.91 27.70
C ALA B 502 24.53 18.98 28.78
N SER B 503 24.77 20.22 28.38
CA SER B 503 24.78 21.35 29.29
C SER B 503 24.14 22.54 28.59
N PRO B 504 23.56 23.48 29.35
CA PRO B 504 23.03 24.69 28.71
C PRO B 504 24.13 25.49 28.05
N ASP B 505 23.77 26.17 26.96
CA ASP B 505 24.71 26.95 26.17
C ASP B 505 24.38 28.43 26.31
N ALA B 506 25.43 29.25 26.41
CA ALA B 506 25.24 30.69 26.60
C ALA B 506 24.51 31.30 25.41
N LEU B 507 25.14 31.28 24.23
CA LEU B 507 24.56 31.89 23.04
C LEU B 507 23.65 30.91 22.31
N TYR B 508 22.75 30.26 23.05
CA TYR B 508 21.76 29.38 22.45
C TYR B 508 20.42 29.44 23.16
N GLY B 509 20.26 30.31 24.16
CA GLY B 509 19.04 30.33 24.94
C GLY B 509 19.05 29.41 26.14
N ASP B 510 20.22 28.98 26.61
CA ASP B 510 20.35 28.10 27.77
C ASP B 510 19.59 26.79 27.57
N LYS B 511 20.04 26.03 26.58
CA LYS B 511 19.46 24.74 26.24
C LYS B 511 20.57 23.72 26.03
N GLU B 512 20.21 22.45 26.12
CA GLU B 512 21.20 21.37 26.07
C GLU B 512 21.92 21.35 24.73
N VAL B 513 23.23 21.19 24.78
CA VAL B 513 24.07 21.13 23.59
C VAL B 513 25.13 20.05 23.79
N ASN B 514 25.08 19.01 22.96
CA ASN B 514 26.07 17.93 23.00
C ASN B 514 27.09 18.16 21.89
N GLY B 515 28.03 19.06 22.16
CA GLY B 515 29.01 19.44 21.15
C GLY B 515 30.25 18.58 21.12
N LYS B 516 30.14 17.36 20.61
CA LYS B 516 31.31 16.49 20.49
C LYS B 516 31.43 15.87 19.10
N PHE B 517 30.30 15.66 18.43
CA PHE B 517 30.32 15.03 17.12
C PHE B 517 30.87 15.99 16.06
N ASP B 518 31.35 15.42 14.96
CA ASP B 518 32.06 16.19 13.95
C ASP B 518 31.48 16.06 12.54
N VAL B 519 30.96 14.89 12.17
CA VAL B 519 30.71 14.56 10.78
C VAL B 519 29.22 14.27 10.64
N VAL B 520 28.40 15.02 11.37
CA VAL B 520 26.96 14.81 11.41
C VAL B 520 26.39 14.77 10.00
N VAL B 521 25.82 13.62 9.63
CA VAL B 521 25.20 13.42 8.32
C VAL B 521 23.89 12.65 8.52
N SER B 522 22.84 13.04 7.81
CA SER B 522 21.55 12.39 7.95
C SER B 522 20.65 12.84 6.81
N ASN B 523 19.48 12.20 6.71
CA ASN B 523 18.42 12.57 5.77
C ASN B 523 17.13 12.66 6.58
N PRO B 524 16.79 13.84 7.07
CA PRO B 524 15.62 13.99 7.95
C PRO B 524 14.34 13.55 7.25
N PRO B 525 13.40 12.96 7.98
CA PRO B 525 12.06 12.75 7.43
C PRO B 525 11.39 14.09 7.14
N PHE B 526 10.77 14.19 5.97
CA PHE B 526 10.15 15.45 5.57
C PHE B 526 8.70 15.50 6.03
N SER B 527 8.41 16.42 6.95
CA SER B 527 7.05 16.67 7.44
C SER B 527 6.42 15.41 8.01
N VAL B 528 7.11 14.82 8.98
CA VAL B 528 6.58 13.66 9.71
C VAL B 528 6.00 14.16 11.02
N ASP B 529 4.96 13.46 11.48
CA ASP B 529 4.26 13.87 12.71
C ASP B 529 5.03 13.38 13.92
N LEU B 530 5.37 14.31 14.81
CA LEU B 530 6.09 13.96 16.02
C LEU B 530 5.17 13.21 16.99
N ASP B 531 5.78 12.36 17.81
CA ASP B 531 5.03 11.60 18.79
C ASP B 531 4.49 12.52 19.88
N THR B 532 3.31 12.16 20.41
CA THR B 532 2.68 12.99 21.43
C THR B 532 3.51 13.08 22.69
N GLN B 533 4.13 11.98 23.11
CA GLN B 533 4.99 12.01 24.29
C GLN B 533 6.18 12.93 24.07
N THR B 534 6.79 12.90 22.88
CA THR B 534 7.91 13.77 22.59
C THR B 534 7.51 15.23 22.51
N GLN B 535 6.24 15.53 22.21
CA GLN B 535 5.80 16.91 22.13
C GLN B 535 5.94 17.64 23.45
N ARG B 536 5.99 16.92 24.57
CA ARG B 536 6.22 17.56 25.86
C ARG B 536 7.62 18.15 25.94
N GLU B 537 8.61 17.48 25.35
CA GLU B 537 10.00 17.87 25.44
C GLU B 537 10.48 18.71 24.27
N VAL B 538 9.59 19.07 23.34
CA VAL B 538 9.99 19.93 22.23
C VAL B 538 9.72 21.40 22.51
N ARG B 539 8.77 21.71 23.40
CA ARG B 539 8.53 23.11 23.75
C ARG B 539 9.76 23.72 24.44
N ASN B 540 10.51 22.92 25.18
CA ASN B 540 11.78 23.31 25.75
C ASN B 540 12.91 22.57 25.06
N ALA B 541 14.14 22.98 25.37
CA ALA B 541 15.37 22.45 24.80
C ALA B 541 15.48 22.68 23.29
N PHE B 542 14.52 23.38 22.70
CA PHE B 542 14.56 23.76 21.30
C PHE B 542 14.25 25.25 21.18
N LEU B 543 15.00 25.95 20.34
CA LEU B 543 14.77 27.37 20.14
C LEU B 543 13.44 27.62 19.46
N PHE B 544 13.27 27.10 18.25
CA PHE B 544 11.99 27.14 17.54
C PHE B 544 11.19 25.87 17.78
N GLY B 545 10.99 25.53 19.04
CA GLY B 545 10.31 24.29 19.39
C GLY B 545 8.81 24.42 19.49
N ASP B 546 8.28 25.59 19.11
CA ASP B 546 6.84 25.83 19.14
C ASP B 546 6.18 25.56 17.81
N LYS B 547 6.91 25.01 16.84
CA LYS B 547 6.39 24.73 15.51
C LYS B 547 6.59 23.25 15.22
N LYS B 548 5.50 22.54 14.96
CA LYS B 548 5.55 21.10 14.68
C LYS B 548 6.01 20.88 13.25
N ASN B 549 7.32 21.08 13.04
CA ASN B 549 7.94 20.95 11.73
C ASN B 549 9.17 20.06 11.89
N SER B 550 9.06 18.80 11.44
CA SER B 550 10.08 17.81 11.75
C SER B 550 11.38 18.07 11.00
N GLU B 551 11.29 18.34 9.69
CA GLU B 551 12.50 18.47 8.89
C GLU B 551 13.32 19.69 9.28
N ASN B 552 12.75 20.63 10.02
CA ASN B 552 13.50 21.79 10.50
C ASN B 552 13.99 21.63 11.93
N LEU B 553 13.33 20.79 12.72
CA LEU B 553 13.82 20.54 14.08
C LEU B 553 15.15 19.79 14.07
N PHE B 554 15.34 18.88 13.12
CA PHE B 554 16.57 18.11 13.09
C PHE B 554 17.77 18.97 12.73
N ILE B 555 17.55 20.07 12.01
CA ILE B 555 18.66 21.01 11.78
C ILE B 555 19.14 21.59 13.10
N GLU B 556 18.19 22.00 13.95
CA GLU B 556 18.55 22.48 15.27
C GLU B 556 19.23 21.39 16.09
N ARG B 557 18.73 20.16 16.00
CA ARG B 557 19.37 19.06 16.72
C ARG B 557 20.80 18.85 16.24
N TYR B 558 21.02 18.97 14.93
CA TYR B 558 22.38 18.92 14.41
C TYR B 558 23.24 19.99 15.05
N TYR B 559 22.72 21.22 15.13
CA TYR B 559 23.46 22.26 15.83
C TYR B 559 23.77 21.86 17.26
N GLN B 560 22.85 21.15 17.90
CA GLN B 560 23.09 20.64 19.25
C GLN B 560 24.10 19.50 19.27
N LEU B 561 24.51 18.98 18.12
CA LEU B 561 25.36 17.80 18.05
C LEU B 561 26.76 18.08 17.53
N LEU B 562 26.92 18.96 16.54
CA LEU B 562 28.25 19.21 16.00
C LEU B 562 29.15 19.86 17.05
N LYS B 563 30.44 19.54 16.97
CA LYS B 563 31.45 20.25 17.75
C LYS B 563 31.62 21.66 17.18
N GLU B 564 32.31 22.51 17.94
CA GLU B 564 32.57 23.88 17.51
C GLU B 564 33.62 23.84 16.41
N GLY B 565 33.17 23.49 15.21
CA GLY B 565 34.05 23.32 14.07
C GLY B 565 33.71 22.08 13.26
N GLY B 566 32.69 21.35 13.68
CA GLY B 566 32.29 20.14 12.99
C GLY B 566 31.66 20.43 11.64
N ARG B 567 31.50 19.36 10.87
CA ARG B 567 31.01 19.44 9.50
C ARG B 567 29.63 18.80 9.40
N LEU B 568 28.79 19.37 8.53
CA LEU B 568 27.39 18.96 8.41
C LEU B 568 27.04 18.83 6.94
N GLY B 569 26.81 17.59 6.50
CA GLY B 569 26.29 17.33 5.17
C GLY B 569 24.94 16.66 5.25
N VAL B 570 23.89 17.37 4.82
CA VAL B 570 22.52 16.91 5.06
C VAL B 570 21.72 17.00 3.77
N VAL B 571 20.66 16.21 3.69
CA VAL B 571 19.74 16.24 2.56
C VAL B 571 18.47 16.93 3.04
N LEU B 572 18.08 18.01 2.36
CA LEU B 572 16.90 18.75 2.77
C LEU B 572 15.98 19.00 1.58
N PRO B 573 14.67 19.12 1.80
CA PRO B 573 13.76 19.42 0.70
C PRO B 573 14.00 20.83 0.19
N GLU B 574 13.68 21.04 -1.08
CA GLU B 574 13.86 22.36 -1.68
C GLU B 574 12.97 23.40 -1.03
N SER B 575 11.91 22.99 -0.33
CA SER B 575 11.07 23.94 0.38
C SER B 575 11.78 24.60 1.54
N VAL B 576 12.83 23.98 2.08
CA VAL B 576 13.61 24.62 3.14
C VAL B 576 14.38 25.80 2.58
N PHE B 577 15.01 25.63 1.43
CA PHE B 577 15.76 26.70 0.77
C PHE B 577 14.86 27.68 0.02
N ASP B 578 13.57 27.40 -0.05
CA ASP B 578 12.61 28.29 -0.70
C ASP B 578 11.49 28.59 0.28
N THR B 579 10.39 29.18 -0.22
CA THR B 579 9.16 29.38 0.55
C THR B 579 9.35 30.47 1.60
N THR B 580 8.28 31.14 2.01
CA THR B 580 8.37 32.22 2.97
C THR B 580 8.19 31.77 4.41
N GLU B 581 7.57 30.61 4.65
CA GLU B 581 7.35 30.15 6.02
C GLU B 581 8.60 29.58 6.66
N ASN B 582 9.67 29.35 5.89
CA ASN B 582 10.91 28.78 6.39
C ASN B 582 12.00 29.82 6.55
N LYS B 583 11.63 31.11 6.64
CA LYS B 583 12.63 32.16 6.75
C LYS B 583 13.43 32.03 8.04
N TYR B 584 12.76 31.68 9.14
CA TYR B 584 13.44 31.61 10.43
C TYR B 584 14.53 30.54 10.43
N ILE B 585 14.24 29.38 9.84
CA ILE B 585 15.24 28.32 9.77
C ILE B 585 16.44 28.76 8.94
N ARG B 586 16.18 29.37 7.78
CA ARG B 586 17.28 29.87 6.96
C ARG B 586 18.07 30.94 7.69
N LEU B 587 17.37 31.82 8.43
CA LEU B 587 18.06 32.76 9.29
C LEU B 587 18.79 32.04 10.42
N PHE B 588 18.18 30.99 10.97
CA PHE B 588 18.82 30.22 12.03
C PHE B 588 20.10 29.57 11.53
N ILE B 589 20.08 29.03 10.31
CA ILE B 589 21.27 28.39 9.76
C ILE B 589 22.39 29.41 9.57
N PHE B 590 22.05 30.59 9.05
CA PHE B 590 23.08 31.58 8.75
C PHE B 590 23.69 32.18 10.01
N LYS B 591 23.02 32.05 11.16
CA LYS B 591 23.58 32.58 12.40
C LYS B 591 24.66 31.65 12.96
N TYR B 592 24.28 30.41 13.26
CA TYR B 592 25.19 29.50 13.93
C TYR B 592 26.10 28.76 12.96
N PHE B 593 25.58 28.39 11.79
CA PHE B 593 26.35 27.65 10.82
C PHE B 593 27.00 28.60 9.81
N LYS B 594 27.98 28.07 9.09
CA LYS B 594 28.66 28.78 8.01
C LYS B 594 28.49 27.94 6.76
N VAL B 595 27.51 28.29 5.93
CA VAL B 595 27.16 27.47 4.78
C VAL B 595 28.31 27.44 3.80
N LYS B 596 28.66 26.25 3.32
CA LYS B 596 29.76 26.08 2.39
C LYS B 596 29.34 25.65 1.00
N ALA B 597 28.27 24.87 0.87
CA ALA B 597 27.83 24.45 -0.46
C ALA B 597 26.37 24.02 -0.40
N VAL B 598 25.72 24.08 -1.56
CA VAL B 598 24.37 23.55 -1.73
C VAL B 598 24.21 23.11 -3.18
N VAL B 599 23.75 21.89 -3.38
CA VAL B 599 23.59 21.31 -4.72
C VAL B 599 22.20 20.70 -4.84
N SER B 600 21.48 21.03 -5.90
CA SER B 600 20.11 20.59 -6.09
C SER B 600 20.09 19.27 -6.85
N LEU B 601 19.62 18.21 -6.19
CA LEU B 601 19.55 16.90 -6.84
C LEU B 601 18.34 16.86 -7.78
N PRO B 602 18.41 16.03 -8.82
CA PRO B 602 17.27 15.89 -9.73
C PRO B 602 16.12 15.17 -9.06
N GLN B 603 14.94 15.30 -9.67
CA GLN B 603 13.78 14.55 -9.20
C GLN B 603 13.88 13.07 -9.49
N VAL B 604 14.87 12.65 -10.30
CA VAL B 604 15.06 11.23 -10.60
C VAL B 604 15.69 10.47 -9.45
N THR B 605 15.99 11.13 -8.33
CA THR B 605 16.60 10.47 -7.19
C THR B 605 15.71 9.38 -6.62
N PHE B 606 14.56 9.77 -6.08
CA PHE B 606 13.59 8.80 -5.56
C PHE B 606 12.46 8.57 -6.55
N GLU B 607 12.81 8.04 -7.73
CA GLU B 607 11.80 7.86 -8.77
C GLU B 607 10.67 6.92 -8.37
N PRO B 608 10.91 5.68 -7.94
CA PRO B 608 9.77 4.79 -7.65
C PRO B 608 9.01 5.19 -6.41
N PHE B 609 9.65 5.89 -5.47
CA PHE B 609 9.03 6.09 -4.16
C PHE B 609 8.28 7.40 -4.04
N THR B 610 8.97 8.53 -4.16
CA THR B 610 8.28 9.80 -3.95
C THR B 610 8.56 10.84 -5.03
N SER B 611 9.79 10.90 -5.56
CA SER B 611 10.17 11.87 -6.58
C SER B 611 9.93 13.31 -6.12
N THR B 612 10.65 13.70 -5.07
CA THR B 612 10.62 15.05 -4.55
C THR B 612 11.94 15.75 -4.80
N LYS B 613 11.88 17.03 -5.15
CA LYS B 613 13.09 17.81 -5.37
C LYS B 613 13.80 18.06 -4.06
N THR B 614 15.01 17.55 -3.93
CA THR B 614 15.82 17.69 -2.73
C THR B 614 17.15 18.34 -3.07
N SER B 615 17.91 18.66 -2.03
CA SER B 615 19.21 19.28 -2.24
C SER B 615 20.12 18.97 -1.06
N LEU B 616 21.40 18.84 -1.36
CA LEU B 616 22.43 18.57 -0.36
C LEU B 616 23.02 19.90 0.12
N LEU B 617 23.06 20.05 1.44
CA LEU B 617 23.59 21.23 2.09
C LEU B 617 24.84 20.85 2.88
N PHE B 618 25.91 21.62 2.70
CA PHE B 618 27.20 21.38 3.35
C PHE B 618 27.56 22.65 4.11
N ALA B 619 27.47 22.59 5.44
CA ALA B 619 27.71 23.74 6.29
C ALA B 619 28.61 23.33 7.46
N GLN B 620 29.35 24.31 7.98
CA GLN B 620 30.23 24.09 9.12
C GLN B 620 29.82 25.03 10.25
N LYS B 621 29.79 24.49 11.47
CA LYS B 621 29.39 25.28 12.62
C LYS B 621 30.41 26.38 12.91
N LYS B 622 29.91 27.54 13.31
CA LYS B 622 30.76 28.68 13.64
C LYS B 622 31.17 28.62 15.11
N THR B 623 32.40 29.02 15.38
CA THR B 623 32.89 29.05 16.75
C THR B 623 32.17 30.15 17.55
N LYS B 624 32.19 30.00 18.88
CA LYS B 624 31.56 31.00 19.74
C LYS B 624 32.15 32.38 19.53
N GLU B 625 33.42 32.47 19.15
CA GLU B 625 34.04 33.75 18.85
C GLU B 625 33.50 34.37 17.57
N GLU B 626 32.80 33.61 16.74
CA GLU B 626 32.16 34.11 15.53
C GLU B 626 30.68 34.40 15.73
N VAL B 627 29.97 33.55 16.48
CA VAL B 627 28.58 33.84 16.81
C VAL B 627 28.48 35.09 17.67
N GLU B 628 29.46 35.30 18.56
CA GLU B 628 29.50 36.52 19.35
C GLU B 628 29.59 37.75 18.45
N GLN B 629 30.41 37.68 17.41
CA GLN B 629 30.47 38.78 16.45
C GLN B 629 29.15 38.94 15.72
N TRP B 630 28.48 37.82 15.40
CA TRP B 630 27.20 37.89 14.71
C TRP B 630 26.16 38.65 15.53
N ASN B 631 26.05 38.33 16.81
CA ASN B 631 25.08 39.01 17.66
C ASN B 631 25.44 40.49 17.84
N GLU B 632 26.73 40.78 17.98
CA GLU B 632 27.17 42.17 18.13
C GLU B 632 26.81 42.99 16.90
N LEU B 633 27.05 42.45 15.71
CA LEU B 633 26.70 43.16 14.48
C LEU B 633 25.19 43.23 14.30
N TRP B 634 24.46 42.18 14.71
CA TRP B 634 23.02 42.17 14.59
C TRP B 634 22.40 43.25 15.45
N ASP B 635 22.90 43.43 16.67
CA ASP B 635 22.36 44.45 17.57
C ASP B 635 22.90 45.85 17.26
N LYS B 636 24.10 45.96 16.68
CA LYS B 636 24.59 47.27 16.28
C LYS B 636 23.71 47.87 15.20
N TYR B 637 23.31 47.07 14.20
CA TYR B 637 22.38 47.52 13.19
C TYR B 637 20.93 47.39 13.64
N GLY B 638 20.67 46.61 14.70
CA GLY B 638 19.32 46.54 15.23
C GLY B 638 18.88 47.85 15.86
N LYS B 639 19.78 48.52 16.59
CA LYS B 639 19.45 49.82 17.15
C LYS B 639 19.19 50.84 16.04
N GLU B 640 19.98 50.78 14.97
CA GLU B 640 19.77 51.70 13.86
C GLU B 640 18.42 51.47 13.20
N TRP B 641 17.97 50.21 13.12
CA TRP B 641 16.71 49.93 12.45
C TRP B 641 15.53 50.53 13.21
N SER B 642 15.49 50.37 14.53
CA SER B 642 14.39 50.92 15.31
C SER B 642 14.43 52.45 15.33
N LEU B 643 15.62 53.02 15.48
CA LEU B 643 15.75 54.47 15.44
C LEU B 643 15.28 55.03 14.11
N LEU B 644 15.68 54.39 13.00
CA LEU B 644 15.25 54.84 11.69
C LEU B 644 13.75 54.65 11.50
N LYS B 645 13.19 53.57 12.06
CA LYS B 645 11.74 53.40 12.03
C LYS B 645 11.04 54.58 12.69
N THR B 646 11.51 54.95 13.89
CA THR B 646 10.90 56.08 14.58
C THR B 646 11.07 57.38 13.79
N ARG B 647 12.25 57.59 13.21
CA ARG B 647 12.49 58.81 12.44
C ARG B 647 11.59 58.89 11.22
N ILE B 648 11.44 57.77 10.50
CA ILE B 648 10.59 57.77 9.31
C ILE B 648 9.13 57.99 9.71
N ASN B 649 8.69 57.34 10.79
CA ASN B 649 7.32 57.54 11.25
C ASN B 649 7.06 58.98 11.65
N ASP B 650 8.04 59.62 12.29
CA ASP B 650 7.94 61.03 12.62
C ASP B 650 7.86 61.87 11.35
N TYR B 651 8.70 61.56 10.36
CA TYR B 651 8.66 62.24 9.08
C TYR B 651 7.34 62.00 8.38
N PHE B 652 6.83 60.77 8.46
CA PHE B 652 5.56 60.44 7.82
C PHE B 652 4.42 61.24 8.42
N SER B 653 4.41 61.39 9.75
CA SER B 653 3.34 62.12 10.41
C SER B 653 3.39 63.61 10.09
N TYR B 654 4.53 64.14 9.68
CA TYR B 654 4.68 65.58 9.46
C TYR B 654 4.37 65.97 8.02
N PHE B 655 5.14 65.42 7.07
CA PHE B 655 5.03 65.85 5.69
C PHE B 655 3.70 65.45 5.06
N VAL B 656 3.10 64.35 5.51
CA VAL B 656 1.81 63.90 5.04
C VAL B 656 0.94 63.61 6.27
N LYS B 657 -0.36 63.49 6.04
CA LYS B 657 -1.37 63.26 7.08
C LYS B 657 -1.47 64.43 8.05
N GLY B 658 -0.95 65.60 7.68
CA GLY B 658 -1.08 66.79 8.51
C GLY B 658 -0.30 66.72 9.80
N ARG B 659 -1.03 66.77 10.93
CA ARG B 659 -0.51 66.71 12.30
C ARG B 659 0.29 67.96 12.65
N PRO B 660 0.24 68.41 13.90
CA PRO B 660 0.98 69.60 14.31
C PRO B 660 2.46 69.30 14.47
N LEU B 661 3.19 70.31 14.95
CA LEU B 661 4.64 70.21 15.14
C LEU B 661 4.95 69.83 16.57
N ASN B 662 4.69 68.56 16.89
CA ASN B 662 4.94 68.05 18.23
C ASN B 662 6.44 68.00 18.52
N LYS B 663 6.83 68.56 19.66
CA LYS B 663 8.23 68.52 20.10
C LYS B 663 8.57 67.25 20.86
N LYS B 664 7.57 66.44 21.23
CA LYS B 664 7.79 65.21 21.95
C LYS B 664 8.17 64.06 21.03
N TRP B 665 8.18 64.28 19.72
CA TRP B 665 8.48 63.20 18.78
C TRP B 665 9.89 62.67 18.97
N ALA B 666 10.89 63.51 18.76
CA ALA B 666 12.29 63.13 18.90
C ALA B 666 13.12 64.39 19.04
N PRO B 667 14.27 64.33 19.72
CA PRO B 667 15.09 65.54 19.89
C PRO B 667 15.77 66.01 18.61
N ASP B 668 15.83 65.20 17.57
CA ASP B 668 16.50 65.58 16.34
C ASP B 668 15.56 65.89 15.19
N VAL B 669 14.40 65.23 15.11
CA VAL B 669 13.45 65.54 14.04
C VAL B 669 12.91 66.95 14.20
N VAL B 670 12.71 67.40 15.45
CA VAL B 670 12.26 68.77 15.69
C VAL B 670 13.37 69.77 15.38
N LYS B 671 14.63 69.34 15.37
CA LYS B 671 15.73 70.22 15.01
C LYS B 671 15.77 70.51 13.52
N ASP B 672 15.13 69.68 12.70
CA ASP B 672 15.13 69.87 11.26
C ASP B 672 13.76 70.14 10.67
N ILE B 673 12.69 69.67 11.31
CA ILE B 673 11.34 69.94 10.79
C ILE B 673 11.04 71.44 10.82
N GLN B 674 11.36 72.09 11.94
CA GLN B 674 11.13 73.53 12.03
C GLN B 674 12.17 74.30 11.22
N GLU B 675 13.42 73.84 11.24
CA GLU B 675 14.51 74.53 10.55
C GLU B 675 14.58 74.21 9.06
N GLY B 676 13.80 73.25 8.57
CA GLY B 676 13.81 72.93 7.16
C GLY B 676 14.89 71.94 6.78
N ASN B 677 15.99 72.45 6.23
CA ASN B 677 17.16 71.64 5.86
C ASN B 677 16.80 70.66 4.75
N GLU B 678 16.04 69.62 5.10
CA GLU B 678 15.55 68.61 4.15
C GLU B 678 16.68 67.76 3.59
N ASP B 679 17.92 68.04 3.99
CA ASP B 679 19.04 67.21 3.59
C ASP B 679 19.14 65.96 4.46
N ASN B 680 19.15 66.16 5.78
CA ASN B 680 19.20 65.04 6.71
C ASN B 680 17.94 64.20 6.60
N ILE B 681 16.79 64.84 6.44
CA ILE B 681 15.50 64.15 6.32
C ILE B 681 15.55 63.22 5.12
N ARG B 682 16.08 63.72 4.00
CA ARG B 682 16.16 62.92 2.79
C ARG B 682 17.12 61.75 2.97
N LYS B 683 18.14 61.92 3.79
CA LYS B 683 19.14 60.89 4.01
C LYS B 683 18.55 59.65 4.67
N ASN B 684 17.84 59.83 5.79
CA ASN B 684 17.30 58.69 6.52
C ASN B 684 16.23 57.97 5.71
N ILE B 685 15.60 58.68 4.78
CA ILE B 685 14.59 58.09 3.90
C ILE B 685 15.25 57.00 3.06
N PHE B 686 16.42 57.30 2.51
CA PHE B 686 17.11 56.36 1.62
C PHE B 686 17.61 55.15 2.41
N ARG B 687 18.19 55.39 3.59
CA ARG B 687 18.77 54.29 4.36
C ARG B 687 17.69 53.32 4.83
N PHE B 688 16.54 53.83 5.25
CA PHE B 688 15.44 52.96 5.65
C PHE B 688 14.86 52.19 4.46
N LEU B 689 15.05 52.69 3.24
CA LEU B 689 14.53 52.04 2.04
C LEU B 689 15.66 51.70 1.07
N LYS B 690 16.78 51.21 1.60
CA LYS B 690 17.93 50.88 0.75
C LYS B 690 17.61 49.79 -0.26
N ASP B 691 16.64 48.93 0.04
CA ASP B 691 16.26 47.87 -0.89
C ASP B 691 15.29 48.36 -1.95
N HIS B 692 14.26 49.09 -1.55
CA HIS B 692 13.22 49.57 -2.46
C HIS B 692 13.50 51.02 -2.85
N ILE B 693 14.61 51.20 -3.58
CA ILE B 693 15.01 52.53 -4.01
C ILE B 693 15.57 52.43 -5.44
N LYS B 694 15.22 53.40 -6.27
CA LYS B 694 15.75 53.52 -7.61
C LYS B 694 16.52 54.82 -7.74
N GLU B 695 17.56 54.80 -8.57
CA GLU B 695 18.38 56.00 -8.74
C GLU B 695 17.60 57.14 -9.38
N GLU B 696 16.66 56.80 -10.27
CA GLU B 696 15.82 57.82 -10.89
C GLU B 696 14.94 58.54 -9.88
N ASP B 697 14.70 57.94 -8.71
CA ASP B 697 13.88 58.55 -7.68
C ASP B 697 14.63 59.55 -6.82
N LYS B 698 15.93 59.74 -7.06
CA LYS B 698 16.71 60.69 -6.28
C LYS B 698 16.52 62.11 -6.80
N ASN B 699 15.27 62.51 -7.02
CA ASN B 699 14.95 63.86 -7.45
C ASN B 699 13.84 64.45 -6.58
N LEU B 700 12.90 63.60 -6.17
CA LEU B 700 11.80 64.01 -5.30
C LEU B 700 12.32 64.63 -4.02
N GLU B 701 11.81 65.81 -3.67
CA GLU B 701 12.44 66.59 -2.61
C GLU B 701 12.35 65.90 -1.25
N ILE B 702 11.17 65.91 -0.62
CA ILE B 702 10.95 65.17 0.62
C ILE B 702 9.66 64.36 0.56
N LYS B 703 8.52 65.07 0.45
CA LYS B 703 7.23 64.46 0.71
C LYS B 703 6.81 63.53 -0.42
N ASP B 704 7.07 63.93 -1.66
CA ASP B 704 6.70 63.11 -2.81
C ASP B 704 7.47 61.79 -2.82
N LEU B 705 8.57 61.71 -2.05
CA LEU B 705 9.24 60.43 -1.85
C LEU B 705 8.37 59.48 -1.03
N LEU B 706 7.84 59.97 0.10
CA LEU B 706 7.11 59.12 1.03
C LEU B 706 5.85 58.55 0.41
N ILE B 707 5.09 59.40 -0.29
CA ILE B 707 3.83 58.95 -0.89
C ILE B 707 4.10 57.91 -1.96
N LYS B 708 5.22 58.05 -2.67
CA LYS B 708 5.57 57.09 -3.73
C LYS B 708 5.93 55.73 -3.13
N TYR B 709 6.41 55.71 -1.89
CA TYR B 709 6.85 54.49 -1.24
C TYR B 709 5.99 54.09 -0.05
N ALA B 710 4.88 54.81 0.19
CA ALA B 710 4.13 54.65 1.43
C ALA B 710 3.67 53.21 1.64
N GLU B 711 3.43 52.47 0.56
CA GLU B 711 3.03 51.08 0.69
C GLU B 711 4.17 50.19 1.17
N GLU B 712 5.40 50.70 1.19
CA GLU B 712 6.56 49.87 1.53
C GLU B 712 7.07 50.14 2.94
N ILE B 713 7.04 51.39 3.41
CA ILE B 713 7.47 51.67 4.79
C ILE B 713 6.64 50.85 5.78
N SER B 714 5.38 50.58 5.45
CA SER B 714 4.57 49.71 6.29
C SER B 714 5.10 48.28 6.33
N SER B 715 5.98 47.91 5.41
CA SER B 715 6.53 46.56 5.36
C SER B 715 7.86 46.45 6.09
N ILE B 716 8.81 47.33 5.80
CA ILE B 716 10.11 47.28 6.48
C ILE B 716 9.94 47.55 7.97
N SER B 717 9.04 48.46 8.34
CA SER B 717 8.84 48.80 9.74
C SER B 717 8.32 47.64 10.58
N LYS B 718 7.78 46.60 9.96
CA LYS B 718 7.33 45.43 10.71
C LYS B 718 8.53 44.67 11.25
N HIS B 719 8.25 43.82 12.25
CA HIS B 719 9.29 43.02 12.90
C HIS B 719 8.93 41.54 12.82
N GLU B 720 9.94 40.70 13.01
CA GLU B 720 9.75 39.26 12.91
C GLU B 720 8.85 38.76 14.03
N LYS B 721 8.01 37.76 13.70
CA LYS B 721 7.11 37.19 14.69
C LYS B 721 7.88 36.50 15.81
N GLU B 722 8.93 35.76 15.46
CA GLU B 722 9.73 35.03 16.44
C GLU B 722 10.79 35.96 17.06
N THR B 723 10.29 36.98 17.77
CA THR B 723 11.15 38.00 18.35
C THR B 723 11.96 37.52 19.54
N ASP B 724 11.66 36.33 20.08
CA ASP B 724 12.35 35.87 21.27
C ASP B 724 13.84 35.61 21.03
N VAL B 725 14.25 35.48 19.77
CA VAL B 725 15.65 35.20 19.46
C VAL B 725 16.19 36.25 18.50
N PHE B 726 15.30 36.88 17.73
CA PHE B 726 15.74 37.82 16.70
C PHE B 726 15.81 39.26 17.22
N GLY B 727 14.88 39.67 18.07
CA GLY B 727 14.99 40.96 18.73
C GLY B 727 14.14 42.07 18.16
N PHE B 728 12.88 41.78 17.84
CA PHE B 728 11.91 42.81 17.42
C PHE B 728 12.35 43.53 16.16
N TYR B 729 12.97 42.79 15.24
CA TYR B 729 13.45 43.35 13.98
C TYR B 729 12.84 42.58 12.81
N ASN B 730 12.91 43.18 11.63
CA ASN B 730 12.49 42.53 10.39
C ASN B 730 13.53 41.55 9.87
N ALA B 731 14.79 41.72 10.29
CA ALA B 731 15.91 40.83 10.00
C ALA B 731 16.37 40.90 8.56
N TRP B 732 15.62 41.59 7.70
CA TRP B 732 16.05 41.75 6.32
C TRP B 732 16.97 42.96 6.17
N TRP B 733 16.52 44.12 6.65
CA TRP B 733 17.37 45.30 6.67
C TRP B 733 18.61 45.05 7.51
N VAL B 734 18.47 44.33 8.62
CA VAL B 734 19.62 43.99 9.44
C VAL B 734 20.51 42.99 8.72
N PHE B 735 19.91 41.95 8.12
CA PHE B 735 20.70 40.89 7.49
C PHE B 735 21.49 41.42 6.30
N GLY B 736 20.97 42.42 5.59
CA GLY B 736 21.71 42.99 4.48
C GLY B 736 23.05 43.53 4.93
N GLU B 737 23.05 44.38 5.96
CA GLU B 737 24.30 44.93 6.47
C GLU B 737 25.15 43.86 7.15
N VAL B 738 24.52 42.89 7.81
CA VAL B 738 25.27 41.82 8.45
C VAL B 738 26.08 41.04 7.41
N ALA B 739 25.44 40.70 6.29
CA ALA B 739 26.14 40.00 5.23
C ALA B 739 27.13 40.91 4.51
N LYS B 740 26.86 42.21 4.46
CA LYS B 740 27.82 43.12 3.87
C LYS B 740 29.10 43.18 4.68
N GLU B 741 28.99 43.25 6.01
CA GLU B 741 30.18 43.39 6.85
C GLU B 741 31.02 42.12 6.84
N LEU B 742 30.40 40.96 7.05
CA LEU B 742 31.09 39.68 7.02
C LEU B 742 30.58 38.90 5.81
N ASP B 743 31.51 38.48 4.95
CA ASP B 743 31.17 37.86 3.69
C ASP B 743 32.10 36.69 3.41
N TYR B 744 31.54 35.60 2.90
CA TYR B 744 32.30 34.44 2.47
C TYR B 744 31.68 33.87 1.22
N PRO B 745 32.48 33.29 0.33
CA PRO B 745 31.92 32.66 -0.87
C PRO B 745 31.08 31.43 -0.53
N ILE B 746 30.09 31.18 -1.37
CA ILE B 746 29.22 30.02 -1.24
C ILE B 746 29.19 29.31 -2.59
N PHE B 747 29.17 27.99 -2.57
CA PHE B 747 29.25 27.17 -3.77
C PHE B 747 27.88 26.56 -4.07
N MET B 748 27.41 26.74 -5.29
CA MET B 748 26.17 26.14 -5.74
C MET B 748 26.34 25.52 -7.11
N ALA B 749 25.72 24.36 -7.29
CA ALA B 749 25.77 23.63 -8.57
C ALA B 749 24.55 22.72 -8.64
N GLU B 750 24.26 22.24 -9.84
CA GLU B 750 23.14 21.35 -10.05
C GLU B 750 23.58 20.15 -10.88
N ALA B 751 23.15 18.96 -10.45
CA ALA B 751 23.30 17.75 -11.24
C ALA B 751 21.98 17.43 -11.91
N GLU B 752 22.05 16.98 -13.16
CA GLU B 752 20.86 16.64 -13.92
C GLU B 752 20.58 15.15 -13.96
N ASN B 753 21.61 14.32 -14.05
CA ASN B 753 21.48 12.88 -14.03
C ASN B 753 22.40 12.30 -12.96
N VAL B 754 21.87 11.37 -12.16
CA VAL B 754 22.62 10.81 -11.05
C VAL B 754 23.21 9.43 -11.34
N GLY B 755 22.64 8.69 -12.29
CA GLY B 755 23.26 7.47 -12.74
C GLY B 755 22.73 6.18 -12.16
N TYR B 756 21.58 6.20 -11.50
CA TYR B 756 21.00 4.98 -10.91
C TYR B 756 19.50 4.92 -11.16
N LYS B 757 19.09 5.16 -12.40
CA LYS B 757 17.65 5.29 -12.69
C LYS B 757 16.91 4.04 -12.26
N ARG B 758 16.07 4.17 -11.24
CA ARG B 758 15.40 3.04 -10.63
C ARG B 758 13.93 3.00 -11.05
N THR B 759 13.43 1.78 -11.22
CA THR B 759 12.02 1.52 -11.43
C THR B 759 11.62 0.36 -10.53
N LYS B 760 10.32 0.12 -10.44
CA LYS B 760 9.84 -0.98 -9.61
C LYS B 760 10.28 -2.36 -10.14
N LYS B 761 11.05 -2.38 -11.22
CA LYS B 761 11.59 -3.60 -11.80
C LYS B 761 13.11 -3.56 -11.83
N GLY B 762 13.71 -2.77 -10.93
CA GLY B 762 15.15 -2.79 -10.76
C GLY B 762 15.83 -1.49 -11.15
N GLU B 763 17.15 -1.52 -11.07
CA GLU B 763 17.99 -0.35 -11.31
C GLU B 763 18.46 -0.37 -12.77
N LYS B 764 18.92 0.79 -13.26
CA LYS B 764 19.44 0.90 -14.62
C LYS B 764 20.50 2.00 -14.67
N PRO B 765 21.62 1.76 -15.35
CA PRO B 765 22.68 2.77 -15.40
C PRO B 765 22.24 4.02 -16.16
N MET B 766 22.86 5.14 -15.79
CA MET B 766 22.60 6.44 -16.41
C MET B 766 23.86 7.28 -16.24
N PRO B 767 24.01 8.35 -17.02
CA PRO B 767 25.16 9.24 -16.80
C PRO B 767 25.13 9.82 -15.39
N ASN B 768 26.31 9.94 -14.79
CA ASN B 768 26.45 10.40 -13.42
C ASN B 768 27.16 11.75 -13.43
N ASP B 769 26.41 12.82 -13.16
CA ASP B 769 26.99 14.15 -13.12
C ASP B 769 27.74 14.42 -11.81
N LEU B 770 27.46 13.66 -10.76
CA LEU B 770 28.09 13.93 -9.46
C LEU B 770 29.56 13.54 -9.47
N TYR B 771 29.85 12.27 -9.75
CA TYR B 771 31.21 11.76 -9.69
C TYR B 771 31.45 10.79 -10.84
N ASP B 772 32.72 10.52 -11.09
CA ASP B 772 33.13 9.51 -12.05
C ASP B 772 34.04 8.50 -11.37
N LEU B 773 33.93 7.25 -11.78
CA LEU B 773 34.71 6.17 -11.19
C LEU B 773 36.10 6.10 -11.82
N GLU B 774 37.07 5.65 -11.03
CA GLU B 774 38.44 5.58 -11.51
C GLU B 774 38.62 4.50 -12.57
N TYR B 775 37.79 3.46 -12.54
CA TYR B 775 37.82 2.38 -13.52
C TYR B 775 39.16 1.65 -13.51
N ALA B 776 40.22 2.34 -13.90
CA ALA B 776 41.56 1.75 -13.88
C ALA B 776 42.05 1.65 -12.45
N PRO B 777 42.36 0.45 -11.95
CA PRO B 777 42.85 0.34 -10.57
C PRO B 777 44.19 1.01 -10.39
N SER B 778 44.40 1.56 -9.19
CA SER B 778 45.69 2.13 -8.83
C SER B 778 46.56 1.14 -8.07
N THR B 779 45.98 0.06 -7.57
CA THR B 779 46.70 -0.98 -6.82
C THR B 779 46.33 -2.31 -7.47
N LEU B 780 47.11 -2.73 -8.47
CA LEU B 780 46.87 -3.97 -9.19
C LEU B 780 48.12 -4.84 -9.13
N ASP B 781 47.90 -6.15 -9.15
CA ASP B 781 48.97 -7.14 -9.15
C ASP B 781 49.09 -7.68 -10.58
N CYS B 782 50.05 -7.14 -11.33
CA CYS B 782 50.21 -7.55 -12.72
C CYS B 782 50.59 -9.03 -12.82
N GLU B 783 51.46 -9.51 -11.93
CA GLU B 783 51.83 -10.91 -11.93
C GLU B 783 50.61 -11.79 -11.70
N LYS B 784 49.70 -11.37 -10.81
CA LYS B 784 48.46 -12.10 -10.60
C LYS B 784 47.61 -12.12 -11.87
N VAL B 785 47.54 -11.00 -12.59
CA VAL B 785 46.77 -10.97 -13.84
C VAL B 785 47.36 -11.93 -14.85
N LEU B 786 48.69 -11.93 -15.00
CA LEU B 786 49.34 -12.85 -15.93
C LEU B 786 49.09 -14.29 -15.52
N SER B 787 49.20 -14.60 -14.23
CA SER B 787 48.98 -15.97 -13.76
C SER B 787 47.54 -16.41 -14.01
N SER B 788 46.58 -15.52 -13.76
CA SER B 788 45.19 -15.84 -14.04
C SER B 788 44.98 -16.05 -15.54
N PHE B 789 45.68 -15.29 -16.37
CA PHE B 789 45.61 -15.50 -17.81
C PHE B 789 46.15 -16.87 -18.17
N ASP B 790 47.23 -17.29 -17.51
CA ASP B 790 47.86 -18.57 -17.82
C ASP B 790 46.91 -19.73 -17.54
N ILE B 791 45.97 -19.52 -16.62
CA ILE B 791 44.94 -20.52 -16.32
C ILE B 791 44.09 -20.73 -17.56
N GLU B 792 43.77 -19.65 -18.27
CA GLU B 792 42.92 -19.74 -19.44
C GLU B 792 43.61 -20.52 -20.56
N ILE B 793 44.84 -20.14 -20.90
CA ILE B 793 45.55 -20.83 -21.98
C ILE B 793 45.83 -22.27 -21.59
N ASN B 794 46.21 -22.53 -20.34
CA ASN B 794 46.44 -23.90 -19.90
C ASN B 794 45.18 -24.74 -19.98
N ALA B 795 44.03 -24.18 -19.57
CA ALA B 795 42.78 -24.93 -19.66
C ALA B 795 42.40 -25.21 -21.12
N LEU B 796 42.55 -24.21 -21.99
CA LEU B 796 42.20 -24.40 -23.39
C LEU B 796 43.12 -25.44 -24.05
N GLU B 797 44.42 -25.39 -23.76
CA GLU B 797 45.32 -26.37 -24.36
C GLU B 797 45.13 -27.75 -23.74
N ALA B 798 44.72 -27.81 -22.47
CA ALA B 798 44.40 -29.09 -21.85
C ALA B 798 43.19 -29.72 -22.53
N SER B 799 42.16 -28.93 -22.82
CA SER B 799 41.02 -29.43 -23.58
C SER B 799 41.45 -29.86 -24.98
N LYS B 800 42.31 -29.06 -25.61
CA LYS B 800 42.84 -29.36 -26.93
C LYS B 800 43.53 -30.72 -26.95
N THR B 801 44.36 -30.99 -25.94
CA THR B 801 45.03 -32.29 -25.85
C THR B 801 44.04 -33.40 -25.56
N LYS B 802 43.15 -33.19 -24.59
CA LYS B 802 42.22 -34.21 -24.14
C LYS B 802 41.20 -34.55 -25.22
N LEU B 803 41.16 -33.75 -26.28
CA LEU B 803 40.45 -34.17 -27.48
C LEU B 803 41.35 -34.70 -28.59
N SER B 804 42.50 -34.08 -28.87
CA SER B 804 43.28 -34.43 -30.05
C SER B 804 44.05 -35.73 -29.86
N VAL B 805 44.45 -36.05 -28.63
CA VAL B 805 45.21 -37.27 -28.38
C VAL B 805 44.39 -38.49 -28.79
N GLU B 806 43.12 -38.52 -28.39
CA GLU B 806 42.22 -39.58 -28.84
C GLU B 806 41.72 -39.37 -30.25
N LYS B 807 41.66 -38.13 -30.74
CA LYS B 807 41.16 -37.86 -32.08
C LYS B 807 41.95 -38.62 -33.14
N GLY B 808 43.27 -38.59 -33.05
CA GLY B 808 44.13 -39.17 -34.07
C GLY B 808 43.83 -40.62 -34.33
N LEU B 809 43.60 -41.39 -33.27
CA LEU B 809 43.19 -42.78 -33.45
C LEU B 809 41.69 -42.89 -33.66
N LEU B 810 40.93 -41.83 -33.34
CA LEU B 810 39.48 -41.91 -33.43
C LEU B 810 38.99 -41.80 -34.86
N GLU B 811 39.69 -41.01 -35.70
CA GLU B 811 39.43 -41.10 -37.13
C GLU B 811 39.95 -42.43 -37.66
N GLU B 812 41.06 -42.91 -37.10
CA GLU B 812 41.58 -44.23 -37.47
C GLU B 812 40.64 -45.33 -37.01
N LYS B 813 39.74 -45.02 -36.07
CA LYS B 813 38.76 -45.97 -35.56
C LYS B 813 37.74 -46.35 -36.64
N LEU B 814 37.73 -45.60 -37.74
CA LEU B 814 36.83 -45.88 -38.85
C LEU B 814 37.21 -47.21 -39.51
N LYS B 815 36.38 -47.64 -40.47
CA LYS B 815 36.52 -48.92 -41.17
C LYS B 815 36.15 -50.07 -40.25
N ASP B 816 37.07 -51.02 -40.07
CA ASP B 816 36.82 -52.21 -39.27
C ASP B 816 37.19 -51.92 -37.82
N LYS B 817 36.21 -52.06 -36.93
CA LYS B 817 36.41 -51.77 -35.51
C LYS B 817 35.22 -52.35 -34.76
N GLU B 818 35.28 -52.29 -33.43
CA GLU B 818 34.22 -52.78 -32.57
C GLU B 818 32.95 -51.94 -32.73
N ASP B 819 31.88 -52.31 -32.03
CA ASP B 819 30.61 -51.61 -32.14
C ASP B 819 30.04 -51.14 -30.81
N LYS B 820 30.60 -51.59 -29.68
CA LYS B 820 30.06 -51.22 -28.38
C LYS B 820 30.12 -49.71 -28.16
N GLU B 821 31.29 -49.12 -28.39
CA GLU B 821 31.46 -47.68 -28.25
C GLU B 821 31.37 -46.93 -29.57
N ASN B 822 31.09 -47.63 -30.67
CA ASN B 822 30.98 -47.03 -32.00
C ASN B 822 29.56 -46.64 -32.36
N GLU B 823 28.74 -46.27 -31.38
CA GLU B 823 27.36 -45.86 -31.63
C GLU B 823 27.26 -44.78 -32.69
N LYS B 824 28.04 -43.70 -32.52
CA LYS B 824 28.02 -42.58 -33.45
C LYS B 824 29.43 -42.08 -33.75
N ILE B 825 30.36 -43.01 -34.01
CA ILE B 825 31.77 -42.66 -34.11
C ILE B 825 32.03 -41.80 -35.34
N GLN B 826 31.20 -41.93 -36.38
CA GLN B 826 31.39 -41.11 -37.57
C GLN B 826 31.08 -39.64 -37.29
N LYS B 827 29.94 -39.36 -36.66
CA LYS B 827 29.65 -37.99 -36.30
C LYS B 827 30.65 -37.49 -35.26
N ARG B 828 31.12 -38.40 -34.39
CA ARG B 828 32.13 -38.00 -33.41
C ARG B 828 33.43 -37.58 -34.10
N LEU B 829 33.84 -38.30 -35.14
CA LEU B 829 35.11 -37.96 -35.79
C LEU B 829 34.99 -36.67 -36.60
N ASN B 830 33.91 -36.50 -37.36
CA ASN B 830 33.78 -35.23 -38.07
C ASN B 830 33.61 -34.06 -37.11
N LYS B 831 32.88 -34.27 -36.01
CA LYS B 831 32.71 -33.22 -35.01
C LYS B 831 34.02 -32.89 -34.31
N ILE B 832 34.86 -33.90 -34.05
CA ILE B 832 36.12 -33.65 -33.37
C ILE B 832 37.10 -32.95 -34.30
N SER B 833 37.03 -33.23 -35.60
CA SER B 833 37.84 -32.48 -36.55
C SER B 833 37.39 -31.02 -36.62
N GLU B 834 36.08 -30.80 -36.70
CA GLU B 834 35.55 -29.44 -36.68
C GLU B 834 35.97 -28.72 -35.40
N LEU B 835 35.94 -29.43 -34.27
CA LEU B 835 36.46 -28.88 -33.03
C LEU B 835 37.92 -28.47 -33.18
N LEU B 836 38.80 -29.45 -33.44
CA LEU B 836 40.22 -29.20 -33.60
C LEU B 836 40.48 -27.91 -34.37
N GLU B 837 39.78 -27.71 -35.49
CA GLU B 837 39.98 -26.50 -36.27
C GLU B 837 39.65 -25.24 -35.47
N THR B 838 38.44 -25.18 -34.88
CA THR B 838 37.98 -23.98 -34.21
C THR B 838 38.76 -23.70 -32.93
N ILE B 839 39.03 -24.74 -32.15
CA ILE B 839 39.83 -24.56 -30.93
C ILE B 839 41.28 -24.21 -31.26
N GLU B 840 41.80 -24.68 -32.39
CA GLU B 840 43.13 -24.25 -32.81
C GLU B 840 43.14 -22.76 -33.11
N ASN B 841 42.14 -22.30 -33.86
CA ASN B 841 42.03 -20.87 -34.14
C ASN B 841 41.82 -20.07 -32.85
N GLN B 842 41.02 -20.60 -31.93
CA GLN B 842 40.78 -19.93 -30.65
C GLN B 842 42.06 -19.82 -29.84
N LEU B 843 42.86 -20.89 -29.79
CA LEU B 843 44.14 -20.85 -29.09
C LEU B 843 45.06 -19.81 -29.71
N ASP B 844 45.12 -19.77 -31.04
CA ASP B 844 45.88 -18.72 -31.70
C ASP B 844 45.36 -17.34 -31.34
N SER B 845 44.05 -17.21 -31.10
CA SER B 845 43.48 -15.91 -30.77
C SER B 845 43.79 -15.49 -29.34
N ILE B 846 43.86 -16.46 -28.42
CA ILE B 846 44.06 -16.10 -27.01
C ILE B 846 45.43 -15.49 -26.79
N ARG B 847 46.47 -16.07 -27.38
CA ARG B 847 47.81 -15.47 -27.26
C ARG B 847 47.87 -14.12 -27.96
N SER B 848 47.01 -13.89 -28.95
CA SER B 848 46.88 -12.55 -29.51
C SER B 848 46.31 -11.58 -28.48
N LYS B 849 45.32 -12.04 -27.72
CA LYS B 849 44.75 -11.20 -26.67
C LYS B 849 45.75 -11.06 -25.52
N LYS B 850 46.65 -12.03 -25.37
CA LYS B 850 47.80 -11.86 -24.50
C LYS B 850 48.67 -10.70 -24.96
N LEU B 851 48.91 -10.61 -26.27
CA LEU B 851 49.67 -9.50 -26.82
C LEU B 851 48.96 -8.17 -26.59
N GLU B 852 47.63 -8.17 -26.72
CA GLU B 852 46.86 -6.96 -26.46
C GLU B 852 46.97 -6.54 -25.00
N VAL B 853 46.90 -7.51 -24.08
CA VAL B 853 47.00 -7.22 -22.66
C VAL B 853 48.40 -6.69 -22.32
N GLU B 854 49.43 -7.26 -22.94
CA GLU B 854 50.80 -6.80 -22.70
C GLU B 854 50.94 -5.32 -23.03
N GLY B 855 50.25 -4.86 -24.06
CA GLY B 855 50.27 -3.46 -24.43
C GLY B 855 49.85 -2.54 -23.32
N ILE B 856 48.67 -2.78 -22.72
CA ILE B 856 48.19 -1.90 -21.65
C ILE B 856 49.03 -2.08 -20.39
N LEU B 857 49.49 -3.31 -20.12
CA LEU B 857 50.34 -3.50 -18.95
C LEU B 857 51.71 -2.86 -19.08
N GLU B 858 52.22 -2.69 -20.29
CA GLU B 858 53.54 -2.10 -20.48
C GLU B 858 53.51 -0.60 -20.74
N LYS B 859 52.49 -0.08 -21.42
CA LYS B 859 52.47 1.34 -21.75
C LYS B 859 52.37 2.22 -20.50
N TYR B 860 51.39 1.95 -19.63
CA TYR B 860 51.17 2.86 -18.50
C TYR B 860 50.66 2.11 -17.27
N TYR B 861 51.61 1.61 -16.46
CA TYR B 861 51.32 1.14 -15.10
C TYR B 861 52.47 1.49 -14.16
N GLU B 862 53.50 2.16 -14.68
CA GLU B 862 54.74 2.37 -13.94
C GLU B 862 55.23 1.05 -13.35
N ASN B 863 55.31 0.98 -12.03
CA ASN B 863 55.58 -0.26 -11.31
C ASN B 863 54.22 -0.89 -10.99
N ASN B 864 53.52 -1.31 -12.04
CA ASN B 864 52.23 -2.00 -12.00
C ASN B 864 51.30 -1.45 -10.91
N LYS B 865 51.30 -0.12 -10.75
CA LYS B 865 50.32 0.51 -9.89
C LYS B 865 49.42 1.42 -10.71
N LEU B 866 50.02 2.45 -11.33
CA LEU B 866 49.34 3.35 -12.25
C LEU B 866 50.37 4.34 -12.77
N LYS B 867 50.27 4.73 -14.04
CA LYS B 867 51.12 5.79 -14.57
C LYS B 867 50.81 7.11 -13.91
N GLU B 868 51.84 7.84 -13.48
CA GLU B 868 51.64 9.09 -12.78
C GLU B 868 50.96 10.15 -13.64
N GLU B 869 51.32 10.21 -14.93
CA GLU B 869 50.75 11.26 -15.78
C GLU B 869 49.27 10.97 -16.06
N TYR B 870 48.91 9.68 -16.12
CA TYR B 870 47.52 9.24 -16.23
C TYR B 870 46.93 8.83 -14.88
N SER B 871 47.44 9.38 -13.78
CA SER B 871 46.97 8.99 -12.46
C SER B 871 45.51 9.34 -12.24
N GLU B 872 45.10 10.50 -12.73
CA GLU B 872 43.76 11.02 -12.44
C GLU B 872 42.78 10.70 -13.56
N ARG B 873 43.11 9.70 -14.38
CA ARG B 873 42.22 9.18 -15.41
C ARG B 873 41.73 10.27 -16.34
N ASP B 874 42.65 11.12 -16.83
CA ASP B 874 42.31 12.17 -17.77
C ASP B 874 42.18 11.66 -19.20
N ASP B 875 42.03 10.35 -19.36
CA ASP B 875 42.01 9.70 -20.66
C ASP B 875 40.80 8.76 -20.74
N GLU B 876 40.52 8.29 -21.95
CA GLU B 876 39.53 7.27 -22.22
C GLU B 876 40.09 6.11 -23.03
N GLU B 877 41.03 6.39 -23.92
CA GLU B 877 41.71 5.46 -24.81
C GLU B 877 42.35 4.28 -24.10
N LEU B 878 41.82 3.08 -24.37
CA LEU B 878 42.36 1.84 -23.82
C LEU B 878 42.40 1.77 -22.30
N ILE B 879 41.82 2.77 -21.61
CA ILE B 879 41.44 2.48 -20.24
C ILE B 879 39.96 2.14 -20.20
N ASN B 880 39.22 2.43 -21.27
CA ASN B 880 37.84 1.97 -21.35
C ASN B 880 37.70 0.46 -21.45
N HIS B 881 38.78 -0.26 -21.74
CA HIS B 881 38.68 -1.71 -21.90
C HIS B 881 38.46 -2.42 -20.57
N PHE B 882 38.37 -1.68 -19.48
CA PHE B 882 38.13 -2.29 -18.17
C PHE B 882 36.68 -2.75 -18.02
N LYS B 883 35.93 -2.76 -19.12
CA LYS B 883 34.56 -3.22 -19.10
C LYS B 883 34.16 -4.07 -20.30
N HIS B 884 35.11 -4.47 -21.16
CA HIS B 884 34.74 -5.15 -22.39
C HIS B 884 34.85 -6.67 -22.26
N GLY B 885 35.55 -7.15 -21.25
CA GLY B 885 35.97 -8.53 -21.22
C GLY B 885 36.71 -8.94 -19.97
N VAL B 886 37.87 -9.60 -20.15
CA VAL B 886 38.62 -10.13 -19.02
C VAL B 886 38.98 -9.02 -18.04
N LEU B 887 39.19 -7.80 -18.55
CA LEU B 887 39.48 -6.67 -17.66
C LEU B 887 38.24 -6.19 -16.91
N TYR B 888 37.04 -6.57 -17.34
CA TYR B 888 35.84 -6.24 -16.58
C TYR B 888 35.82 -6.95 -15.23
N GLN B 889 36.59 -8.02 -15.06
CA GLN B 889 36.69 -8.67 -13.77
C GLN B 889 37.51 -7.85 -12.77
N TYR B 890 38.51 -7.11 -13.25
CA TYR B 890 39.33 -6.26 -12.39
C TYR B 890 38.87 -4.81 -12.39
N ARG B 891 37.62 -4.55 -12.79
CA ARG B 891 37.11 -3.19 -12.83
C ARG B 891 37.10 -2.57 -11.43
N SER B 892 37.44 -1.28 -11.36
CA SER B 892 37.37 -0.58 -10.10
C SER B 892 35.96 -0.04 -9.85
N GLU B 893 35.58 0.00 -8.58
CA GLU B 893 34.28 0.50 -8.16
C GLU B 893 34.45 1.52 -7.04
N ASP B 894 35.40 2.43 -7.20
CA ASP B 894 35.72 3.43 -6.19
C ASP B 894 35.73 4.82 -6.81
N ILE B 895 35.51 5.82 -5.97
CA ILE B 895 35.39 7.20 -6.46
C ILE B 895 36.75 7.74 -6.82
N LEU B 896 36.86 8.34 -8.00
CA LEU B 896 38.09 8.98 -8.43
C LEU B 896 38.18 10.37 -7.81
N LEU B 897 39.29 10.64 -7.11
CA LEU B 897 39.49 11.91 -6.42
C LEU B 897 40.58 12.70 -7.14
N ARG B 898 40.17 13.48 -8.13
CA ARG B 898 41.10 14.33 -8.85
C ARG B 898 41.49 15.54 -8.00
N ASN B 899 42.69 16.07 -8.26
CA ASN B 899 43.16 17.22 -7.48
C ASN B 899 43.86 18.30 -8.31
N LYS B 900 43.92 18.18 -9.64
CA LYS B 900 44.32 19.30 -10.48
C LYS B 900 43.46 19.46 -11.73
N THR B 901 42.45 18.60 -11.92
CA THR B 901 41.57 18.70 -13.07
C THR B 901 40.15 18.42 -12.61
N VAL B 902 39.22 19.26 -13.03
CA VAL B 902 37.81 19.17 -12.61
C VAL B 902 36.97 18.80 -13.82
N HIS B 903 36.18 17.75 -13.68
CA HIS B 903 35.23 17.35 -14.72
C HIS B 903 33.86 16.99 -14.18
N LYS B 904 33.70 16.86 -12.86
CA LYS B 904 32.42 16.50 -12.26
C LYS B 904 32.16 17.41 -11.07
N ILE B 905 30.97 17.25 -10.48
CA ILE B 905 30.59 18.09 -9.34
C ILE B 905 31.46 17.79 -8.13
N LEU B 906 31.81 16.51 -7.93
CA LEU B 906 32.61 16.15 -6.77
C LEU B 906 33.99 16.80 -6.82
N ASP B 907 34.62 16.80 -8.00
CA ASP B 907 35.93 17.44 -8.14
C ASP B 907 35.87 18.94 -7.86
N GLU B 908 34.83 19.62 -8.36
CA GLU B 908 34.64 21.03 -8.09
C GLU B 908 34.38 21.31 -6.62
N ILE B 909 33.62 20.44 -5.94
CA ILE B 909 33.42 20.60 -4.50
C ILE B 909 34.74 20.46 -3.76
N ARG B 910 35.52 19.42 -4.10
CA ARG B 910 36.79 19.19 -3.42
C ARG B 910 37.76 20.34 -3.63
N GLN B 911 37.84 20.85 -4.87
CA GLN B 911 38.76 21.94 -5.15
C GLN B 911 38.22 23.28 -4.64
N GLY B 912 36.90 23.46 -4.68
CA GLY B 912 36.32 24.75 -4.38
C GLY B 912 36.27 25.14 -2.91
N VAL B 913 35.48 24.41 -2.11
CA VAL B 913 35.24 24.81 -0.73
C VAL B 913 36.47 24.55 0.13
N ILE B 914 36.61 25.35 1.18
CA ILE B 914 37.72 25.25 2.13
C ILE B 914 37.11 24.88 3.47
N TRP B 915 37.26 23.62 3.87
CA TRP B 915 36.70 23.14 5.13
C TRP B 915 37.72 23.37 6.24
N ASP B 916 37.44 24.34 7.12
CA ASP B 916 38.29 24.61 8.27
C ASP B 916 37.56 25.49 9.28
N GLY C 2 -25.91 0.42 -17.32
CA GLY C 2 -25.11 -0.31 -18.30
C GLY C 2 -25.95 -1.13 -19.26
N LEU C 3 -25.28 -1.87 -20.13
CA LEU C 3 -25.96 -2.73 -21.09
C LEU C 3 -26.54 -3.96 -20.40
N ILE C 4 -27.64 -4.46 -20.96
CA ILE C 4 -28.28 -5.69 -20.48
C ILE C 4 -28.60 -6.51 -21.71
N GLN C 5 -27.78 -7.52 -21.99
CA GLN C 5 -28.02 -8.46 -23.07
C GLN C 5 -28.28 -9.85 -22.50
N ARG C 6 -28.50 -10.81 -23.40
CA ARG C 6 -28.80 -12.17 -22.99
C ARG C 6 -28.33 -13.12 -24.08
N ARG C 7 -27.43 -14.02 -23.73
CA ARG C 7 -26.85 -14.96 -24.68
C ARG C 7 -27.08 -16.39 -24.21
N ASN C 8 -26.77 -17.34 -25.08
CA ASN C 8 -27.01 -18.75 -24.84
C ASN C 8 -25.70 -19.48 -24.58
N PHE C 9 -25.82 -20.73 -24.13
CA PHE C 9 -24.63 -21.54 -23.86
C PHE C 9 -23.85 -21.81 -25.14
N SER C 10 -24.55 -22.09 -26.24
CA SER C 10 -23.88 -22.46 -27.48
C SER C 10 -22.95 -21.36 -27.96
N THR C 11 -23.29 -20.10 -27.67
CA THR C 11 -22.46 -18.99 -28.12
C THR C 11 -21.08 -19.00 -27.49
N PHE C 12 -20.88 -19.79 -26.43
CA PHE C 12 -19.54 -19.92 -25.86
C PHE C 12 -18.60 -20.73 -26.74
N ALA C 13 -19.12 -21.38 -27.78
CA ALA C 13 -18.31 -22.20 -28.67
C ALA C 13 -17.72 -21.40 -29.84
N SER C 14 -17.91 -20.08 -29.85
CA SER C 14 -17.42 -19.27 -30.97
C SER C 14 -15.90 -19.33 -31.09
N GLU C 15 -15.20 -19.25 -29.96
CA GLU C 15 -13.75 -19.30 -29.99
C GLU C 15 -13.24 -20.58 -29.33
N PRO C 16 -12.14 -21.15 -29.81
CA PRO C 16 -11.57 -22.33 -29.14
C PRO C 16 -11.02 -22.01 -27.75
N SER C 17 -11.00 -20.73 -27.39
CA SER C 17 -10.62 -20.31 -26.05
C SER C 17 -11.81 -20.21 -25.11
N VAL C 18 -13.00 -20.59 -25.59
CA VAL C 18 -14.27 -20.58 -24.88
C VAL C 18 -14.40 -19.42 -23.90
N ARG C 19 -13.94 -18.24 -24.30
CA ARG C 19 -14.13 -17.05 -23.48
C ARG C 19 -15.60 -16.68 -23.40
N PHE C 20 -15.99 -16.13 -22.25
CA PHE C 20 -17.36 -15.65 -22.06
C PHE C 20 -17.35 -14.31 -21.34
N ASP C 21 -16.45 -13.41 -21.77
CA ASP C 21 -16.40 -12.07 -21.24
C ASP C 21 -17.44 -11.19 -21.93
N PHE C 22 -17.86 -10.13 -21.24
CA PHE C 22 -18.92 -9.27 -21.76
C PHE C 22 -18.49 -8.53 -23.01
N ASN C 23 -17.24 -8.03 -23.03
CA ASN C 23 -16.79 -7.22 -24.16
C ASN C 23 -16.78 -8.02 -25.45
N TYR C 24 -16.32 -9.26 -25.40
CA TYR C 24 -16.26 -10.07 -26.62
C TYR C 24 -17.65 -10.33 -27.17
N MET C 25 -18.61 -10.62 -26.31
CA MET C 25 -19.95 -10.99 -26.76
C MET C 25 -20.90 -9.81 -26.88
N LYS C 26 -20.42 -8.59 -26.63
CA LYS C 26 -21.21 -7.42 -27.02
C LYS C 26 -21.38 -7.38 -28.53
N SER C 27 -20.40 -7.90 -29.27
CA SER C 27 -20.48 -7.93 -30.73
C SER C 27 -21.06 -9.25 -31.25
N VAL C 28 -20.91 -10.34 -30.49
CA VAL C 28 -21.36 -11.65 -30.97
C VAL C 28 -22.87 -11.64 -31.14
N THR C 29 -23.32 -12.01 -32.33
CA THR C 29 -24.73 -12.01 -32.68
C THR C 29 -24.91 -12.91 -33.90
N PRO C 30 -26.10 -13.47 -34.10
CA PRO C 30 -26.35 -14.22 -35.34
C PRO C 30 -26.17 -13.34 -36.56
N THR C 31 -25.57 -13.90 -37.60
CA THR C 31 -25.19 -13.15 -38.79
C THR C 31 -25.93 -13.67 -40.01
N THR C 32 -26.39 -12.74 -40.85
CA THR C 32 -27.01 -13.07 -42.12
C THR C 32 -26.15 -12.72 -43.33
N GLU C 33 -25.22 -11.78 -43.19
CA GLU C 33 -24.33 -11.43 -44.29
C GLU C 33 -23.40 -12.59 -44.62
N GLU C 34 -23.04 -12.69 -45.90
CA GLU C 34 -22.11 -13.73 -46.36
C GLU C 34 -20.70 -13.26 -46.06
N TYR C 35 -20.30 -13.46 -44.81
CA TYR C 35 -19.03 -12.94 -44.31
C TYR C 35 -17.85 -13.56 -45.05
N TYR C 36 -16.80 -12.76 -45.21
CA TYR C 36 -15.51 -13.27 -45.64
C TYR C 36 -14.71 -13.70 -44.41
N THR C 37 -13.53 -14.26 -44.63
CA THR C 37 -12.64 -14.68 -43.56
C THR C 37 -11.25 -14.13 -43.82
N TYR C 38 -10.33 -14.43 -42.89
CA TYR C 38 -8.96 -13.96 -43.05
C TYR C 38 -8.27 -14.64 -44.23
N LYS C 39 -8.73 -15.83 -44.61
CA LYS C 39 -8.08 -16.57 -45.69
C LYS C 39 -8.16 -15.81 -47.01
N SER C 40 -9.31 -15.22 -47.31
CA SER C 40 -9.49 -14.54 -48.58
C SER C 40 -8.81 -13.18 -48.63
N LEU C 41 -8.72 -12.49 -47.50
CA LEU C 41 -8.26 -11.10 -47.50
C LEU C 41 -6.75 -10.97 -47.31
N PHE C 42 -6.23 -11.47 -46.19
CA PHE C 42 -4.83 -11.25 -45.89
C PHE C 42 -4.12 -12.53 -45.46
N GLU C 43 -2.88 -12.41 -45.02
CA GLU C 43 -2.06 -13.57 -44.62
C GLU C 43 -1.05 -13.12 -43.60
N VAL C 44 -1.08 -13.72 -42.41
CA VAL C 44 -0.14 -13.36 -41.36
C VAL C 44 1.26 -13.83 -41.74
N VAL C 45 2.22 -12.92 -41.70
CA VAL C 45 3.60 -13.21 -42.06
C VAL C 45 4.40 -13.38 -40.77
N PRO C 46 4.94 -14.57 -40.49
CA PRO C 46 5.75 -14.74 -39.28
C PRO C 46 6.93 -13.77 -39.27
N SER C 47 7.21 -13.22 -38.09
CA SER C 47 8.30 -12.27 -37.95
C SER C 47 9.64 -12.98 -37.86
N THR C 48 10.67 -12.35 -38.42
CA THR C 48 12.03 -12.85 -38.37
C THR C 48 12.97 -11.73 -37.99
N VAL C 49 14.10 -12.09 -37.39
CA VAL C 49 15.08 -11.11 -36.94
C VAL C 49 16.02 -10.77 -38.10
N PRO C 50 16.00 -9.54 -38.60
CA PRO C 50 16.91 -9.17 -39.69
C PRO C 50 18.35 -9.02 -39.18
N THR C 51 19.28 -9.16 -40.12
CA THR C 51 20.71 -9.00 -39.82
C THR C 51 21.09 -7.55 -40.08
N LEU C 52 20.99 -6.74 -39.03
CA LEU C 52 21.27 -5.33 -39.14
C LEU C 52 22.77 -5.08 -39.29
N ASP C 53 23.13 -4.17 -40.19
CA ASP C 53 24.50 -3.71 -40.30
C ASP C 53 24.79 -2.64 -39.26
N GLU C 54 26.08 -2.45 -38.97
CA GLU C 54 26.50 -1.50 -37.93
C GLU C 54 26.91 -0.15 -38.48
N SER C 55 27.51 -0.10 -39.67
CA SER C 55 27.97 1.16 -40.23
C SER C 55 26.79 2.09 -40.55
N GLU C 56 25.79 1.56 -41.25
CA GLU C 56 24.64 2.37 -41.60
C GLU C 56 23.73 2.59 -40.40
N PRO C 57 23.39 3.84 -40.08
CA PRO C 57 22.49 4.10 -38.96
C PRO C 57 21.05 3.72 -39.30
N PHE C 58 20.56 2.62 -38.72
CA PHE C 58 19.21 2.18 -38.97
C PHE C 58 18.21 3.01 -38.17
N LYS C 59 16.94 2.87 -38.52
CA LYS C 59 15.86 3.59 -37.85
C LYS C 59 14.90 2.59 -37.22
N TYR C 60 14.64 2.78 -35.93
CA TYR C 60 13.77 1.90 -35.16
C TYR C 60 12.52 2.66 -34.72
N ALA C 61 11.46 1.92 -34.41
CA ALA C 61 10.19 2.55 -34.04
C ALA C 61 9.41 1.61 -33.13
N GLU C 62 9.00 2.11 -31.98
CA GLU C 62 8.16 1.38 -31.05
C GLU C 62 6.69 1.67 -31.34
N ILE C 63 5.80 1.25 -30.44
CA ILE C 63 4.40 1.61 -30.56
C ILE C 63 4.21 3.10 -30.27
N GLY C 64 4.92 3.62 -29.26
CA GLY C 64 4.80 5.02 -28.90
C GLY C 64 5.22 5.98 -29.99
N HIS C 65 6.18 5.58 -30.83
CA HIS C 65 6.60 6.44 -31.93
C HIS C 65 5.54 6.54 -33.01
N VAL C 66 4.76 5.49 -33.21
CA VAL C 66 3.68 5.54 -34.20
C VAL C 66 2.54 6.39 -33.66
N SER C 67 2.00 7.25 -34.52
CA SER C 67 0.92 8.14 -34.13
C SER C 67 -0.44 7.49 -34.37
N LYS C 68 -1.48 8.14 -33.84
CA LYS C 68 -2.84 7.62 -34.00
C LYS C 68 -3.28 7.62 -35.46
N ASN C 69 -2.88 8.63 -36.23
CA ASN C 69 -3.27 8.76 -37.62
C ASN C 69 -2.36 7.99 -38.57
N GLY C 70 -1.68 6.96 -38.09
CA GLY C 70 -0.85 6.13 -38.94
C GLY C 70 0.39 6.81 -39.48
N GLU C 71 1.07 7.60 -38.65
CA GLU C 71 2.36 8.18 -39.00
C GLU C 71 3.43 7.62 -38.08
N VAL C 72 4.64 7.46 -38.61
CA VAL C 72 5.76 6.92 -37.87
C VAL C 72 6.80 8.02 -37.67
N PHE C 73 7.34 8.10 -36.47
CA PHE C 73 8.40 9.06 -36.12
C PHE C 73 9.55 8.26 -35.54
N PRO C 74 10.32 7.59 -36.40
CA PRO C 74 11.36 6.67 -35.90
C PRO C 74 12.52 7.42 -35.28
N VAL C 75 13.32 6.68 -34.52
CA VAL C 75 14.51 7.20 -33.87
C VAL C 75 15.73 6.64 -34.59
N THR C 76 16.65 7.53 -34.95
CA THR C 76 17.86 7.13 -35.68
C THR C 76 18.90 6.61 -34.70
N LEU C 77 19.15 5.32 -34.73
CA LEU C 77 20.12 4.68 -33.84
C LEU C 77 21.29 4.13 -34.65
N SER C 78 22.45 4.07 -33.99
CA SER C 78 23.65 3.53 -34.62
C SER C 78 24.50 2.88 -33.54
N PHE C 79 25.03 1.69 -33.84
CA PHE C 79 25.85 0.98 -32.86
C PHE C 79 27.14 1.71 -32.58
N GLU C 80 27.55 2.62 -33.48
CA GLU C 80 28.78 3.38 -33.28
C GLU C 80 28.69 4.26 -32.03
N ASP C 81 27.56 4.92 -31.83
CA ASP C 81 27.34 5.76 -30.66
C ASP C 81 26.22 5.15 -29.81
N ARG C 82 26.60 4.23 -28.93
CA ARG C 82 25.66 3.54 -28.04
C ARG C 82 25.92 4.05 -26.62
N ASP C 83 25.23 5.11 -26.25
CA ASP C 83 25.36 5.68 -24.92
C ASP C 83 24.28 5.11 -23.99
N GLU C 84 24.33 5.51 -22.72
CA GLU C 84 23.42 4.97 -21.72
C GLU C 84 21.99 5.50 -21.86
N LEU C 85 21.80 6.62 -22.55
CA LEU C 85 20.45 7.17 -22.69
C LEU C 85 19.56 6.27 -23.52
N ASN C 86 20.09 5.73 -24.62
CA ASN C 86 19.33 4.86 -25.51
C ASN C 86 19.74 3.40 -25.39
N GLU C 87 20.42 3.04 -24.30
CA GLU C 87 20.88 1.67 -24.11
C GLU C 87 19.72 0.69 -24.07
N ASP C 88 18.57 1.12 -23.55
CA ASP C 88 17.40 0.23 -23.48
C ASP C 88 16.94 -0.19 -24.87
N LEU C 89 16.96 0.74 -25.82
CA LEU C 89 16.57 0.41 -27.19
C LEU C 89 17.48 -0.66 -27.77
N PHE C 90 18.80 -0.48 -27.59
CA PHE C 90 19.74 -1.49 -28.08
C PHE C 90 19.57 -2.81 -27.36
N LYS C 91 19.18 -2.77 -26.08
CA LYS C 91 18.88 -4.01 -25.36
C LYS C 91 17.72 -4.74 -25.99
N LYS C 92 16.67 -4.00 -26.36
CA LYS C 92 15.54 -4.63 -27.06
C LYS C 92 15.99 -5.21 -28.39
N ILE C 93 16.82 -4.47 -29.13
CA ILE C 93 17.28 -4.97 -30.43
C ILE C 93 18.09 -6.25 -30.26
N GLU C 94 19.00 -6.27 -29.29
CA GLU C 94 19.81 -7.46 -29.06
C GLU C 94 18.97 -8.65 -28.61
N LYS C 95 17.95 -8.40 -27.78
CA LYS C 95 17.09 -9.48 -27.33
C LYS C 95 16.34 -10.11 -28.51
N GLY C 96 15.94 -9.30 -29.49
CA GLY C 96 15.32 -9.83 -30.69
C GLY C 96 13.94 -9.29 -30.96
N ASP C 97 13.61 -8.13 -30.39
CA ASP C 97 12.32 -7.49 -30.63
C ASP C 97 12.42 -6.49 -31.79
N ILE C 98 12.73 -7.04 -32.97
CA ILE C 98 12.88 -6.24 -34.18
C ILE C 98 12.48 -7.08 -35.38
N PHE C 99 11.93 -6.42 -36.39
CA PHE C 99 11.67 -7.07 -37.67
C PHE C 99 11.52 -6.01 -38.74
N LEU C 100 11.98 -6.34 -39.95
CA LEU C 100 11.89 -5.42 -41.08
C LEU C 100 10.64 -5.74 -41.88
N PRO C 101 9.66 -4.84 -41.93
CA PRO C 101 8.44 -5.13 -42.70
C PRO C 101 8.72 -5.18 -44.18
N GLU C 102 8.21 -6.22 -44.83
CA GLU C 102 8.27 -6.33 -46.28
C GLU C 102 7.32 -5.32 -46.90
N ARG C 103 7.71 -4.76 -48.04
CA ARG C 103 6.95 -3.65 -48.62
C ARG C 103 5.56 -4.10 -49.04
N GLY C 104 4.57 -3.28 -48.71
CA GLY C 104 3.19 -3.54 -49.02
C GLY C 104 2.38 -4.13 -47.88
N ASN C 105 3.04 -4.59 -46.82
CA ASN C 105 2.34 -5.18 -45.70
C ASN C 105 1.67 -4.12 -44.84
N ILE C 106 0.88 -4.58 -43.88
CA ILE C 106 0.21 -3.72 -42.90
C ILE C 106 0.61 -4.20 -41.51
N LEU C 107 0.87 -3.24 -40.62
CA LEU C 107 1.34 -3.54 -39.27
C LEU C 107 0.32 -3.04 -38.27
N ILE C 108 -0.46 -3.95 -37.71
CA ILE C 108 -1.45 -3.61 -36.69
C ILE C 108 -0.81 -3.76 -35.32
N SER C 109 -0.94 -2.73 -34.50
CA SER C 109 -0.44 -2.80 -33.13
C SER C 109 -1.29 -3.76 -32.30
N ALA C 110 -0.61 -4.61 -31.52
CA ALA C 110 -1.31 -5.61 -30.73
C ALA C 110 -1.84 -5.08 -29.42
N ILE C 111 -1.20 -4.08 -28.85
CA ILE C 111 -1.60 -3.53 -27.55
C ILE C 111 -2.50 -2.33 -27.76
N ARG C 112 -3.67 -2.34 -27.10
CA ARG C 112 -4.64 -1.24 -27.12
C ARG C 112 -5.12 -0.94 -28.53
N PRO C 113 -5.94 -1.80 -29.11
CA PRO C 113 -6.41 -1.56 -30.49
C PRO C 113 -7.28 -0.33 -30.64
N TYR C 114 -7.95 0.13 -29.59
CA TYR C 114 -8.91 1.23 -29.73
C TYR C 114 -8.24 2.53 -30.14
N LEU C 115 -6.92 2.66 -29.96
CA LEU C 115 -6.20 3.82 -30.46
C LEU C 115 -6.11 3.85 -31.97
N ASN C 116 -6.46 2.74 -32.65
CA ASN C 116 -6.44 2.65 -34.11
C ASN C 116 -5.06 2.99 -34.66
N LYS C 117 -4.02 2.41 -34.06
CA LYS C 117 -2.64 2.67 -34.45
C LYS C 117 -2.17 1.71 -35.54
N ILE C 118 -2.90 1.67 -36.64
CA ILE C 118 -2.56 0.79 -37.76
C ILE C 118 -1.75 1.59 -38.78
N VAL C 119 -0.60 1.05 -39.16
CA VAL C 119 0.29 1.71 -40.11
C VAL C 119 0.42 0.83 -41.35
N LEU C 120 0.57 1.46 -42.50
CA LEU C 120 0.70 0.78 -43.78
C LEU C 120 2.08 1.08 -44.36
N ILE C 121 2.81 0.02 -44.71
CA ILE C 121 4.07 0.17 -45.43
C ILE C 121 3.76 0.36 -46.91
N LYS C 122 3.92 1.58 -47.40
CA LYS C 122 3.57 1.90 -48.77
C LYS C 122 4.47 1.15 -49.76
N GLU C 123 3.90 0.79 -50.91
CA GLU C 123 4.65 0.05 -51.91
C GLU C 123 5.78 0.88 -52.49
N ASP C 124 5.58 2.20 -52.59
CA ASP C 124 6.61 3.10 -53.12
C ASP C 124 7.61 3.47 -52.03
N ASP C 125 8.40 4.51 -52.29
CA ASP C 125 9.33 5.26 -51.44
C ASP C 125 10.40 4.37 -50.81
N LYS C 126 11.31 4.97 -50.07
CA LYS C 126 12.57 4.34 -49.69
C LYS C 126 12.75 4.41 -48.17
N THR C 127 13.98 4.16 -47.72
CA THR C 127 14.41 4.16 -46.32
C THR C 127 13.41 3.40 -45.42
N ASP C 128 13.37 2.09 -45.66
CA ASP C 128 12.55 1.20 -44.85
C ASP C 128 13.01 1.25 -43.40
N ILE C 129 12.04 1.13 -42.48
CA ILE C 129 12.27 1.30 -41.05
C ILE C 129 11.85 0.02 -40.35
N TYR C 130 12.70 -0.45 -39.44
CA TYR C 130 12.41 -1.65 -38.67
C TYR C 130 11.37 -1.34 -37.59
N PHE C 131 10.63 -2.36 -37.18
CA PHE C 131 9.57 -2.19 -36.20
C PHE C 131 9.71 -3.20 -35.07
N THR C 132 9.13 -2.85 -33.92
CA THR C 132 9.08 -3.74 -32.78
C THR C 132 8.08 -4.86 -33.03
N LYS C 133 8.43 -6.07 -32.58
CA LYS C 133 7.60 -7.25 -32.79
C LYS C 133 6.24 -7.13 -32.11
N ALA C 134 6.01 -6.04 -31.39
CA ALA C 134 4.70 -5.80 -30.80
C ALA C 134 3.62 -5.57 -31.86
N PHE C 135 4.00 -5.31 -33.10
CA PHE C 135 3.07 -5.21 -34.21
C PHE C 135 2.78 -6.58 -34.78
N ILE C 136 1.81 -6.65 -35.69
CA ILE C 136 1.42 -7.90 -36.34
C ILE C 136 1.44 -7.68 -37.84
N GLN C 137 2.20 -8.51 -38.55
CA GLN C 137 2.30 -8.42 -40.00
C GLN C 137 1.14 -9.16 -40.66
N ILE C 138 0.59 -8.55 -41.71
CA ILE C 138 -0.39 -9.20 -42.56
C ILE C 138 -0.04 -8.89 -44.02
N LYS C 139 -0.22 -9.87 -44.89
CA LYS C 139 0.03 -9.68 -46.30
C LYS C 139 -1.31 -9.61 -47.03
N PRO C 140 -1.78 -8.42 -47.42
CA PRO C 140 -3.09 -8.32 -48.07
C PRO C 140 -3.11 -8.90 -49.48
N LEU C 141 -3.83 -9.99 -49.67
CA LEU C 141 -4.01 -10.53 -51.01
C LEU C 141 -4.79 -9.55 -51.88
N ILE C 142 -5.82 -8.92 -51.32
CA ILE C 142 -6.48 -7.82 -52.00
C ILE C 142 -5.58 -6.58 -51.98
N ASN C 143 -5.98 -5.56 -52.73
CA ASN C 143 -5.22 -4.32 -52.80
C ASN C 143 -4.95 -3.78 -51.40
N SER C 144 -3.68 -3.47 -51.13
CA SER C 144 -3.23 -3.15 -49.78
C SER C 144 -3.92 -1.91 -49.23
N ARG C 145 -4.02 -0.86 -50.04
CA ARG C 145 -4.61 0.39 -49.57
C ARG C 145 -6.08 0.20 -49.19
N ILE C 146 -6.81 -0.60 -49.98
CA ILE C 146 -8.22 -0.84 -49.69
C ILE C 146 -8.38 -1.50 -48.34
N LEU C 147 -7.57 -2.52 -48.05
CA LEU C 147 -7.62 -3.18 -46.75
C LEU C 147 -7.20 -2.24 -45.63
N TYR C 148 -6.18 -1.41 -45.88
CA TYR C 148 -5.72 -0.44 -44.90
C TYR C 148 -6.85 0.49 -44.48
N TYR C 149 -7.51 1.10 -45.46
CA TYR C 149 -8.59 2.04 -45.17
C TYR C 149 -9.81 1.34 -44.59
N ALA C 150 -10.07 0.10 -45.03
CA ALA C 150 -11.17 -0.66 -44.47
C ALA C 150 -10.92 -1.11 -43.05
N LEU C 151 -9.67 -1.21 -42.63
CA LEU C 151 -9.33 -1.55 -41.25
C LEU C 151 -9.24 -0.34 -40.32
N ARG C 152 -8.75 0.80 -40.82
CA ARG C 152 -8.70 1.98 -39.96
C ARG C 152 -10.10 2.51 -39.69
N THR C 153 -10.80 2.95 -40.73
CA THR C 153 -12.13 3.54 -40.58
C THR C 153 -13.17 2.51 -40.15
N ILE C 154 -13.38 1.52 -41.02
CA ILE C 154 -14.35 0.46 -40.76
C ILE C 154 -13.63 -0.62 -39.96
N PHE C 155 -14.38 -1.55 -39.37
CA PHE C 155 -13.84 -2.69 -38.63
C PHE C 155 -13.03 -2.26 -37.41
N SER C 156 -13.09 -0.99 -37.04
CA SER C 156 -12.39 -0.50 -35.86
C SER C 156 -13.04 -0.97 -34.56
N GLU C 157 -14.28 -1.48 -34.62
CA GLU C 157 -14.95 -1.98 -33.44
C GLU C 157 -14.95 -3.50 -33.35
N LYS C 158 -14.84 -4.21 -34.48
CA LYS C 158 -14.70 -5.66 -34.41
C LYS C 158 -13.30 -6.08 -33.99
N ILE C 159 -12.29 -5.30 -34.36
CA ILE C 159 -10.94 -5.54 -33.86
C ILE C 159 -10.88 -5.25 -32.36
N ASN C 160 -11.58 -4.22 -31.92
CA ASN C 160 -11.64 -3.88 -30.50
C ASN C 160 -12.54 -4.81 -29.71
N ALA C 161 -13.30 -5.68 -30.38
CA ALA C 161 -14.20 -6.61 -29.70
C ALA C 161 -13.57 -7.96 -29.45
N VAL C 162 -12.30 -8.14 -29.81
CA VAL C 162 -11.58 -9.39 -29.57
C VAL C 162 -10.31 -9.19 -28.77
N SER C 163 -10.04 -7.98 -28.30
CA SER C 163 -8.85 -7.75 -27.48
C SER C 163 -9.02 -8.42 -26.12
N ARG C 164 -7.92 -8.96 -25.60
CA ARG C 164 -7.92 -9.69 -24.34
C ARG C 164 -7.17 -8.87 -23.30
N GLN C 165 -7.87 -8.49 -22.23
CA GLN C 165 -7.27 -7.63 -21.21
C GLN C 165 -6.42 -8.45 -20.23
N GLY C 166 -7.07 -9.37 -19.50
CA GLY C 166 -6.37 -10.30 -18.63
C GLY C 166 -5.46 -9.68 -17.59
N LYS C 167 -6.04 -8.96 -16.62
CA LYS C 167 -5.29 -8.37 -15.51
C LYS C 167 -4.20 -7.43 -16.00
N GLY C 168 -4.51 -6.67 -17.04
CA GLY C 168 -3.52 -5.73 -17.55
C GLY C 168 -3.81 -5.15 -18.92
N TYR C 169 -2.82 -5.23 -19.81
CA TYR C 169 -2.90 -4.56 -21.09
C TYR C 169 -3.95 -5.23 -21.97
N PRO C 170 -4.86 -4.46 -22.57
CA PRO C 170 -5.72 -5.04 -23.61
C PRO C 170 -4.93 -5.33 -24.87
N THR C 171 -4.63 -6.60 -25.14
CA THR C 171 -3.78 -6.98 -26.25
C THR C 171 -4.54 -7.88 -27.22
N LEU C 172 -3.97 -8.04 -28.40
CA LEU C 172 -4.49 -8.93 -29.43
C LEU C 172 -3.58 -10.13 -29.62
N LYS C 173 -3.95 -10.99 -30.56
CA LYS C 173 -3.18 -12.17 -30.91
C LYS C 173 -3.46 -12.48 -32.37
N GLU C 174 -2.54 -13.20 -33.01
CA GLU C 174 -2.74 -13.58 -34.40
C GLU C 174 -4.02 -14.38 -34.57
N ASP C 175 -4.36 -15.22 -33.58
CA ASP C 175 -5.61 -15.97 -33.63
C ASP C 175 -6.81 -15.04 -33.59
N ASP C 176 -6.71 -13.93 -32.85
CA ASP C 176 -7.81 -12.99 -32.80
C ASP C 176 -8.10 -12.39 -34.18
N LEU C 177 -7.05 -12.02 -34.91
CA LEU C 177 -7.25 -11.53 -36.28
C LEU C 177 -7.77 -12.64 -37.18
N LYS C 178 -7.25 -13.85 -37.03
CA LYS C 178 -7.74 -14.99 -37.82
C LYS C 178 -9.17 -15.35 -37.49
N THR C 179 -9.72 -14.86 -36.38
CA THR C 179 -11.09 -15.11 -35.99
C THR C 179 -12.07 -14.07 -36.52
N ILE C 180 -11.58 -12.91 -36.97
CA ILE C 180 -12.45 -11.83 -37.39
C ILE C 180 -13.35 -12.28 -38.54
N GLN C 181 -14.51 -11.63 -38.67
CA GLN C 181 -15.58 -12.08 -39.55
C GLN C 181 -15.99 -10.98 -40.53
N PHE C 182 -15.02 -10.40 -41.22
CA PHE C 182 -15.27 -9.30 -42.15
C PHE C 182 -16.45 -9.60 -43.07
N SER C 183 -17.23 -8.56 -43.37
CA SER C 183 -18.39 -8.67 -44.24
C SER C 183 -17.97 -8.69 -45.70
N LYS C 184 -18.93 -9.04 -46.56
CA LYS C 184 -18.68 -9.11 -48.00
C LYS C 184 -19.02 -7.80 -48.70
N LYS C 185 -20.27 -7.34 -48.57
CA LYS C 185 -20.69 -6.13 -49.25
C LYS C 185 -19.80 -4.94 -48.89
N VAL C 186 -19.43 -4.83 -47.61
CA VAL C 186 -18.56 -3.74 -47.18
C VAL C 186 -17.23 -3.79 -47.93
N ILE C 187 -16.66 -4.98 -48.09
CA ILE C 187 -15.36 -5.10 -48.73
C ILE C 187 -15.47 -5.15 -50.26
N ASP C 188 -16.50 -5.80 -50.80
CA ASP C 188 -16.59 -5.92 -52.26
C ASP C 188 -17.00 -4.59 -52.88
N ASN C 189 -17.81 -3.80 -52.18
CA ASN C 189 -18.16 -2.47 -52.65
C ASN C 189 -16.92 -1.59 -52.76
N LEU C 190 -16.04 -1.67 -51.76
CA LEU C 190 -14.81 -0.89 -51.78
C LEU C 190 -13.87 -1.39 -52.87
N LEU C 191 -13.72 -2.70 -52.99
CA LEU C 191 -12.79 -3.26 -53.97
C LEU C 191 -13.23 -3.02 -55.40
N ALA C 192 -14.52 -3.15 -55.70
CA ALA C 192 -15.01 -2.96 -57.06
C ALA C 192 -14.90 -1.49 -57.48
N LYS C 193 -15.28 -0.58 -56.57
CA LYS C 193 -15.24 0.85 -56.86
C LYS C 193 -13.84 1.40 -56.59
N GLU C 194 -12.86 0.81 -57.27
CA GLU C 194 -11.47 1.22 -57.14
C GLU C 194 -11.12 2.06 -58.36
N GLU C 195 -9.85 2.45 -58.50
CA GLU C 195 -9.33 3.27 -59.59
C GLU C 195 -9.88 4.69 -59.54
N GLU C 196 -10.81 4.96 -58.63
CA GLU C 196 -11.14 6.33 -58.23
C GLU C 196 -11.14 6.53 -56.73
N LEU C 197 -11.49 5.52 -55.93
CA LEU C 197 -11.36 5.56 -54.48
C LEU C 197 -9.92 5.48 -54.03
N ILE C 198 -8.99 5.23 -54.95
CA ILE C 198 -7.57 5.36 -54.69
C ILE C 198 -7.05 6.73 -55.13
N SER C 199 -7.55 7.24 -56.26
CA SER C 199 -7.08 8.54 -56.76
C SER C 199 -7.54 9.68 -55.86
N ASN C 200 -8.81 9.66 -55.46
CA ASN C 200 -9.31 10.73 -54.58
C ASN C 200 -8.57 10.72 -53.25
N ILE C 201 -8.36 9.54 -52.67
CA ILE C 201 -7.67 9.45 -51.39
C ILE C 201 -6.21 9.86 -51.54
N ASP C 202 -5.57 9.51 -52.65
CA ASP C 202 -4.19 9.93 -52.87
C ASP C 202 -4.09 11.45 -52.96
N ALA C 203 -5.00 12.07 -53.70
CA ALA C 203 -5.00 13.53 -53.81
C ALA C 203 -5.23 14.19 -52.45
N LEU C 204 -6.19 13.67 -51.68
CA LEU C 204 -6.45 14.24 -50.37
C LEU C 204 -5.27 14.03 -49.41
N GLU C 205 -4.63 12.87 -49.46
CA GLU C 205 -3.46 12.63 -48.61
C GLU C 205 -2.29 13.52 -48.98
N LYS C 206 -2.06 13.75 -50.28
CA LYS C 206 -0.97 14.65 -50.64
C LYS C 206 -1.30 16.09 -50.26
N ASP C 207 -2.58 16.47 -50.32
CA ASP C 207 -2.97 17.79 -49.82
C ASP C 207 -2.71 17.90 -48.31
N ILE C 208 -3.05 16.86 -47.56
CA ILE C 208 -2.80 16.86 -46.12
C ILE C 208 -1.30 16.93 -45.83
N LYS C 209 -0.50 16.21 -46.62
CA LYS C 209 0.95 16.26 -46.45
C LYS C 209 1.48 17.66 -46.73
N GLU C 210 0.98 18.31 -47.79
CA GLU C 210 1.39 19.68 -48.08
C GLU C 210 1.02 20.62 -46.94
N LEU C 211 -0.17 20.45 -46.37
CA LEU C 211 -0.58 21.28 -45.25
C LEU C 211 0.33 21.06 -44.05
N LYS C 212 0.69 19.80 -43.77
CA LYS C 212 1.57 19.50 -42.64
C LYS C 212 2.99 20.01 -42.90
N SER C 213 3.38 20.15 -44.16
CA SER C 213 4.74 20.57 -44.49
C SER C 213 5.09 21.95 -43.94
N ILE C 214 4.10 22.82 -43.76
CA ILE C 214 4.34 24.18 -43.30
C ILE C 214 3.84 24.41 -41.88
N GLN C 215 3.40 23.37 -41.18
CA GLN C 215 2.88 23.53 -39.83
C GLN C 215 3.99 23.94 -38.87
N ARG C 216 3.67 24.81 -37.93
CA ARG C 216 4.57 25.22 -36.86
C ARG C 216 3.86 25.11 -35.52
N SER C 217 4.64 24.90 -34.48
CA SER C 217 4.08 24.77 -33.14
C SER C 217 3.56 26.12 -32.65
N LYS C 218 2.75 26.07 -31.59
CA LYS C 218 2.17 27.28 -31.02
C LYS C 218 3.14 28.02 -30.10
N LYS C 219 4.30 27.44 -29.81
CA LYS C 219 5.31 28.09 -28.97
C LYS C 219 6.42 28.73 -29.79
N GLU C 220 6.79 28.13 -30.92
CA GLU C 220 7.86 28.69 -31.74
C GLU C 220 7.44 30.04 -32.32
N ILE C 221 6.17 30.18 -32.71
CA ILE C 221 5.69 31.45 -33.26
C ILE C 221 5.84 32.57 -32.23
N VAL C 222 5.45 32.30 -30.98
CA VAL C 222 5.63 33.28 -29.92
C VAL C 222 7.11 33.55 -29.69
N ASP C 223 7.93 32.49 -29.75
CA ASP C 223 9.36 32.66 -29.56
C ASP C 223 9.98 33.45 -30.72
N GLU C 224 9.53 33.20 -31.96
CA GLU C 224 10.15 33.82 -33.12
C GLU C 224 10.01 35.34 -33.09
N VAL C 225 8.78 35.83 -32.91
CA VAL C 225 8.56 37.27 -32.93
C VAL C 225 9.20 37.94 -31.72
N PHE C 226 9.07 37.33 -30.55
CA PHE C 226 9.71 37.90 -29.36
C PHE C 226 11.22 37.89 -29.49
N SER C 227 11.78 36.91 -30.20
CA SER C 227 13.20 36.93 -30.50
C SER C 227 13.53 37.94 -31.59
N SER C 228 12.60 38.19 -32.51
CA SER C 228 12.82 39.21 -33.53
C SER C 228 12.98 40.59 -32.90
N HIS C 229 12.08 40.95 -31.99
CA HIS C 229 12.28 42.13 -31.18
C HIS C 229 13.33 41.85 -30.11
N PHE C 230 13.84 42.94 -29.53
CA PHE C 230 14.71 42.88 -28.35
C PHE C 230 16.10 42.33 -28.70
N ASN C 231 16.27 41.86 -29.93
CA ASN C 231 17.55 41.36 -30.43
C ASN C 231 18.17 40.35 -29.48
N ILE C 232 17.47 39.24 -29.28
CA ILE C 232 17.88 38.19 -28.35
C ILE C 232 18.47 37.03 -29.14
N ASN C 233 19.69 36.64 -28.77
CA ASN C 233 20.35 35.49 -29.37
C ASN C 233 19.81 34.22 -28.73
N MET C 234 18.85 33.58 -29.40
CA MET C 234 18.22 32.39 -28.83
C MET C 234 19.22 31.25 -28.68
N VAL C 235 20.24 31.20 -29.54
CA VAL C 235 21.23 30.13 -29.44
C VAL C 235 22.10 30.30 -28.20
N GLU C 236 22.46 31.54 -27.87
CA GLU C 236 23.28 31.79 -26.69
C GLU C 236 22.48 31.63 -25.41
N LEU C 237 21.19 31.97 -25.43
CA LEU C 237 20.35 31.80 -24.25
C LEU C 237 20.23 30.34 -23.86
N MET C 238 20.06 29.46 -24.85
CA MET C 238 20.01 28.03 -24.57
C MET C 238 21.34 27.46 -24.15
N ALA C 239 22.44 28.17 -24.39
CA ALA C 239 23.75 27.73 -23.95
C ALA C 239 24.05 28.15 -22.51
N LEU C 240 23.70 29.39 -22.16
CA LEU C 240 23.88 29.84 -20.78
C LEU C 240 22.95 29.10 -19.83
N ASP C 241 21.76 28.71 -20.31
CA ASP C 241 20.84 27.92 -19.49
C ASP C 241 21.39 26.55 -19.16
N SER C 242 22.34 26.04 -19.96
CA SER C 242 22.93 24.74 -19.71
C SER C 242 24.02 24.76 -18.64
N GLN C 243 24.47 25.95 -18.23
CA GLN C 243 25.49 26.04 -17.19
C GLN C 243 24.91 25.57 -15.86
N ARG C 244 25.71 24.79 -15.13
CA ARG C 244 25.31 24.22 -13.85
C ARG C 244 26.30 24.58 -12.75
N ARG C 245 26.75 25.83 -12.75
CA ARG C 245 27.75 26.29 -11.77
C ARG C 245 27.55 27.78 -11.54
N VAL C 246 27.04 28.15 -10.38
CA VAL C 246 26.89 29.54 -9.97
C VAL C 246 27.58 29.72 -8.62
N ASP C 247 28.47 30.70 -8.55
CA ASP C 247 29.23 31.00 -7.32
C ASP C 247 28.90 32.43 -6.90
N VAL C 248 27.82 32.59 -6.14
CA VAL C 248 27.44 33.89 -5.59
C VAL C 248 28.13 34.09 -4.24
N GLY C 249 28.08 35.31 -3.72
CA GLY C 249 28.60 35.60 -2.41
C GLY C 249 27.51 35.70 -1.36
N LEU C 250 27.95 35.82 -0.11
CA LEU C 250 27.00 35.98 1.00
C LEU C 250 26.25 37.31 0.91
N SER C 251 26.93 38.37 0.49
CA SER C 251 26.32 39.69 0.45
C SER C 251 25.15 39.72 -0.54
N SER C 252 25.31 39.08 -1.69
CA SER C 252 24.29 39.10 -2.73
C SER C 252 23.26 37.98 -2.54
N ILE C 253 22.68 37.91 -1.35
CA ILE C 253 21.62 36.94 -1.07
C ILE C 253 20.36 37.72 -0.71
N SER C 254 20.52 38.89 -0.10
CA SER C 254 19.41 39.72 0.33
C SER C 254 19.00 40.75 -0.71
N SER C 255 19.70 40.82 -1.84
CA SER C 255 19.39 41.80 -2.88
C SER C 255 18.03 41.47 -3.50
N LEU C 256 17.03 42.31 -3.22
CA LEU C 256 15.67 42.15 -3.74
C LEU C 256 15.05 40.81 -3.33
N ASN C 257 15.56 40.20 -2.26
CA ASN C 257 15.05 38.90 -1.83
C ASN C 257 13.81 39.07 -0.96
N SER C 258 13.96 39.77 0.17
CA SER C 258 12.87 40.09 1.09
C SER C 258 12.37 38.87 1.85
N THR C 259 12.87 37.68 1.50
CA THR C 259 12.52 36.47 2.23
C THR C 259 13.70 35.52 2.37
N ILE C 260 14.92 35.96 2.02
CA ILE C 260 16.14 35.19 2.14
C ILE C 260 16.00 33.83 1.46
N ARG C 261 15.96 33.82 0.13
CA ARG C 261 16.00 32.60 -0.65
C ARG C 261 17.39 32.49 -1.28
N TYR C 262 18.07 31.36 -1.04
CA TYR C 262 19.41 31.16 -1.59
C TYR C 262 19.55 29.81 -2.29
N SER C 263 18.43 29.23 -2.72
CA SER C 263 18.49 27.99 -3.47
C SER C 263 19.17 28.23 -4.82
N TYR C 264 19.61 27.14 -5.44
CA TYR C 264 20.32 27.25 -6.71
C TYR C 264 19.42 27.81 -7.80
N ARG C 265 18.13 27.46 -7.77
CA ARG C 265 17.20 27.93 -8.80
C ARG C 265 17.10 29.45 -8.79
N TRP C 266 17.01 30.05 -7.60
CA TRP C 266 16.95 31.51 -7.51
C TRP C 266 18.22 32.15 -8.04
N ASN C 267 19.38 31.58 -7.69
CA ASN C 267 20.65 32.17 -8.10
C ASN C 267 20.92 31.99 -9.58
N LYS C 268 20.34 30.99 -10.22
CA LYS C 268 20.41 30.90 -11.67
C LYS C 268 19.36 31.75 -12.37
N MET C 269 18.21 31.94 -11.72
CA MET C 269 17.25 32.94 -12.19
C MET C 269 17.91 34.31 -12.29
N LYS C 270 18.67 34.68 -11.26
CA LYS C 270 19.30 35.99 -11.26
C LYS C 270 20.27 36.13 -12.43
N LEU C 271 21.07 35.09 -12.69
CA LEU C 271 22.02 35.14 -13.79
C LEU C 271 21.30 35.22 -15.14
N ILE C 272 20.27 34.40 -15.34
CA ILE C 272 19.55 34.40 -16.60
C ILE C 272 18.87 35.75 -16.83
N GLN C 273 18.24 36.30 -15.80
CA GLN C 273 17.57 37.59 -15.94
C GLN C 273 18.57 38.72 -16.17
N LYS C 274 19.75 38.63 -15.56
CA LYS C 274 20.80 39.61 -15.85
C LYS C 274 21.24 39.53 -17.30
N TYR C 275 21.39 38.31 -17.82
CA TYR C 275 21.78 38.15 -19.22
C TYR C 275 20.70 38.68 -20.16
N LEU C 276 19.44 38.42 -19.85
CA LEU C 276 18.36 38.77 -20.77
C LEU C 276 18.24 40.27 -20.98
N TYR C 277 18.48 41.07 -19.94
CA TYR C 277 18.26 42.51 -19.98
C TYR C 277 19.55 43.30 -20.14
N ARG C 278 20.52 42.73 -20.86
CA ARG C 278 21.78 43.44 -21.08
C ARG C 278 21.61 44.65 -21.99
N ASP C 279 20.75 44.55 -23.00
CA ASP C 279 20.55 45.63 -23.95
C ASP C 279 19.15 46.23 -23.90
N ILE C 280 18.19 45.57 -23.28
CA ILE C 280 16.85 46.11 -23.16
C ILE C 280 16.81 47.10 -22.00
N ASP C 281 16.35 48.32 -22.26
CA ASP C 281 16.07 49.29 -21.20
C ASP C 281 14.64 49.77 -21.39
N CYS C 282 13.68 48.94 -20.95
CA CYS C 282 12.30 49.39 -20.78
C CYS C 282 11.63 48.70 -19.60
N ILE C 283 12.40 48.21 -18.64
CA ILE C 283 11.90 47.26 -17.63
C ILE C 283 11.42 48.03 -16.41
N GLU C 284 10.22 47.69 -15.95
CA GLU C 284 9.67 48.17 -14.70
C GLU C 284 9.03 47.00 -13.97
N PRO C 285 9.03 47.01 -12.64
CA PRO C 285 8.43 45.91 -11.89
C PRO C 285 6.94 45.79 -12.16
N LEU C 286 6.45 44.56 -12.22
CA LEU C 286 5.04 44.33 -12.48
C LEU C 286 4.17 44.76 -11.30
N GLY C 287 4.72 44.72 -10.08
CA GLY C 287 3.93 45.00 -8.90
C GLY C 287 3.28 46.36 -8.90
N LYS C 288 3.86 47.31 -9.65
CA LYS C 288 3.25 48.62 -9.77
C LYS C 288 1.91 48.53 -10.50
N TYR C 289 1.89 47.84 -11.64
CA TYR C 289 0.70 47.76 -12.48
C TYR C 289 -0.12 46.50 -12.19
N ILE C 290 -0.48 46.28 -10.92
CA ILE C 290 -1.35 45.17 -10.53
C ILE C 290 -2.37 45.71 -9.54
N LEU C 291 -3.64 45.35 -9.73
CA LEU C 291 -4.71 45.81 -8.86
C LEU C 291 -5.30 44.73 -7.97
N SER C 292 -5.27 43.47 -8.40
CA SER C 292 -5.82 42.38 -7.60
C SER C 292 -5.17 41.08 -8.02
N SER C 293 -5.24 40.09 -7.12
CA SER C 293 -4.69 38.77 -7.36
C SER C 293 -5.65 37.69 -6.88
N ASN C 294 -6.92 37.84 -7.21
CA ASN C 294 -7.94 36.88 -6.77
C ASN C 294 -7.66 35.50 -7.34
N ASN C 295 -7.75 34.49 -6.48
CA ASN C 295 -7.54 33.11 -6.88
C ASN C 295 -8.87 32.49 -7.32
N GLY C 296 -8.91 31.18 -7.51
CA GLY C 296 -10.13 30.52 -7.93
C GLY C 296 -10.72 29.61 -6.86
N TRP C 297 -11.65 28.75 -7.27
CA TRP C 297 -12.31 27.81 -6.37
C TRP C 297 -12.32 26.43 -7.01
N SER C 298 -11.92 25.42 -6.23
CA SER C 298 -11.77 24.05 -6.75
C SER C 298 -12.51 23.09 -5.83
N PRO C 299 -13.81 22.90 -6.05
CA PRO C 299 -14.58 21.94 -5.27
C PRO C 299 -14.37 20.53 -5.80
N GLU C 300 -14.97 19.56 -5.11
CA GLU C 300 -14.95 18.18 -5.58
C GLU C 300 -15.81 18.05 -6.82
N SER C 301 -15.18 17.68 -7.94
CA SER C 301 -15.82 17.66 -9.24
C SER C 301 -15.76 16.26 -9.83
N VAL C 302 -16.87 15.85 -10.46
CA VAL C 302 -16.97 14.56 -11.14
C VAL C 302 -16.92 14.81 -12.63
N VAL C 303 -16.15 13.98 -13.34
CA VAL C 303 -15.98 14.15 -14.77
C VAL C 303 -17.32 13.95 -15.47
N GLY C 304 -17.73 14.93 -16.26
CA GLY C 304 -19.01 14.87 -16.94
C GLY C 304 -20.19 14.84 -15.98
N GLY C 305 -20.13 15.62 -14.90
CA GLY C 305 -21.18 15.65 -13.92
C GLY C 305 -22.33 16.56 -14.30
N GLU C 306 -23.27 16.69 -13.37
CA GLU C 306 -24.46 17.51 -13.55
C GLU C 306 -24.35 18.71 -12.62
N GLY C 307 -23.82 19.82 -13.14
CA GLY C 307 -23.66 21.01 -12.34
C GLY C 307 -22.87 22.06 -13.09
N ILE C 308 -22.38 23.04 -12.34
CA ILE C 308 -21.61 24.14 -12.93
C ILE C 308 -20.28 23.59 -13.43
N PRO C 309 -19.85 23.92 -14.65
CA PRO C 309 -18.56 23.43 -15.14
C PRO C 309 -17.39 24.13 -14.50
N ILE C 310 -16.23 23.47 -14.55
CA ILE C 310 -14.98 23.98 -14.00
C ILE C 310 -13.88 23.78 -15.03
N LEU C 311 -13.04 24.80 -15.21
CA LEU C 311 -11.91 24.68 -16.12
C LEU C 311 -10.83 23.79 -15.51
N GLY C 312 -9.72 23.64 -16.23
CA GLY C 312 -8.60 22.85 -15.76
C GLY C 312 -7.30 23.42 -16.29
N GLN C 313 -6.21 22.87 -15.78
CA GLN C 313 -4.89 23.33 -16.18
C GLN C 313 -4.53 22.96 -17.61
N GLU C 314 -5.30 22.09 -18.26
CA GLU C 314 -5.05 21.72 -19.64
C GLU C 314 -5.72 22.67 -20.64
N HIS C 315 -6.50 23.64 -20.16
CA HIS C 315 -7.22 24.56 -21.03
C HIS C 315 -6.46 25.86 -21.29
N LEU C 316 -5.25 25.99 -20.75
CA LEU C 316 -4.40 27.14 -21.02
C LEU C 316 -3.34 26.75 -22.04
N GLU C 317 -3.36 27.40 -23.19
CA GLU C 317 -2.47 27.08 -24.30
C GLU C 317 -1.49 28.22 -24.50
N PHE C 318 -0.45 27.94 -25.29
CA PHE C 318 0.60 28.93 -25.52
C PHE C 318 0.09 30.11 -26.35
N ASP C 319 -1.05 29.95 -27.02
CA ASP C 319 -1.64 31.07 -27.75
C ASP C 319 -1.94 32.27 -26.87
N GLY C 320 -2.64 32.05 -25.76
CA GLY C 320 -3.07 33.15 -24.93
C GLY C 320 -4.57 33.36 -24.97
N VAL C 321 -5.33 32.32 -25.32
CA VAL C 321 -6.78 32.35 -25.27
C VAL C 321 -7.24 31.16 -24.44
N LEU C 322 -8.15 31.39 -23.50
CA LEU C 322 -8.74 30.30 -22.75
C LEU C 322 -9.52 29.38 -23.69
N ASN C 323 -9.25 28.08 -23.57
CA ASN C 323 -9.83 27.10 -24.48
C ASN C 323 -11.33 26.98 -24.34
N VAL C 324 -11.89 27.37 -23.18
CA VAL C 324 -13.30 27.25 -22.85
C VAL C 324 -13.81 25.89 -23.36
N SER C 325 -13.23 24.82 -22.83
CA SER C 325 -13.67 23.45 -23.12
C SER C 325 -13.77 22.72 -21.78
N PRO C 326 -14.75 23.09 -20.95
CA PRO C 326 -14.84 22.46 -19.62
C PRO C 326 -15.17 20.98 -19.71
N THR C 327 -14.62 20.23 -18.75
CA THR C 327 -14.88 18.80 -18.63
C THR C 327 -15.51 18.45 -17.30
N LYS C 328 -14.95 18.95 -16.20
CA LYS C 328 -15.43 18.63 -14.86
C LYS C 328 -16.62 19.52 -14.49
N ALA C 329 -17.49 18.98 -13.64
CA ALA C 329 -18.69 19.70 -13.22
C ALA C 329 -18.96 19.43 -11.75
N THR C 330 -19.30 20.49 -11.01
CA THR C 330 -19.66 20.36 -9.59
C THR C 330 -21.14 20.62 -9.40
N THR C 331 -21.59 20.36 -8.17
CA THR C 331 -22.93 20.75 -7.73
C THR C 331 -22.89 21.44 -6.37
N LYS C 332 -21.70 21.77 -5.87
CA LYS C 332 -21.55 22.41 -4.57
C LYS C 332 -21.57 23.93 -4.70
N THR C 333 -22.09 24.59 -3.67
CA THR C 333 -22.17 26.04 -3.64
C THR C 333 -21.29 26.58 -2.51
N LYS C 334 -20.92 27.87 -2.64
CA LYS C 334 -20.07 28.51 -1.65
C LYS C 334 -20.60 29.88 -1.25
N ASN C 335 -21.84 30.22 -1.64
CA ASN C 335 -22.53 31.45 -1.24
C ASN C 335 -21.92 32.67 -1.92
N ASN C 336 -20.80 32.47 -2.63
CA ASN C 336 -20.11 33.52 -3.36
C ASN C 336 -19.74 33.05 -4.75
N MET C 337 -20.71 32.46 -5.46
CA MET C 337 -20.43 31.86 -6.76
C MET C 337 -20.00 32.89 -7.79
N GLU C 338 -20.57 34.10 -7.74
CA GLU C 338 -20.35 35.06 -8.81
C GLU C 338 -18.88 35.46 -8.94
N ASN C 339 -18.18 35.62 -7.82
CA ASN C 339 -16.79 36.04 -7.85
C ASN C 339 -15.86 35.01 -8.47
N PHE C 340 -16.31 33.76 -8.65
CA PHE C 340 -15.46 32.73 -9.23
C PHE C 340 -16.00 32.27 -10.58
N PHE C 341 -16.45 33.22 -11.41
CA PHE C 341 -16.93 32.93 -12.75
C PHE C 341 -16.08 33.70 -13.75
N ILE C 342 -15.69 33.03 -14.83
CA ILE C 342 -14.86 33.68 -15.85
C ILE C 342 -15.69 34.72 -16.57
N GLN C 343 -15.03 35.81 -16.96
CA GLN C 343 -15.65 36.89 -17.72
C GLN C 343 -14.72 37.31 -18.85
N GLU C 344 -15.31 37.87 -19.89
CA GLU C 344 -14.54 38.31 -21.06
C GLU C 344 -13.54 39.39 -20.65
N GLY C 345 -12.29 39.22 -21.09
CA GLY C 345 -11.22 40.15 -20.80
C GLY C 345 -10.39 39.80 -19.58
N ASP C 346 -10.79 38.79 -18.82
CA ASP C 346 -10.04 38.41 -17.64
C ASP C 346 -8.68 37.83 -18.02
N LEU C 347 -7.69 38.07 -17.17
CA LEU C 347 -6.33 37.55 -17.36
C LEU C 347 -6.06 36.51 -16.29
N PHE C 348 -5.93 35.25 -16.72
CA PHE C 348 -5.73 34.11 -15.84
C PHE C 348 -4.34 33.55 -16.05
N ILE C 349 -3.59 33.39 -14.96
CA ILE C 349 -2.30 32.72 -15.01
C ILE C 349 -2.38 31.39 -14.27
N SER C 350 -1.81 30.35 -14.89
CA SER C 350 -1.77 29.03 -14.28
C SER C 350 -0.90 29.06 -13.02
N ARG C 351 -1.39 28.43 -11.96
N ARG C 351 -1.39 28.43 -11.96
CA ARG C 351 -0.70 28.34 -10.68
CA ARG C 351 -0.69 28.35 -10.68
C ARG C 351 -0.62 26.87 -10.31
C ARG C 351 -0.61 26.88 -10.29
N GLY C 352 0.53 26.26 -10.56
CA GLY C 352 0.73 24.85 -10.24
C GLY C 352 0.74 23.96 -11.46
N ASN C 353 1.95 23.60 -11.90
CA ASN C 353 2.14 22.75 -13.06
C ASN C 353 3.57 22.22 -13.06
N THR C 354 4.01 21.65 -14.17
CA THR C 354 5.40 21.29 -14.30
C THR C 354 6.28 22.54 -14.29
N VAL C 355 7.59 22.33 -14.22
CA VAL C 355 8.55 23.42 -14.13
C VAL C 355 8.51 24.24 -15.42
N ASP C 356 8.00 23.65 -16.50
CA ASP C 356 7.95 24.31 -17.80
C ASP C 356 6.57 24.81 -18.19
N LEU C 357 5.52 24.41 -17.48
CA LEU C 357 4.16 24.80 -17.83
C LEU C 357 3.47 25.58 -16.71
N VAL C 358 4.23 26.12 -15.76
CA VAL C 358 3.68 26.94 -14.69
C VAL C 358 3.86 28.41 -15.07
N GLY C 359 2.79 29.19 -14.93
CA GLY C 359 2.82 30.58 -15.29
C GLY C 359 2.22 30.91 -16.64
N LEU C 360 1.69 29.93 -17.36
CA LEU C 360 1.02 30.20 -18.63
C LEU C 360 -0.17 31.12 -18.41
N ALA C 361 -0.28 32.15 -19.24
CA ALA C 361 -1.33 33.13 -19.13
C ALA C 361 -2.15 33.16 -20.41
N CYS C 362 -3.40 33.64 -20.29
CA CYS C 362 -4.30 33.70 -21.43
C CYS C 362 -5.43 34.67 -21.13
N VAL C 363 -5.88 35.37 -22.16
CA VAL C 363 -7.06 36.23 -22.07
C VAL C 363 -8.24 35.42 -22.62
N VAL C 364 -9.42 35.60 -21.99
CA VAL C 364 -10.59 34.82 -22.35
C VAL C 364 -10.92 35.01 -23.82
N GLU C 365 -11.24 36.25 -24.22
CA GLU C 365 -11.49 36.60 -25.61
C GLU C 365 -12.50 35.68 -26.28
N THR C 366 -13.56 35.32 -25.55
CA THR C 366 -14.57 34.42 -26.09
C THR C 366 -15.88 34.70 -25.35
N GLU C 367 -16.87 35.20 -26.08
CA GLU C 367 -18.14 35.57 -25.48
C GLU C 367 -18.95 34.32 -25.17
N VAL C 368 -18.98 33.92 -23.91
CA VAL C 368 -19.77 32.78 -23.44
C VAL C 368 -20.73 33.29 -22.37
N THR C 369 -22.03 33.09 -22.60
CA THR C 369 -23.05 33.55 -21.67
C THR C 369 -23.15 32.67 -20.43
N GLU C 370 -22.74 31.41 -20.51
CA GLU C 370 -22.84 30.53 -19.35
C GLU C 370 -21.72 30.81 -18.36
N ASP C 371 -21.91 30.35 -17.13
CA ASP C 371 -20.96 30.56 -16.05
C ASP C 371 -20.07 29.34 -15.90
N ILE C 372 -18.75 29.58 -15.89
CA ILE C 372 -17.76 28.52 -15.75
C ILE C 372 -16.78 28.92 -14.64
N ILE C 373 -16.58 28.03 -13.69
CA ILE C 373 -15.68 28.29 -12.57
C ILE C 373 -14.23 28.05 -13.00
N TYR C 374 -13.35 28.93 -12.57
CA TYR C 374 -11.92 28.73 -12.74
C TYR C 374 -11.33 28.20 -11.45
N PRO C 375 -10.54 27.13 -11.49
CA PRO C 375 -10.06 26.52 -10.25
C PRO C 375 -9.10 27.41 -9.49
N ASP C 376 -8.80 27.00 -8.26
CA ASP C 376 -7.86 27.75 -7.42
C ASP C 376 -6.43 27.65 -7.92
N LEU C 377 -6.22 26.98 -9.05
CA LEU C 377 -4.93 26.95 -9.74
C LEU C 377 -4.83 28.06 -10.78
N TYR C 378 -5.82 28.94 -10.82
CA TYR C 378 -5.83 30.09 -11.72
C TYR C 378 -5.76 31.36 -10.88
N ILE C 379 -4.90 32.28 -11.27
CA ILE C 379 -4.76 33.58 -10.61
C ILE C 379 -5.29 34.62 -11.59
N ARG C 380 -6.34 35.33 -11.19
CA ARG C 380 -6.88 36.39 -12.03
C ARG C 380 -6.25 37.73 -11.66
N LEU C 381 -5.93 38.52 -12.68
CA LEU C 381 -5.04 39.67 -12.51
C LEU C 381 -5.60 40.94 -13.15
N LYS C 382 -6.78 41.38 -12.72
CA LYS C 382 -7.29 42.68 -13.11
C LYS C 382 -6.19 43.72 -12.97
N ILE C 383 -5.79 44.33 -14.09
CA ILE C 383 -4.65 45.24 -14.07
C ILE C 383 -5.00 46.56 -14.74
N ASP C 384 -4.04 47.47 -14.78
CA ASP C 384 -4.24 48.81 -15.33
C ASP C 384 -4.21 48.73 -16.85
N GLU C 385 -5.37 48.95 -17.48
CA GLU C 385 -5.47 48.84 -18.93
C GLU C 385 -5.05 50.14 -19.63
N LYS C 386 -3.87 50.64 -19.29
CA LYS C 386 -3.30 51.77 -19.99
C LYS C 386 -1.83 51.60 -20.33
N VAL C 387 -1.13 50.64 -19.73
CA VAL C 387 0.29 50.40 -20.02
C VAL C 387 0.59 48.96 -20.37
N ILE C 388 -0.23 47.98 -19.95
CA ILE C 388 0.14 46.58 -20.04
C ILE C 388 -0.47 45.90 -21.27
N HIS C 389 -1.74 46.16 -21.57
CA HIS C 389 -2.41 45.57 -22.73
C HIS C 389 -2.42 44.04 -22.62
N LYS C 390 -3.27 43.56 -21.69
CA LYS C 390 -3.25 42.20 -21.16
C LYS C 390 -2.80 41.11 -22.13
N LYS C 391 -3.29 41.16 -23.37
CA LYS C 391 -2.87 40.17 -24.36
C LYS C 391 -1.35 40.14 -24.49
N TYR C 392 -0.73 41.32 -24.51
CA TYR C 392 0.72 41.38 -24.56
C TYR C 392 1.35 40.74 -23.33
N LEU C 393 0.79 40.99 -22.15
CA LEU C 393 1.33 40.39 -20.94
C LEU C 393 1.24 38.87 -20.97
N ALA C 394 0.09 38.34 -21.40
CA ALA C 394 -0.08 36.89 -21.45
C ALA C 394 0.89 36.27 -22.45
N LEU C 395 1.04 36.89 -23.61
CA LEU C 395 1.90 36.31 -24.64
C LEU C 395 3.38 36.53 -24.33
N LEU C 396 3.71 37.53 -23.50
CA LEU C 396 5.05 37.64 -22.96
C LEU C 396 5.32 36.52 -21.95
N PHE C 397 4.34 36.24 -21.09
CA PHE C 397 4.50 35.19 -20.10
C PHE C 397 4.64 33.82 -20.75
N ASN C 398 3.87 33.58 -21.82
CA ASN C 398 4.01 32.32 -22.55
C ASN C 398 5.31 32.24 -23.33
N SER C 399 5.96 33.37 -23.60
CA SER C 399 7.20 33.38 -24.35
C SER C 399 8.38 32.99 -23.45
N PHE C 400 9.57 32.94 -24.04
CA PHE C 400 10.76 32.59 -23.28
C PHE C 400 11.12 33.63 -22.23
N PHE C 401 10.55 34.83 -22.30
CA PHE C 401 10.75 35.82 -21.26
C PHE C 401 9.97 35.51 -19.99
N GLY C 402 8.96 34.65 -20.08
CA GLY C 402 8.19 34.25 -18.92
C GLY C 402 8.31 32.77 -18.63
N ARG C 403 8.82 32.01 -19.60
CA ARG C 403 9.03 30.58 -19.42
C ARG C 403 10.36 30.26 -18.74
N LEU C 404 11.24 31.24 -18.58
CA LEU C 404 12.49 31.05 -17.86
C LEU C 404 12.45 31.61 -16.44
N TYR C 405 11.77 32.73 -16.24
CA TYR C 405 11.59 33.25 -14.88
C TYR C 405 10.78 32.28 -14.03
N PHE C 406 9.61 31.90 -14.51
CA PHE C 406 8.75 30.99 -13.77
C PHE C 406 9.32 29.58 -13.69
N LYS C 407 10.33 29.27 -14.50
CA LYS C 407 11.03 27.99 -14.39
C LYS C 407 12.02 27.98 -13.22
N TYR C 408 12.33 29.14 -12.66
CA TYR C 408 13.33 29.21 -11.60
C TYR C 408 12.86 30.04 -10.40
N VAL C 409 11.62 30.52 -10.40
CA VAL C 409 11.05 31.19 -9.23
C VAL C 409 9.92 30.40 -8.60
N SER C 410 9.43 29.36 -9.26
CA SER C 410 8.32 28.55 -8.80
C SER C 410 8.74 27.78 -7.55
N LYS C 411 8.27 28.25 -6.40
CA LYS C 411 8.57 27.58 -5.13
C LYS C 411 7.79 26.28 -5.01
N GLY C 412 8.33 25.35 -4.23
CA GLY C 412 7.64 24.11 -3.98
C GLY C 412 8.57 22.94 -3.68
N LYS C 413 8.20 22.14 -2.69
CA LYS C 413 8.99 20.94 -2.39
C LYS C 413 8.78 19.87 -3.45
N ASN C 414 7.54 19.66 -3.87
CA ASN C 414 7.24 18.72 -4.95
C ASN C 414 7.49 19.41 -6.28
N GLN C 415 8.50 18.96 -7.01
CA GLN C 415 8.83 19.58 -8.29
C GLN C 415 7.77 19.33 -9.35
N THR C 416 6.88 18.36 -9.13
CA THR C 416 5.82 18.09 -10.10
C THR C 416 4.66 19.07 -9.98
N MET C 417 4.48 19.73 -8.84
CA MET C 417 3.49 20.77 -8.72
C MET C 417 4.11 22.07 -8.22
N VAL C 418 5.20 22.50 -8.85
CA VAL C 418 5.78 23.79 -8.50
C VAL C 418 4.75 24.88 -8.71
N LYS C 419 4.67 25.81 -7.75
CA LYS C 419 3.64 26.82 -7.73
C LYS C 419 4.25 28.21 -7.63
N ILE C 420 3.51 29.19 -8.15
CA ILE C 420 3.88 30.60 -8.04
C ILE C 420 2.89 31.29 -7.12
N SER C 421 3.39 32.24 -6.34
CA SER C 421 2.55 33.01 -5.43
C SER C 421 2.43 34.45 -5.93
N SER C 422 1.60 35.22 -5.23
CA SER C 422 1.41 36.62 -5.60
C SER C 422 2.71 37.42 -5.48
N ASN C 423 3.61 37.00 -4.60
CA ASN C 423 4.86 37.73 -4.42
C ASN C 423 5.71 37.70 -5.68
N GLU C 424 5.77 36.55 -6.35
CA GLU C 424 6.53 36.46 -7.59
C GLU C 424 5.95 37.38 -8.67
N LEU C 425 4.62 37.43 -8.76
CA LEU C 425 3.99 38.34 -9.71
C LEU C 425 4.30 39.79 -9.38
N LEU C 426 4.26 40.15 -8.09
CA LEU C 426 4.54 41.53 -7.70
C LEU C 426 6.02 41.88 -7.84
N ASN C 427 6.90 40.89 -7.86
CA ASN C 427 8.34 41.15 -7.90
C ASN C 427 8.99 40.72 -9.21
N TYR C 428 8.21 40.63 -10.28
CA TYR C 428 8.73 40.23 -11.58
C TYR C 428 9.05 41.47 -12.41
N TYR C 429 10.31 41.57 -12.86
CA TYR C 429 10.78 42.71 -13.64
C TYR C 429 10.71 42.32 -15.11
N LEU C 430 9.65 42.77 -15.78
CA LEU C 430 9.45 42.42 -17.18
C LEU C 430 9.56 43.65 -18.06
N PRO C 431 9.93 43.49 -19.33
CA PRO C 431 10.13 44.66 -20.21
C PRO C 431 8.80 45.21 -20.70
N ILE C 432 8.61 46.51 -20.53
CA ILE C 432 7.38 47.19 -20.95
C ILE C 432 7.75 48.21 -22.03
N PRO C 433 7.48 47.92 -23.28
CA PRO C 433 7.63 48.92 -24.33
C PRO C 433 6.40 49.80 -24.39
N PRO C 434 6.44 50.90 -25.17
CA PRO C 434 5.26 51.77 -25.28
C PRO C 434 4.04 51.01 -25.76
N MET C 435 2.87 51.64 -25.56
CA MET C 435 1.61 50.99 -25.91
C MET C 435 1.52 50.72 -27.40
N GLU C 436 2.02 51.65 -28.22
CA GLU C 436 2.03 51.43 -29.66
C GLU C 436 2.91 50.25 -30.04
N GLU C 437 4.07 50.13 -29.40
CA GLU C 437 4.98 49.03 -29.71
C GLU C 437 4.42 47.68 -29.27
N GLN C 438 3.66 47.66 -28.17
CA GLN C 438 3.07 46.41 -27.71
C GLN C 438 2.02 45.89 -28.68
N LEU C 439 1.27 46.79 -29.31
CA LEU C 439 0.22 46.37 -30.23
C LEU C 439 0.80 45.68 -31.47
N GLU C 440 1.97 46.11 -31.93
CA GLU C 440 2.56 45.55 -33.14
C GLU C 440 2.86 44.06 -32.97
N ILE C 441 3.44 43.70 -31.83
CA ILE C 441 3.76 42.29 -31.58
C ILE C 441 2.49 41.46 -31.50
N VAL C 442 1.48 41.97 -30.82
CA VAL C 442 0.22 41.24 -30.65
C VAL C 442 -0.40 40.93 -32.00
N GLY C 443 -0.41 41.92 -32.91
CA GLY C 443 -0.93 41.66 -34.24
C GLY C 443 -0.18 40.57 -34.96
N LYS C 444 1.16 40.57 -34.83
CA LYS C 444 1.98 39.56 -35.51
C LYS C 444 1.65 38.15 -35.00
N ILE C 445 1.70 37.96 -33.68
CA ILE C 445 1.56 36.61 -33.14
C ILE C 445 0.09 36.32 -32.88
N GLU C 446 -0.79 37.18 -33.38
CA GLU C 446 -2.18 36.81 -33.57
C GLU C 446 -2.48 36.37 -34.99
N GLU C 447 -2.01 37.12 -35.99
CA GLU C 447 -2.26 36.73 -37.37
C GLU C 447 -1.53 35.44 -37.74
N GLN C 448 -0.27 35.29 -37.31
CA GLN C 448 0.46 34.08 -37.64
C GLN C 448 -0.20 32.86 -37.02
N ILE C 449 -0.58 32.96 -35.75
CA ILE C 449 -1.21 31.82 -35.10
C ILE C 449 -2.61 31.57 -35.64
N GLY C 450 -3.33 32.62 -36.05
CA GLY C 450 -4.61 32.39 -36.70
C GLY C 450 -4.47 31.63 -38.00
N ALA C 451 -3.44 31.98 -38.79
CA ALA C 451 -3.15 31.20 -39.99
C ALA C 451 -2.79 29.76 -39.65
N GLN C 452 -2.00 29.57 -38.59
CA GLN C 452 -1.63 28.21 -38.17
C GLN C 452 -2.86 27.41 -37.74
N ASN C 453 -3.77 28.05 -37.02
CA ASN C 453 -5.00 27.38 -36.59
C ASN C 453 -5.88 27.04 -37.77
N GLU C 454 -5.95 27.94 -38.77
CA GLU C 454 -6.69 27.62 -39.99
C GLU C 454 -6.07 26.41 -40.69
N ILE C 455 -4.74 26.32 -40.68
CA ILE C 455 -4.09 25.12 -41.20
C ILE C 455 -4.51 23.89 -40.39
N GLU C 456 -4.55 24.03 -39.06
CA GLU C 456 -4.97 22.94 -38.19
C GLU C 456 -6.42 22.53 -38.39
N LYS C 457 -7.25 23.39 -38.98
CA LYS C 457 -8.65 23.10 -39.23
C LYS C 457 -8.88 22.42 -40.57
N GLN C 458 -8.16 22.85 -41.63
CA GLN C 458 -8.33 22.23 -42.93
C GLN C 458 -7.89 20.77 -42.91
N ILE C 459 -6.79 20.47 -42.23
CA ILE C 459 -6.30 19.10 -42.16
C ILE C 459 -7.33 18.19 -41.50
N GLU C 460 -7.97 18.67 -40.43
CA GLU C 460 -9.00 17.88 -39.77
C GLU C 460 -10.20 17.65 -40.67
N GLU C 461 -10.61 18.68 -41.43
CA GLU C 461 -11.73 18.52 -42.35
C GLU C 461 -11.41 17.50 -43.44
N LYS C 462 -10.19 17.57 -43.98
CA LYS C 462 -9.78 16.60 -45.00
C LYS C 462 -9.72 15.19 -44.41
N ARG C 463 -9.20 15.04 -43.20
CA ARG C 463 -9.13 13.73 -42.58
C ARG C 463 -10.51 13.21 -42.18
N ASN C 464 -11.49 14.09 -42.04
CA ASN C 464 -12.85 13.63 -41.77
C ASN C 464 -13.57 13.22 -43.05
N GLN C 465 -13.39 14.01 -44.12
CA GLN C 465 -14.01 13.62 -45.39
C GLN C 465 -13.32 12.40 -46.01
N ILE C 466 -12.04 12.16 -45.69
CA ILE C 466 -11.35 10.97 -46.19
C ILE C 466 -11.95 9.68 -45.66
N ARG C 467 -12.64 9.73 -44.52
CA ARG C 467 -13.37 8.58 -44.02
C ARG C 467 -14.86 8.65 -44.29
N VAL C 468 -15.42 9.85 -44.44
CA VAL C 468 -16.81 9.97 -44.89
C VAL C 468 -16.97 9.37 -46.28
N ILE C 469 -15.97 9.60 -47.16
CA ILE C 469 -16.00 9.03 -48.51
C ILE C 469 -15.99 7.51 -48.43
N ILE C 470 -15.13 6.96 -47.57
CA ILE C 470 -15.05 5.51 -47.42
C ILE C 470 -16.36 4.95 -46.91
N GLU C 471 -16.95 5.62 -45.91
CA GLU C 471 -18.22 5.14 -45.34
C GLU C 471 -19.34 5.16 -46.38
N GLU C 472 -19.43 6.24 -47.16
CA GLU C 472 -20.50 6.32 -48.15
C GLU C 472 -20.26 5.36 -49.30
N THR C 473 -19.00 5.07 -49.62
CA THR C 473 -18.70 4.09 -50.64
C THR C 473 -19.04 2.67 -50.18
N ALA C 474 -18.73 2.35 -48.93
CA ALA C 474 -19.02 1.03 -48.39
C ALA C 474 -20.53 0.82 -48.29
N ARG C 475 -21.22 1.72 -47.59
CA ARG C 475 -22.67 1.61 -47.48
C ARG C 475 -23.33 2.27 -48.68
N SER C 476 -23.61 1.50 -49.72
CA SER C 476 -24.20 2.01 -50.94
C SER C 476 -24.84 0.90 -51.76
#